data_9MKL
#
_entry.id   9MKL
#
_cell.length_a   72.946
_cell.length_b   87.604
_cell.length_c   98.290
_cell.angle_alpha   63.566
_cell.angle_beta   82.134
_cell.angle_gamma   87.401
#
_symmetry.space_group_name_H-M   'P 1'
#
loop_
_entity.id
_entity.type
_entity.pdbx_description
1 polymer 'B3/4 domain-containing protein'
2 water water
#
_entity_poly.entity_id   1
_entity_poly.type   'polypeptide(L)'
_entity_poly.pdbx_seq_one_letter_code
;GHMSSMLPSISPELARIAPGFRALSINVIAAPIRDAQVGEIALKEACQAVINGQPAWAQAHIDAWNTVLKAFGAKPKRTP
CSAEALRKRVLKDGTMAALDPVVDLYNAVSLRYAVPVGGENSAAYCGSPRLVFADGSETFDTLKEGQPATESPEPGEVIW
RDDRGVTCRRWNWRQGVRTRLSASDKAMWFILESLPEMPVDELYAAGNMLTDGLEKMMPGLRFESTLIGV
;
_entity_poly.pdbx_strand_id   A,B,C,D,E,F,G,H
#
# COMPACT_ATOMS: atom_id res chain seq x y z
N SER A 5 -16.09 -35.07 11.84
CA SER A 5 -14.73 -35.58 11.76
C SER A 5 -14.56 -36.65 10.67
N MET A 6 -14.42 -36.20 9.42
CA MET A 6 -13.98 -37.06 8.34
C MET A 6 -12.47 -37.21 8.45
N LEU A 7 -12.01 -38.46 8.51
CA LEU A 7 -10.59 -38.77 8.66
C LEU A 7 -10.11 -39.48 7.39
N PRO A 8 -9.74 -38.75 6.35
CA PRO A 8 -9.39 -39.42 5.09
C PRO A 8 -8.10 -40.22 5.23
N SER A 9 -8.03 -41.32 4.49
CA SER A 9 -6.79 -42.09 4.39
C SER A 9 -6.45 -42.27 2.92
N ILE A 10 -5.17 -42.50 2.66
CA ILE A 10 -4.64 -42.64 1.31
C ILE A 10 -3.76 -43.87 1.28
N SER A 11 -3.74 -44.53 0.13
CA SER A 11 -3.02 -45.79 0.01
C SER A 11 -1.53 -45.54 -0.17
N PRO A 12 -0.68 -46.31 0.51
CA PRO A 12 0.77 -46.16 0.32
C PRO A 12 1.20 -46.25 -1.13
N GLU A 13 0.51 -47.06 -1.94
CA GLU A 13 0.93 -47.31 -3.31
C GLU A 13 0.85 -46.07 -4.21
N LEU A 14 0.11 -45.02 -3.79
CA LEU A 14 0.03 -43.80 -4.59
C LEU A 14 1.39 -43.13 -4.78
N ALA A 15 2.34 -43.39 -3.89
CA ALA A 15 3.69 -42.85 -4.04
C ALA A 15 4.38 -43.36 -5.29
N ARG A 16 3.96 -44.53 -5.81
CA ARG A 16 4.56 -45.09 -7.01
C ARG A 16 4.22 -44.26 -8.25
N ILE A 17 3.06 -43.60 -8.27
CA ILE A 17 2.68 -42.83 -9.44
C ILE A 17 2.55 -41.33 -9.16
N ALA A 18 2.41 -40.90 -7.92
CA ALA A 18 2.32 -39.48 -7.59
C ALA A 18 3.19 -39.16 -6.37
N PRO A 19 4.50 -39.43 -6.46
CA PRO A 19 5.39 -39.07 -5.35
C PRO A 19 5.32 -37.59 -5.00
N GLY A 20 5.18 -37.31 -3.71
CA GLY A 20 5.04 -35.94 -3.25
C GLY A 20 3.66 -35.36 -3.36
N PHE A 21 2.64 -36.16 -3.66
CA PHE A 21 1.27 -35.68 -3.61
C PHE A 21 0.96 -35.20 -2.19
N ARG A 22 0.31 -34.05 -2.08
CA ARG A 22 -0.16 -33.58 -0.77
C ARG A 22 -1.48 -32.82 -0.94
N ALA A 23 -2.40 -33.06 -0.01
CA ALA A 23 -3.73 -32.47 -0.04
C ALA A 23 -4.09 -31.82 1.29
N LEU A 24 -4.69 -30.64 1.20
CA LEU A 24 -5.25 -29.96 2.36
C LEU A 24 -6.69 -30.45 2.53
N SER A 25 -6.95 -31.10 3.66
CA SER A 25 -8.26 -31.66 4.00
C SER A 25 -8.91 -30.78 5.07
N ILE A 26 -10.06 -30.19 4.75
CA ILE A 26 -10.69 -29.18 5.60
C ILE A 26 -12.10 -29.64 5.95
N ASN A 27 -12.31 -29.93 7.22
CA ASN A 27 -13.62 -30.32 7.74
C ASN A 27 -14.32 -29.08 8.30
N VAL A 28 -15.57 -28.88 7.91
CA VAL A 28 -16.29 -27.64 8.19
C VAL A 28 -17.63 -27.98 8.85
N ILE A 29 -17.95 -27.27 9.94
CA ILE A 29 -19.31 -27.24 10.50
C ILE A 29 -19.89 -25.88 10.17
N ALA A 30 -20.92 -25.87 9.33
CA ALA A 30 -21.43 -24.64 8.75
C ALA A 30 -22.21 -23.85 9.80
N ALA A 31 -22.43 -22.58 9.49
CA ALA A 31 -23.25 -21.66 10.24
C ALA A 31 -24.17 -20.94 9.24
N PRO A 32 -25.17 -20.19 9.74
CA PRO A 32 -26.09 -19.50 8.82
C PRO A 32 -25.37 -18.54 7.87
N ILE A 33 -25.84 -18.51 6.62
CA ILE A 33 -25.22 -17.66 5.61
C ILE A 33 -25.70 -16.21 5.80
N ARG A 34 -24.79 -15.34 6.25
CA ARG A 34 -25.08 -13.92 6.42
C ARG A 34 -24.62 -13.05 5.25
N ASP A 35 -23.74 -13.55 4.39
CA ASP A 35 -23.20 -12.75 3.28
C ASP A 35 -23.04 -13.68 2.08
N ALA A 36 -24.13 -13.84 1.33
CA ALA A 36 -24.15 -14.76 0.20
C ALA A 36 -23.39 -14.24 -1.00
N GLN A 37 -22.96 -12.98 -0.99
CA GLN A 37 -22.17 -12.45 -2.09
C GLN A 37 -20.70 -12.86 -2.04
N VAL A 38 -20.24 -13.44 -0.92
CA VAL A 38 -18.83 -13.80 -0.79
C VAL A 38 -18.38 -14.69 -1.94
N GLY A 39 -19.16 -15.74 -2.22
CA GLY A 39 -18.79 -16.64 -3.30
C GLY A 39 -18.82 -15.96 -4.66
N GLU A 40 -19.83 -15.13 -4.90
CA GLU A 40 -20.00 -14.50 -6.21
C GLU A 40 -18.87 -13.53 -6.52
N ILE A 41 -18.48 -12.71 -5.54
CA ILE A 41 -17.38 -11.76 -5.75
C ILE A 41 -16.06 -12.50 -5.97
N ALA A 42 -15.80 -13.52 -5.16
CA ALA A 42 -14.54 -14.27 -5.29
C ALA A 42 -14.43 -14.91 -6.67
N LEU A 43 -15.54 -15.42 -7.19
CA LEU A 43 -15.51 -16.10 -8.48
C LEU A 43 -15.27 -15.13 -9.62
N LYS A 44 -15.91 -13.95 -9.58
CA LYS A 44 -15.66 -12.95 -10.61
C LYS A 44 -14.20 -12.53 -10.63
N GLU A 45 -13.64 -12.20 -9.46
CA GLU A 45 -12.24 -11.80 -9.38
C GLU A 45 -11.31 -12.93 -9.77
N ALA A 46 -11.69 -14.19 -9.50
CA ALA A 46 -10.85 -15.32 -9.88
C ALA A 46 -10.83 -15.52 -11.39
N CYS A 47 -11.97 -15.32 -12.05
CA CYS A 47 -12.00 -15.42 -13.51
C CYS A 47 -11.14 -14.34 -14.14
N GLN A 48 -11.23 -13.11 -13.64
CA GLN A 48 -10.36 -12.03 -14.09
C GLN A 48 -8.90 -12.42 -13.95
N ALA A 49 -8.54 -12.99 -12.79
CA ALA A 49 -7.15 -13.37 -12.54
C ALA A 49 -6.68 -14.40 -13.56
N VAL A 50 -7.54 -15.34 -13.94
CA VAL A 50 -7.14 -16.35 -14.92
C VAL A 50 -6.95 -15.73 -16.29
N ILE A 51 -7.79 -14.75 -16.63
CA ILE A 51 -7.66 -14.05 -17.91
C ILE A 51 -6.32 -13.32 -18.00
N ASN A 52 -5.86 -12.76 -16.89
CA ASN A 52 -4.57 -12.09 -16.81
C ASN A 52 -3.39 -13.04 -16.78
N GLY A 53 -3.62 -14.35 -16.82
CA GLY A 53 -2.55 -15.31 -16.83
C GLY A 53 -2.05 -15.76 -15.47
N GLN A 54 -2.83 -15.55 -14.41
CA GLN A 54 -2.45 -16.05 -13.09
C GLN A 54 -3.02 -17.46 -12.87
N PRO A 55 -2.44 -18.24 -11.94
CA PRO A 55 -1.20 -18.04 -11.20
C PRO A 55 -0.02 -18.58 -11.98
N ALA A 56 1.21 -18.31 -11.51
CA ALA A 56 2.39 -18.67 -12.28
C ALA A 56 2.52 -20.18 -12.51
N TRP A 57 2.08 -20.99 -11.55
CA TRP A 57 2.34 -22.44 -11.58
C TRP A 57 1.26 -23.23 -12.31
N ALA A 58 0.25 -22.56 -12.87
CA ALA A 58 -0.89 -23.26 -13.46
C ALA A 58 -0.46 -24.28 -14.50
N GLN A 59 0.35 -23.87 -15.48
CA GLN A 59 0.77 -24.78 -16.55
C GLN A 59 1.50 -26.00 -15.97
N ALA A 60 2.45 -25.78 -15.07
CA ALA A 60 3.24 -26.88 -14.55
C ALA A 60 2.36 -27.85 -13.76
N HIS A 61 1.42 -27.32 -12.97
CA HIS A 61 0.57 -28.14 -12.11
C HIS A 61 -0.39 -28.99 -12.94
N ILE A 62 -1.07 -28.37 -13.91
CA ILE A 62 -1.99 -29.10 -14.77
C ILE A 62 -1.24 -30.15 -15.58
N ASP A 63 -0.01 -29.82 -16.03
CA ASP A 63 0.79 -30.80 -16.76
C ASP A 63 1.13 -31.99 -15.88
N ALA A 64 1.52 -31.74 -14.62
CA ALA A 64 1.83 -32.84 -13.71
C ALA A 64 0.60 -33.69 -13.43
N TRP A 65 -0.56 -33.05 -13.24
CA TRP A 65 -1.78 -33.83 -13.04
C TRP A 65 -2.08 -34.69 -14.27
N ASN A 66 -1.89 -34.15 -15.47
CA ASN A 66 -2.10 -34.96 -16.67
C ASN A 66 -1.14 -36.13 -16.72
N THR A 67 0.10 -35.93 -16.26
CA THR A 67 1.03 -37.04 -16.17
C THR A 67 0.52 -38.11 -15.23
N VAL A 68 -0.04 -37.71 -14.08
CA VAL A 68 -0.54 -38.69 -13.12
C VAL A 68 -1.75 -39.42 -13.68
N LEU A 69 -2.67 -38.70 -14.33
CA LEU A 69 -3.85 -39.34 -14.92
C LEU A 69 -3.44 -40.40 -15.94
N LYS A 70 -2.51 -40.07 -16.85
CA LYS A 70 -2.06 -41.06 -17.82
C LYS A 70 -1.41 -42.26 -17.14
N ALA A 71 -0.78 -42.05 -15.99
CA ALA A 71 -0.08 -43.14 -15.31
C ALA A 71 -1.03 -44.23 -14.83
N PHE A 72 -2.29 -43.91 -14.53
CA PHE A 72 -3.24 -44.97 -14.21
C PHE A 72 -4.21 -45.24 -15.36
N GLY A 73 -3.92 -44.74 -16.57
CA GLY A 73 -4.61 -45.18 -17.77
C GLY A 73 -5.65 -44.23 -18.32
N ALA A 74 -5.80 -43.04 -17.76
CA ALA A 74 -6.84 -42.13 -18.22
C ALA A 74 -6.34 -41.31 -19.41
N LYS A 75 -7.29 -40.70 -20.12
CA LYS A 75 -7.03 -39.82 -21.26
C LYS A 75 -7.34 -38.38 -20.86
N PRO A 76 -6.36 -37.61 -20.38
CA PRO A 76 -6.67 -36.29 -19.82
C PRO A 76 -7.32 -35.36 -20.81
N LYS A 77 -7.10 -35.56 -22.11
CA LYS A 77 -7.79 -34.78 -23.12
C LYS A 77 -9.29 -35.04 -23.08
N ARG A 78 -9.70 -36.27 -22.74
CA ARG A 78 -11.11 -36.58 -22.60
C ARG A 78 -11.61 -36.33 -21.18
N THR A 79 -10.79 -36.58 -20.16
CA THR A 79 -11.18 -36.46 -18.75
C THR A 79 -10.14 -35.67 -17.97
N PRO A 80 -10.20 -34.34 -18.00
CA PRO A 80 -9.20 -33.55 -17.28
C PRO A 80 -9.46 -33.53 -15.78
N CYS A 81 -8.40 -33.18 -15.04
CA CYS A 81 -8.59 -32.83 -13.64
C CYS A 81 -9.54 -31.65 -13.52
N SER A 82 -10.20 -31.55 -12.37
CA SER A 82 -11.22 -30.51 -12.20
C SER A 82 -10.64 -29.11 -12.36
N ALA A 83 -9.37 -28.92 -12.03
CA ALA A 83 -8.79 -27.57 -12.13
C ALA A 83 -8.71 -27.11 -13.59
N GLU A 84 -8.32 -28.01 -14.49
CA GLU A 84 -8.26 -27.64 -15.90
C GLU A 84 -9.65 -27.57 -16.53
N ALA A 85 -10.59 -28.40 -16.05
CA ALA A 85 -11.99 -28.25 -16.46
C ALA A 85 -12.46 -26.81 -16.28
N LEU A 86 -12.27 -26.26 -15.09
CA LEU A 86 -12.69 -24.88 -14.83
C LEU A 86 -11.87 -23.89 -15.63
N ARG A 87 -10.53 -24.05 -15.63
CA ARG A 87 -9.68 -23.06 -16.28
C ARG A 87 -9.99 -22.95 -17.77
N LYS A 88 -10.22 -24.10 -18.42
CA LYS A 88 -10.53 -24.09 -19.84
C LYS A 88 -11.82 -23.33 -20.12
N ARG A 89 -12.84 -23.52 -19.27
CA ARG A 89 -14.12 -22.88 -19.50
C ARG A 89 -14.03 -21.37 -19.38
N VAL A 90 -13.28 -20.88 -18.39
CA VAL A 90 -13.14 -19.44 -18.22
C VAL A 90 -12.39 -18.84 -19.40
N LEU A 91 -11.33 -19.51 -19.85
CA LEU A 91 -10.57 -19.00 -20.99
C LEU A 91 -11.38 -19.08 -22.28
N LYS A 92 -12.28 -20.06 -22.39
CA LYS A 92 -13.07 -20.18 -23.61
C LYS A 92 -14.30 -19.28 -23.59
N ASP A 93 -14.87 -19.02 -22.40
CA ASP A 93 -16.14 -18.33 -22.30
C ASP A 93 -16.04 -16.99 -21.58
N GLY A 94 -14.85 -16.53 -21.24
CA GLY A 94 -14.71 -15.22 -20.63
C GLY A 94 -15.13 -15.12 -19.18
N THR A 95 -16.06 -15.98 -18.75
CA THR A 95 -16.51 -15.97 -17.35
C THR A 95 -16.98 -17.38 -17.00
N MET A 96 -17.64 -17.50 -15.84
CA MET A 96 -18.17 -18.77 -15.40
C MET A 96 -19.45 -18.53 -14.59
N ALA A 97 -20.43 -19.39 -14.82
CA ALA A 97 -21.76 -19.19 -14.25
C ALA A 97 -21.79 -19.46 -12.76
N ALA A 98 -22.47 -18.59 -12.02
CA ALA A 98 -22.75 -18.87 -10.62
C ALA A 98 -23.67 -20.08 -10.50
N LEU A 99 -23.55 -20.79 -9.37
CA LEU A 99 -24.32 -22.01 -9.16
C LEU A 99 -24.89 -22.07 -7.75
N ASP A 100 -24.16 -21.57 -6.77
CA ASP A 100 -24.40 -21.76 -5.34
C ASP A 100 -23.26 -21.02 -4.62
N PRO A 101 -23.53 -20.29 -3.54
CA PRO A 101 -22.47 -19.43 -2.98
C PRO A 101 -21.27 -20.19 -2.44
N VAL A 102 -21.47 -21.38 -1.88
CA VAL A 102 -20.33 -22.16 -1.41
C VAL A 102 -19.61 -22.83 -2.58
N VAL A 103 -20.37 -23.35 -3.55
CA VAL A 103 -19.74 -23.90 -4.75
C VAL A 103 -18.99 -22.82 -5.51
N ASP A 104 -19.56 -21.61 -5.57
CA ASP A 104 -18.89 -20.51 -6.28
C ASP A 104 -17.56 -20.16 -5.62
N LEU A 105 -17.52 -20.11 -4.29
CA LEU A 105 -16.29 -19.74 -3.60
C LEU A 105 -15.21 -20.81 -3.78
N TYR A 106 -15.56 -22.09 -3.67
CA TYR A 106 -14.50 -23.08 -3.76
C TYR A 106 -14.07 -23.32 -5.20
N ASN A 107 -14.94 -23.06 -6.18
CA ASN A 107 -14.47 -23.04 -7.56
C ASN A 107 -13.52 -21.87 -7.79
N ALA A 108 -13.80 -20.74 -7.12
CA ALA A 108 -12.94 -19.57 -7.24
C ALA A 108 -11.55 -19.85 -6.70
N VAL A 109 -11.46 -20.58 -5.59
CA VAL A 109 -10.16 -20.97 -5.06
C VAL A 109 -9.41 -21.81 -6.09
N SER A 110 -10.09 -22.80 -6.67
CA SER A 110 -9.47 -23.64 -7.68
C SER A 110 -8.96 -22.81 -8.84
N LEU A 111 -9.76 -21.84 -9.29
CA LEU A 111 -9.37 -20.99 -10.40
C LEU A 111 -8.17 -20.11 -10.05
N ARG A 112 -8.24 -19.42 -8.91
CA ARG A 112 -7.21 -18.45 -8.57
C ARG A 112 -5.88 -19.14 -8.25
N TYR A 113 -5.92 -20.35 -7.69
CA TYR A 113 -4.68 -21.02 -7.29
C TYR A 113 -4.38 -22.23 -8.15
N ALA A 114 -5.11 -22.42 -9.25
CA ALA A 114 -4.87 -23.51 -10.20
C ALA A 114 -4.59 -24.82 -9.48
N VAL A 115 -5.55 -25.20 -8.64
CA VAL A 115 -5.45 -26.41 -7.82
C VAL A 115 -6.80 -27.11 -7.79
N PRO A 116 -6.86 -28.42 -8.02
CA PRO A 116 -8.12 -29.14 -7.87
C PRO A 116 -8.66 -28.97 -6.45
N VAL A 117 -9.94 -28.59 -6.35
CA VAL A 117 -10.63 -28.45 -5.08
C VAL A 117 -11.93 -29.24 -5.15
N GLY A 118 -12.08 -30.22 -4.26
CA GLY A 118 -13.33 -30.96 -4.13
C GLY A 118 -14.13 -30.44 -2.95
N GLY A 119 -15.45 -30.35 -3.13
CA GLY A 119 -16.35 -29.97 -2.05
C GLY A 119 -17.52 -30.94 -1.93
N GLU A 120 -17.75 -31.51 -0.73
CA GLU A 120 -18.72 -32.58 -0.58
C GLU A 120 -19.51 -32.43 0.72
N ASN A 121 -20.71 -33.00 0.71
CA ASN A 121 -21.57 -33.03 1.89
C ASN A 121 -21.12 -34.19 2.77
N SER A 122 -20.50 -33.88 3.91
CA SER A 122 -19.92 -34.99 4.68
C SER A 122 -20.99 -35.85 5.33
N ALA A 123 -22.22 -35.35 5.47
CA ALA A 123 -23.29 -36.18 6.02
C ALA A 123 -23.74 -37.28 5.06
N ALA A 124 -23.40 -37.21 3.78
CA ALA A 124 -23.73 -38.25 2.82
C ALA A 124 -22.70 -39.37 2.78
N TYR A 125 -21.62 -39.28 3.53
CA TYR A 125 -20.63 -40.34 3.52
C TYR A 125 -21.02 -41.50 4.42
N CYS A 126 -20.80 -42.72 3.94
CA CYS A 126 -20.92 -43.91 4.77
CA CYS A 126 -20.93 -43.92 4.74
C CYS A 126 -19.51 -44.38 5.07
N GLY A 127 -19.06 -44.13 6.30
CA GLY A 127 -17.69 -44.39 6.65
C GLY A 127 -16.79 -43.22 6.23
N SER A 128 -15.50 -43.50 6.18
CA SER A 128 -14.53 -42.44 5.95
C SER A 128 -14.06 -42.43 4.50
N PRO A 129 -13.67 -41.28 3.98
CA PRO A 129 -13.17 -41.25 2.60
C PRO A 129 -11.82 -41.93 2.51
N ARG A 130 -11.60 -42.66 1.41
CA ARG A 130 -10.30 -43.27 1.16
C ARG A 130 -9.92 -43.15 -0.30
N LEU A 131 -8.63 -42.90 -0.55
CA LEU A 131 -8.07 -42.71 -1.88
C LEU A 131 -7.28 -43.98 -2.23
N VAL A 132 -7.79 -44.75 -3.18
CA VAL A 132 -7.31 -46.10 -3.45
C VAL A 132 -7.28 -46.37 -4.95
N PHE A 133 -6.67 -47.49 -5.31
CA PHE A 133 -6.70 -48.01 -6.68
C PHE A 133 -7.93 -48.90 -6.81
N ALA A 134 -8.79 -48.59 -7.78
CA ALA A 134 -9.99 -49.37 -8.00
C ALA A 134 -9.64 -50.75 -8.57
N ASP A 135 -10.47 -51.75 -8.25
CA ASP A 135 -10.35 -53.05 -8.88
C ASP A 135 -11.39 -53.28 -9.97
N GLY A 136 -12.30 -52.33 -10.18
CA GLY A 136 -13.23 -52.39 -11.29
C GLY A 136 -14.61 -52.90 -10.93
N SER A 137 -14.81 -53.40 -9.72
CA SER A 137 -16.10 -53.89 -9.28
C SER A 137 -16.92 -52.86 -8.48
N GLU A 138 -16.34 -51.72 -8.14
CA GLU A 138 -17.08 -50.69 -7.41
C GLU A 138 -18.16 -50.07 -8.29
N THR A 139 -19.14 -49.44 -7.66
CA THR A 139 -20.19 -48.70 -8.36
C THR A 139 -20.11 -47.20 -8.05
N PHE A 140 -20.68 -46.41 -8.98
CA PHE A 140 -20.50 -44.97 -9.03
C PHE A 140 -21.79 -44.37 -9.57
N ASP A 141 -22.52 -43.65 -8.71
CA ASP A 141 -23.76 -43.00 -9.12
C ASP A 141 -23.43 -41.67 -9.78
N THR A 142 -23.73 -41.55 -11.07
CA THR A 142 -23.39 -40.33 -11.80
C THR A 142 -24.59 -39.94 -12.67
N LEU A 143 -24.34 -39.13 -13.69
CA LEU A 143 -25.35 -38.69 -14.64
C LEU A 143 -24.85 -38.96 -16.06
N LYS A 144 -25.76 -39.40 -16.93
CA LYS A 144 -25.50 -39.56 -18.35
C LYS A 144 -26.54 -38.76 -19.14
N GLU A 145 -26.09 -37.68 -19.78
CA GLU A 145 -26.97 -36.77 -20.51
C GLU A 145 -28.06 -36.20 -19.61
N GLY A 146 -27.67 -35.80 -18.39
CA GLY A 146 -28.59 -35.24 -17.44
C GLY A 146 -29.32 -36.26 -16.57
N GLN A 147 -29.34 -37.53 -16.96
CA GLN A 147 -30.18 -38.48 -16.27
C GLN A 147 -29.35 -39.45 -15.44
N PRO A 148 -29.83 -39.82 -14.25
CA PRO A 148 -29.01 -40.64 -13.35
C PRO A 148 -28.63 -41.98 -13.96
N ALA A 149 -27.39 -42.39 -13.68
CA ALA A 149 -26.83 -43.63 -14.21
C ALA A 149 -25.82 -44.19 -13.22
N THR A 150 -25.54 -45.49 -13.37
CA THR A 150 -24.52 -46.19 -12.59
C THR A 150 -23.40 -46.66 -13.51
N GLU A 151 -22.16 -46.31 -13.15
CA GLU A 151 -20.97 -46.76 -13.84
C GLU A 151 -20.07 -47.51 -12.86
N SER A 152 -18.99 -48.07 -13.39
CA SER A 152 -17.91 -48.69 -12.65
C SER A 152 -16.60 -48.08 -13.13
N PRO A 153 -15.65 -47.81 -12.23
CA PRO A 153 -14.33 -47.33 -12.67
C PRO A 153 -13.54 -48.44 -13.34
N GLU A 154 -12.47 -48.05 -14.03
CA GLU A 154 -11.56 -49.04 -14.61
C GLU A 154 -10.69 -49.69 -13.54
N PRO A 155 -10.31 -50.95 -13.73
CA PRO A 155 -9.30 -51.53 -12.82
C PRO A 155 -8.02 -50.72 -12.88
N GLY A 156 -7.48 -50.37 -11.71
CA GLY A 156 -6.32 -49.51 -11.60
C GLY A 156 -6.62 -48.01 -11.57
N GLU A 157 -7.84 -47.61 -11.88
CA GLU A 157 -8.21 -46.20 -11.76
C GLU A 157 -8.07 -45.74 -10.32
N VAL A 158 -7.49 -44.56 -10.12
CA VAL A 158 -7.46 -43.98 -8.78
C VAL A 158 -8.82 -43.39 -8.49
N ILE A 159 -9.40 -43.72 -7.34
CA ILE A 159 -10.73 -43.27 -6.94
C ILE A 159 -10.71 -42.80 -5.49
N TRP A 160 -11.55 -41.82 -5.18
CA TRP A 160 -12.06 -41.59 -3.82
C TRP A 160 -13.32 -42.41 -3.62
N ARG A 161 -13.41 -43.10 -2.48
CA ARG A 161 -14.58 -43.94 -2.22
C ARG A 161 -14.92 -43.93 -0.73
N ASP A 162 -16.15 -44.36 -0.42
CA ASP A 162 -16.50 -44.63 0.97
C ASP A 162 -16.94 -46.09 1.11
N ASP A 163 -17.67 -46.43 2.17
CA ASP A 163 -18.08 -47.82 2.35
C ASP A 163 -19.01 -48.29 1.26
N ARG A 164 -19.75 -47.37 0.62
CA ARG A 164 -20.73 -47.75 -0.40
C ARG A 164 -20.11 -47.94 -1.77
N GLY A 165 -19.19 -47.07 -2.16
CA GLY A 165 -18.66 -47.08 -3.50
C GLY A 165 -17.91 -45.80 -3.79
N VAL A 166 -17.68 -45.57 -5.09
CA VAL A 166 -16.89 -44.43 -5.56
C VAL A 166 -17.62 -43.12 -5.25
N THR A 167 -16.87 -42.15 -4.72
CA THR A 167 -17.35 -40.78 -4.58
C THR A 167 -16.67 -39.80 -5.54
N CYS A 168 -15.51 -40.14 -6.10
CA CYS A 168 -14.94 -39.38 -7.21
C CYS A 168 -14.14 -40.31 -8.13
N ARG A 169 -14.43 -40.28 -9.43
CA ARG A 169 -13.72 -41.09 -10.42
C ARG A 169 -12.49 -40.38 -10.93
N ARG A 170 -11.49 -41.17 -11.33
CA ARG A 170 -10.24 -40.66 -11.91
C ARG A 170 -9.65 -39.54 -11.05
N TRP A 171 -9.54 -39.84 -9.75
CA TRP A 171 -8.89 -39.00 -8.74
C TRP A 171 -9.68 -37.73 -8.48
N ASN A 172 -9.66 -36.78 -9.43
CA ASN A 172 -10.43 -35.57 -9.23
C ASN A 172 -11.12 -35.12 -10.52
N TRP A 173 -11.45 -36.08 -11.41
CA TRP A 173 -12.10 -35.74 -12.66
C TRP A 173 -13.59 -35.45 -12.48
N ARG A 174 -14.32 -36.33 -11.78
CA ARG A 174 -15.77 -36.17 -11.67
C ARG A 174 -16.30 -36.76 -10.37
N GLN A 175 -16.95 -35.93 -9.56
CA GLN A 175 -17.60 -36.39 -8.34
C GLN A 175 -18.91 -37.10 -8.66
N GLY A 176 -19.34 -37.96 -7.73
CA GLY A 176 -20.65 -38.57 -7.82
C GLY A 176 -21.77 -37.61 -7.48
N VAL A 177 -23.00 -38.13 -7.55
CA VAL A 177 -24.17 -37.31 -7.25
C VAL A 177 -24.46 -37.30 -5.75
N ARG A 178 -24.45 -38.48 -5.15
CA ARG A 178 -24.72 -38.75 -3.74
C ARG A 178 -24.17 -37.70 -2.77
N THR A 179 -22.87 -37.37 -2.90
CA THR A 179 -22.21 -36.53 -1.92
C THR A 179 -22.02 -35.09 -2.37
N ARG A 180 -22.76 -34.64 -3.41
CA ARG A 180 -22.68 -33.27 -3.90
C ARG A 180 -22.92 -32.25 -2.79
N LEU A 181 -22.14 -31.17 -2.80
CA LEU A 181 -22.23 -30.14 -1.78
C LEU A 181 -23.27 -29.11 -2.16
N SER A 182 -24.01 -28.63 -1.15
CA SER A 182 -24.93 -27.51 -1.29
C SER A 182 -24.72 -26.53 -0.14
N ALA A 183 -25.01 -25.25 -0.42
CA ALA A 183 -24.73 -24.20 0.57
C ALA A 183 -25.44 -24.45 1.90
N SER A 184 -26.59 -25.11 1.87
CA SER A 184 -27.35 -25.38 3.08
C SER A 184 -26.84 -26.58 3.88
N ASP A 185 -25.76 -27.23 3.45
CA ASP A 185 -25.26 -28.38 4.19
C ASP A 185 -24.74 -27.96 5.56
N LYS A 186 -24.99 -28.78 6.58
CA LYS A 186 -24.52 -28.46 7.91
C LYS A 186 -23.08 -28.93 8.17
N ALA A 187 -22.61 -29.95 7.46
CA ALA A 187 -21.26 -30.47 7.59
C ALA A 187 -20.67 -30.67 6.19
N MET A 188 -19.48 -30.09 5.96
CA MET A 188 -18.87 -30.02 4.64
C MET A 188 -17.42 -30.48 4.72
N TRP A 189 -16.96 -31.13 3.66
CA TRP A 189 -15.58 -31.59 3.55
C TRP A 189 -14.99 -31.07 2.24
N PHE A 190 -13.85 -30.40 2.34
CA PHE A 190 -13.12 -29.90 1.18
C PHE A 190 -11.74 -30.57 1.07
N ILE A 191 -11.32 -30.87 -0.14
CA ILE A 191 -10.02 -31.49 -0.37
C ILE A 191 -9.35 -30.69 -1.50
N LEU A 192 -8.25 -30.03 -1.19
CA LEU A 192 -7.48 -29.28 -2.18
C LEU A 192 -6.24 -30.10 -2.51
N GLU A 193 -6.21 -30.68 -3.71
CA GLU A 193 -5.25 -31.73 -4.06
C GLU A 193 -4.13 -31.18 -4.94
N SER A 194 -2.88 -31.46 -4.55
CA SER A 194 -1.72 -30.82 -5.19
C SER A 194 -0.55 -31.78 -5.36
N LEU A 195 0.30 -31.45 -6.34
CA LEU A 195 1.55 -32.13 -6.62
C LEU A 195 2.71 -31.16 -6.42
N PRO A 196 3.97 -31.63 -6.37
CA PRO A 196 5.09 -30.73 -6.03
C PRO A 196 5.21 -29.50 -6.91
N GLU A 197 4.67 -29.51 -8.12
CA GLU A 197 4.74 -28.36 -9.02
C GLU A 197 3.94 -27.16 -8.52
N MET A 198 3.09 -27.35 -7.51
CA MET A 198 2.43 -26.25 -6.84
C MET A 198 3.21 -25.94 -5.58
N PRO A 199 3.78 -24.74 -5.43
CA PRO A 199 4.49 -24.42 -4.18
C PRO A 199 3.58 -24.60 -2.98
N VAL A 200 4.13 -25.20 -1.91
CA VAL A 200 3.27 -25.58 -0.81
C VAL A 200 2.74 -24.36 -0.07
N ASP A 201 3.51 -23.27 -0.03
CA ASP A 201 2.97 -22.08 0.64
C ASP A 201 1.80 -21.48 -0.13
N GLU A 202 1.68 -21.76 -1.43
CA GLU A 202 0.50 -21.34 -2.18
C GLU A 202 -0.69 -22.27 -1.94
N LEU A 203 -0.43 -23.54 -1.60
CA LEU A 203 -1.51 -24.42 -1.18
C LEU A 203 -2.11 -23.94 0.14
N TYR A 204 -1.25 -23.57 1.10
CA TYR A 204 -1.78 -23.00 2.33
C TYR A 204 -2.53 -21.70 2.06
N ALA A 205 -2.02 -20.89 1.13
CA ALA A 205 -2.73 -19.66 0.77
C ALA A 205 -4.11 -19.95 0.21
N ALA A 206 -4.21 -20.98 -0.65
CA ALA A 206 -5.51 -21.39 -1.19
C ALA A 206 -6.45 -21.83 -0.06
N GLY A 207 -5.93 -22.61 0.89
CA GLY A 207 -6.74 -22.97 2.04
C GLY A 207 -7.25 -21.76 2.79
N ASN A 208 -6.39 -20.75 2.98
CA ASN A 208 -6.79 -19.57 3.74
C ASN A 208 -7.80 -18.71 2.98
N MET A 209 -7.71 -18.66 1.65
CA MET A 209 -8.75 -17.98 0.88
C MET A 209 -10.09 -18.65 1.12
N LEU A 210 -10.10 -19.99 1.14
CA LEU A 210 -11.35 -20.73 1.34
C LEU A 210 -11.90 -20.54 2.75
N THR A 211 -11.06 -20.67 3.79
CA THR A 211 -11.62 -20.54 5.13
C THR A 211 -11.91 -19.08 5.51
N ASP A 212 -11.11 -18.12 5.04
CA ASP A 212 -11.48 -16.72 5.25
C ASP A 212 -12.81 -16.42 4.58
N GLY A 213 -12.99 -16.88 3.34
CA GLY A 213 -14.25 -16.68 2.65
C GLY A 213 -15.42 -17.32 3.36
N LEU A 214 -15.27 -18.58 3.76
CA LEU A 214 -16.35 -19.27 4.47
C LEU A 214 -16.71 -18.56 5.76
N GLU A 215 -15.69 -18.11 6.50
CA GLU A 215 -15.93 -17.43 7.77
C GLU A 215 -16.71 -16.14 7.58
N LYS A 216 -16.39 -15.38 6.52
CA LYS A 216 -17.15 -14.16 6.25
C LYS A 216 -18.58 -14.47 5.84
N MET A 217 -18.75 -15.47 4.97
CA MET A 217 -20.08 -15.83 4.49
C MET A 217 -20.96 -16.37 5.62
N MET A 218 -20.37 -17.13 6.53
CA MET A 218 -21.11 -17.80 7.62
C MET A 218 -20.40 -17.55 8.95
N PRO A 219 -20.57 -16.36 9.54
CA PRO A 219 -19.97 -16.10 10.85
C PRO A 219 -20.35 -17.16 11.87
N GLY A 220 -19.38 -17.57 12.67
CA GLY A 220 -19.58 -18.60 13.66
C GLY A 220 -19.25 -20.00 13.19
N LEU A 221 -18.85 -20.14 11.93
CA LEU A 221 -18.48 -21.42 11.37
C LEU A 221 -17.23 -21.97 12.06
N ARG A 222 -17.11 -23.29 12.13
CA ARG A 222 -15.92 -23.94 12.67
C ARG A 222 -15.27 -24.79 11.59
N PHE A 223 -13.93 -24.85 11.61
CA PHE A 223 -13.22 -25.74 10.69
C PHE A 223 -11.95 -26.28 11.35
N GLU A 224 -11.48 -27.40 10.80
CA GLU A 224 -10.20 -28.00 11.13
C GLU A 224 -9.51 -28.38 9.84
N SER A 225 -8.22 -28.09 9.75
CA SER A 225 -7.46 -28.26 8.52
C SER A 225 -6.26 -29.16 8.77
N THR A 226 -6.04 -30.15 7.89
CA THR A 226 -4.94 -31.10 7.99
C THR A 226 -4.32 -31.31 6.63
N LEU A 227 -3.00 -31.27 6.55
CA LEU A 227 -2.28 -31.60 5.32
C LEU A 227 -1.91 -33.08 5.35
N ILE A 228 -2.37 -33.82 4.35
CA ILE A 228 -2.08 -35.25 4.24
C ILE A 228 -1.31 -35.50 2.94
N GLY A 229 -0.46 -36.52 2.94
CA GLY A 229 0.42 -36.68 1.78
C GLY A 229 1.11 -38.02 1.72
N VAL A 230 1.66 -38.29 0.53
CA VAL A 230 2.38 -39.52 0.23
C VAL A 230 3.47 -39.22 -0.80
N SER B 5 -22.85 -11.15 30.80
CA SER B 5 -21.86 -10.12 30.51
C SER B 5 -22.16 -8.81 31.23
N MET B 6 -21.22 -7.87 31.15
CA MET B 6 -21.40 -6.53 31.69
C MET B 6 -22.56 -5.84 30.98
N LEU B 7 -23.58 -5.48 31.75
CA LEU B 7 -24.72 -4.73 31.23
C LEU B 7 -24.66 -3.32 31.77
N PRO B 8 -24.11 -2.36 31.04
CA PRO B 8 -24.05 -0.99 31.55
C PRO B 8 -25.42 -0.34 31.56
N SER B 9 -25.62 0.55 32.52
CA SER B 9 -26.81 1.40 32.54
C SER B 9 -26.37 2.86 32.58
N ILE B 10 -27.23 3.73 32.07
CA ILE B 10 -26.93 5.15 32.02
C ILE B 10 -28.13 5.92 32.60
N SER B 11 -27.84 7.04 33.23
CA SER B 11 -28.90 7.79 33.89
C SER B 11 -29.70 8.61 32.89
N PRO B 12 -31.02 8.63 33.02
CA PRO B 12 -31.86 9.44 32.11
C PRO B 12 -31.47 10.91 32.10
N GLU B 13 -30.94 11.44 33.21
CA GLU B 13 -30.61 12.86 33.27
C GLU B 13 -29.52 13.26 32.29
N LEU B 14 -28.72 12.30 31.80
CA LEU B 14 -27.68 12.62 30.83
C LEU B 14 -28.24 13.28 29.59
N ALA B 15 -29.51 13.01 29.26
CA ALA B 15 -30.17 13.66 28.12
C ALA B 15 -30.17 15.17 28.25
N ARG B 16 -30.08 15.70 29.48
CA ARG B 16 -30.16 17.15 29.66
C ARG B 16 -28.86 17.85 29.24
N ILE B 17 -27.71 17.18 29.37
CA ILE B 17 -26.46 17.80 28.99
C ILE B 17 -25.85 17.20 27.72
N ALA B 18 -26.12 15.93 27.41
CA ALA B 18 -25.55 15.30 26.23
C ALA B 18 -26.64 14.55 25.45
N PRO B 19 -27.64 15.27 24.94
CA PRO B 19 -28.70 14.62 24.14
C PRO B 19 -28.14 14.09 22.84
N GLY B 20 -28.54 12.88 22.48
CA GLY B 20 -27.98 12.22 21.33
C GLY B 20 -26.72 11.43 21.59
N PHE B 21 -26.29 11.31 22.85
CA PHE B 21 -25.17 10.46 23.19
C PHE B 21 -25.47 9.01 22.84
N ARG B 22 -24.49 8.33 22.23
CA ARG B 22 -24.63 6.93 21.88
C ARG B 22 -23.27 6.25 21.97
N ALA B 23 -23.23 5.08 22.60
CA ALA B 23 -21.98 4.35 22.81
C ALA B 23 -22.13 2.89 22.39
N LEU B 24 -21.12 2.39 21.69
CA LEU B 24 -21.04 0.99 21.37
C LEU B 24 -20.36 0.27 22.54
N SER B 25 -21.08 -0.65 23.18
CA SER B 25 -20.63 -1.41 24.34
C SER B 25 -20.30 -2.84 23.90
N ILE B 26 -19.05 -3.25 24.08
CA ILE B 26 -18.57 -4.51 23.51
C ILE B 26 -17.99 -5.36 24.63
N ASN B 27 -18.63 -6.50 24.90
CA ASN B 27 -18.15 -7.47 25.89
C ASN B 27 -17.40 -8.58 25.18
N VAL B 28 -16.21 -8.90 25.67
CA VAL B 28 -15.29 -9.79 25.00
C VAL B 28 -14.89 -10.94 25.92
N ILE B 29 -14.92 -12.17 25.39
CA ILE B 29 -14.29 -13.33 26.02
C ILE B 29 -13.02 -13.63 25.22
N ALA B 30 -11.87 -13.44 25.86
CA ALA B 30 -10.60 -13.46 25.15
C ALA B 30 -10.20 -14.89 24.79
N ALA B 31 -9.27 -15.00 23.84
CA ALA B 31 -8.64 -16.25 23.42
C ALA B 31 -7.14 -16.00 23.39
N PRO B 32 -6.33 -17.06 23.26
CA PRO B 32 -4.87 -16.87 23.25
C PRO B 32 -4.43 -15.96 22.11
N ILE B 33 -3.39 -15.16 22.39
CA ILE B 33 -2.88 -14.20 21.43
C ILE B 33 -1.96 -14.92 20.45
N ARG B 34 -2.42 -15.08 19.20
CA ARG B 34 -1.63 -15.74 18.17
C ARG B 34 -0.98 -14.77 17.19
N ASP B 35 -1.38 -13.51 17.19
CA ASP B 35 -0.76 -12.50 16.31
C ASP B 35 -0.64 -11.24 17.14
N ALA B 36 0.45 -11.14 17.91
CA ALA B 36 0.63 -9.99 18.77
C ALA B 36 0.95 -8.71 18.00
N GLN B 37 1.21 -8.80 16.69
CA GLN B 37 1.53 -7.61 15.90
C GLN B 37 0.30 -6.86 15.42
N VAL B 38 -0.90 -7.42 15.59
CA VAL B 38 -2.12 -6.76 15.12
C VAL B 38 -2.22 -5.35 15.70
N GLY B 39 -1.94 -5.22 16.99
CA GLY B 39 -2.18 -3.94 17.64
C GLY B 39 -1.18 -2.87 17.24
N GLU B 40 0.10 -3.25 17.13
CA GLU B 40 1.14 -2.28 16.82
C GLU B 40 1.09 -1.84 15.36
N ILE B 41 0.73 -2.75 14.45
CA ILE B 41 0.51 -2.33 13.06
C ILE B 41 -0.65 -1.35 12.98
N ALA B 42 -1.76 -1.66 13.65
CA ALA B 42 -2.93 -0.77 13.63
C ALA B 42 -2.58 0.59 14.24
N LEU B 43 -1.83 0.59 15.33
CA LEU B 43 -1.43 1.83 15.98
C LEU B 43 -0.53 2.65 15.06
N LYS B 44 0.49 1.99 14.50
CA LYS B 44 1.39 2.68 13.56
C LYS B 44 0.60 3.37 12.47
N GLU B 45 -0.30 2.63 11.80
CA GLU B 45 -1.03 3.20 10.66
C GLU B 45 -2.02 4.27 11.10
N ALA B 46 -2.59 4.15 12.30
CA ALA B 46 -3.57 5.13 12.75
C ALA B 46 -2.90 6.45 13.13
N CYS B 47 -1.71 6.39 13.72
CA CYS B 47 -0.95 7.61 13.98
C CYS B 47 -0.69 8.35 12.66
N GLN B 48 -0.27 7.61 11.63
CA GLN B 48 -0.02 8.23 10.33
C GLN B 48 -1.29 8.84 9.77
N ALA B 49 -2.43 8.15 9.91
CA ALA B 49 -3.69 8.69 9.43
C ALA B 49 -4.03 10.00 10.14
N VAL B 50 -3.76 10.09 11.44
CA VAL B 50 -4.07 11.30 12.19
C VAL B 50 -3.12 12.43 11.79
N ILE B 51 -1.85 12.11 11.56
CA ILE B 51 -0.88 13.10 11.08
C ILE B 51 -1.33 13.65 9.73
N ASN B 52 -1.98 12.83 8.91
CA ASN B 52 -2.53 13.22 7.62
C ASN B 52 -3.90 13.90 7.73
N GLY B 53 -4.39 14.20 8.92
CA GLY B 53 -5.62 14.96 9.07
C GLY B 53 -6.91 14.15 9.05
N GLN B 54 -6.83 12.82 9.06
CA GLN B 54 -8.03 11.99 9.20
C GLN B 54 -8.46 11.90 10.67
N PRO B 55 -9.75 11.60 10.93
CA PRO B 55 -10.88 11.56 10.01
C PRO B 55 -11.53 12.94 9.92
N ALA B 56 -12.51 13.12 9.01
CA ALA B 56 -13.02 14.46 8.73
C ALA B 56 -13.72 15.10 9.94
N TRP B 57 -14.39 14.30 10.77
CA TRP B 57 -15.24 14.84 11.84
C TRP B 57 -14.47 15.14 13.12
N ALA B 58 -13.15 15.06 13.09
CA ALA B 58 -12.38 15.02 14.34
C ALA B 58 -12.60 16.27 15.18
N GLN B 59 -12.38 17.46 14.59
CA GLN B 59 -12.49 18.68 15.39
C GLN B 59 -13.93 18.92 15.85
N ALA B 60 -14.92 18.58 15.02
CA ALA B 60 -16.31 18.75 15.43
C ALA B 60 -16.66 17.81 16.59
N HIS B 61 -16.19 16.57 16.55
CA HIS B 61 -16.48 15.62 17.63
C HIS B 61 -15.78 16.04 18.93
N ILE B 62 -14.49 16.35 18.85
CA ILE B 62 -13.78 16.82 20.04
C ILE B 62 -14.44 18.06 20.60
N ASP B 63 -14.81 19.02 19.74
CA ASP B 63 -15.49 20.22 20.18
C ASP B 63 -16.78 19.89 20.92
N ALA B 64 -17.52 18.90 20.43
CA ALA B 64 -18.76 18.51 21.09
C ALA B 64 -18.48 17.94 22.48
N TRP B 65 -17.46 17.08 22.60
CA TRP B 65 -17.15 16.54 23.91
C TRP B 65 -16.71 17.64 24.86
N ASN B 66 -15.93 18.60 24.36
CA ASN B 66 -15.54 19.71 25.21
C ASN B 66 -16.75 20.50 25.68
N THR B 67 -17.74 20.68 24.81
CA THR B 67 -18.99 21.33 25.24
C THR B 67 -19.66 20.54 26.35
N VAL B 68 -19.67 19.21 26.25
CA VAL B 68 -20.30 18.40 27.29
C VAL B 68 -19.50 18.47 28.58
N LEU B 69 -18.17 18.37 28.49
CA LEU B 69 -17.33 18.47 29.69
C LEU B 69 -17.58 19.79 30.43
N LYS B 70 -17.60 20.91 29.72
CA LYS B 70 -17.89 22.19 30.35
C LYS B 70 -19.24 22.15 31.05
N ALA B 71 -20.21 21.45 30.47
CA ALA B 71 -21.57 21.49 31.00
C ALA B 71 -21.65 20.95 32.42
N PHE B 72 -20.77 20.02 32.81
CA PHE B 72 -20.81 19.50 34.17
C PHE B 72 -19.67 20.03 35.04
N GLY B 73 -18.93 21.02 34.55
CA GLY B 73 -18.05 21.81 35.40
C GLY B 73 -16.57 21.59 35.17
N ALA B 74 -16.18 20.78 34.20
CA ALA B 74 -14.78 20.48 33.98
C ALA B 74 -14.13 21.55 33.12
N LYS B 75 -12.79 21.57 33.16
CA LYS B 75 -11.98 22.45 32.32
C LYS B 75 -11.29 21.62 31.24
N PRO B 76 -11.90 21.47 30.06
CA PRO B 76 -11.37 20.55 29.04
C PRO B 76 -9.91 20.78 28.67
N LYS B 77 -9.42 22.01 28.75
CA LYS B 77 -8.01 22.25 28.42
C LYS B 77 -7.09 21.64 29.47
N ARG B 78 -7.56 21.51 30.71
CA ARG B 78 -6.78 20.83 31.74
C ARG B 78 -7.04 19.32 31.74
N THR B 79 -8.28 18.89 31.51
CA THR B 79 -8.66 17.47 31.53
C THR B 79 -9.46 17.12 30.28
N PRO B 80 -8.78 16.83 29.16
CA PRO B 80 -9.51 16.54 27.92
C PRO B 80 -10.14 15.15 27.94
N CYS B 81 -11.05 14.93 27.00
CA CYS B 81 -11.53 13.58 26.74
C CYS B 81 -10.38 12.73 26.21
N SER B 82 -10.52 11.42 26.36
CA SER B 82 -9.42 10.52 26.03
C SER B 82 -9.02 10.61 24.56
N ALA B 83 -9.99 10.86 23.66
CA ALA B 83 -9.67 10.95 22.24
C ALA B 83 -8.76 12.13 21.94
N GLU B 84 -9.03 13.29 22.54
CA GLU B 84 -8.15 14.43 22.31
C GLU B 84 -6.80 14.24 22.96
N ALA B 85 -6.75 13.61 24.14
CA ALA B 85 -5.47 13.29 24.79
C ALA B 85 -4.56 12.50 23.86
N LEU B 86 -5.11 11.45 23.22
CA LEU B 86 -4.33 10.69 22.26
C LEU B 86 -3.97 11.52 21.03
N ARG B 87 -4.93 12.30 20.53
CA ARG B 87 -4.70 13.05 19.30
C ARG B 87 -3.60 14.08 19.51
N LYS B 88 -3.73 14.89 20.56
CA LYS B 88 -2.72 15.89 20.89
C LYS B 88 -1.34 15.26 21.05
N ARG B 89 -1.28 14.03 21.59
CA ARG B 89 0.01 13.39 21.81
C ARG B 89 0.67 13.01 20.49
N VAL B 90 -0.10 12.46 19.55
CA VAL B 90 0.45 12.10 18.25
C VAL B 90 0.90 13.33 17.49
N LEU B 91 0.03 14.35 17.44
CA LEU B 91 0.32 15.54 16.63
C LEU B 91 1.48 16.36 17.20
N LYS B 92 1.81 16.17 18.46
CA LYS B 92 2.88 16.92 19.12
C LYS B 92 4.18 16.12 19.25
N ASP B 93 4.11 14.79 19.27
CA ASP B 93 5.30 13.94 19.39
C ASP B 93 5.56 13.07 18.17
N GLY B 94 4.69 13.11 17.15
CA GLY B 94 4.89 12.33 15.95
C GLY B 94 4.50 10.87 16.03
N THR B 95 4.42 10.29 17.23
CA THR B 95 4.11 8.87 17.35
C THR B 95 3.44 8.60 18.69
N MET B 96 3.07 7.34 18.89
CA MET B 96 2.53 6.86 20.15
C MET B 96 3.32 5.64 20.60
N ALA B 97 3.60 5.57 21.90
CA ALA B 97 4.36 4.47 22.46
C ALA B 97 3.47 3.22 22.55
N ALA B 98 3.91 2.14 21.90
CA ALA B 98 3.27 0.85 22.11
C ALA B 98 3.39 0.45 23.58
N LEU B 99 2.37 -0.23 24.07
CA LEU B 99 2.31 -0.62 25.48
C LEU B 99 1.94 -2.08 25.68
N ASP B 100 1.07 -2.62 24.82
CA ASP B 100 0.33 -3.85 25.05
C ASP B 100 -0.49 -4.05 23.78
N PRO B 101 -0.53 -5.24 23.18
CA PRO B 101 -1.18 -5.38 21.86
C PRO B 101 -2.65 -5.01 21.88
N VAL B 102 -3.36 -5.30 22.97
CA VAL B 102 -4.78 -4.94 23.04
C VAL B 102 -4.94 -3.45 23.28
N VAL B 103 -4.15 -2.88 24.19
CA VAL B 103 -4.23 -1.44 24.43
C VAL B 103 -3.83 -0.66 23.19
N ASP B 104 -2.85 -1.17 22.45
CA ASP B 104 -2.44 -0.54 21.19
C ASP B 104 -3.58 -0.53 20.19
N LEU B 105 -4.26 -1.67 20.03
CA LEU B 105 -5.34 -1.76 19.06
C LEU B 105 -6.48 -0.80 19.38
N TYR B 106 -6.91 -0.73 20.64
CA TYR B 106 -8.07 0.11 20.90
C TYR B 106 -7.72 1.60 20.96
N ASN B 107 -6.50 1.94 21.36
CA ASN B 107 -6.05 3.31 21.15
C ASN B 107 -6.01 3.63 19.66
N ALA B 108 -5.55 2.68 18.85
CA ALA B 108 -5.54 2.88 17.40
C ALA B 108 -6.94 3.16 16.88
N VAL B 109 -7.94 2.43 17.36
CA VAL B 109 -9.30 2.70 16.93
C VAL B 109 -9.70 4.11 17.33
N SER B 110 -9.38 4.50 18.57
CA SER B 110 -9.70 5.85 19.03
C SER B 110 -9.05 6.90 18.14
N LEU B 111 -7.80 6.66 17.72
CA LEU B 111 -7.09 7.62 16.89
C LEU B 111 -7.68 7.67 15.49
N ARG B 112 -7.89 6.51 14.85
CA ARG B 112 -8.33 6.54 13.45
C ARG B 112 -9.73 7.11 13.31
N TYR B 113 -10.60 6.89 14.29
CA TYR B 113 -11.99 7.32 14.18
C TYR B 113 -12.34 8.50 15.09
N ALA B 114 -11.33 9.11 15.71
CA ALA B 114 -11.48 10.28 16.58
C ALA B 114 -12.67 10.11 17.54
N VAL B 115 -12.62 9.01 18.29
CA VAL B 115 -13.72 8.63 19.17
C VAL B 115 -13.14 8.12 20.49
N PRO B 116 -13.61 8.60 21.64
CA PRO B 116 -13.14 8.05 22.93
C PRO B 116 -13.42 6.55 23.01
N VAL B 117 -12.38 5.79 23.36
CA VAL B 117 -12.49 4.34 23.50
C VAL B 117 -11.91 3.95 24.86
N GLY B 118 -12.75 3.43 25.74
CA GLY B 118 -12.32 2.88 27.01
C GLY B 118 -12.15 1.37 26.92
N GLY B 119 -11.07 0.86 27.54
CA GLY B 119 -10.84 -0.57 27.63
C GLY B 119 -10.63 -0.99 29.07
N GLU B 120 -11.35 -2.01 29.56
CA GLU B 120 -11.27 -2.36 30.97
C GLU B 120 -11.32 -3.88 31.19
N ASN B 121 -10.73 -4.29 32.30
CA ASN B 121 -10.77 -5.68 32.75
C ASN B 121 -12.12 -5.97 33.41
N SER B 122 -12.96 -6.76 32.74
CA SER B 122 -14.31 -7.02 33.27
C SER B 122 -14.27 -7.71 34.62
N ALA B 123 -13.27 -8.56 34.85
CA ALA B 123 -13.23 -9.34 36.08
C ALA B 123 -12.97 -8.48 37.31
N ALA B 124 -12.50 -7.25 37.14
CA ALA B 124 -12.24 -6.35 38.26
C ALA B 124 -13.47 -5.55 38.67
N TYR B 125 -14.59 -5.66 37.96
CA TYR B 125 -15.77 -4.90 38.33
C TYR B 125 -16.54 -5.55 39.48
N CYS B 126 -16.98 -4.73 40.43
CA CYS B 126 -17.86 -5.17 41.50
CA CYS B 126 -17.86 -5.17 41.51
C CYS B 126 -19.26 -4.67 41.15
N GLY B 127 -20.08 -5.56 40.63
CA GLY B 127 -21.36 -5.14 40.10
C GLY B 127 -21.21 -4.71 38.64
N SER B 128 -22.22 -3.98 38.17
CA SER B 128 -22.29 -3.58 36.78
C SER B 128 -21.85 -2.12 36.61
N PRO B 129 -21.32 -1.76 35.45
CA PRO B 129 -20.94 -0.35 35.22
C PRO B 129 -22.16 0.53 35.06
N ARG B 130 -22.11 1.73 35.65
CA ARG B 130 -23.17 2.71 35.38
C ARG B 130 -22.59 4.10 35.24
N LEU B 131 -23.23 4.89 34.38
CA LEU B 131 -22.83 6.23 34.03
C LEU B 131 -23.81 7.20 34.70
N VAL B 132 -23.34 7.92 35.72
CA VAL B 132 -24.21 8.70 36.61
C VAL B 132 -23.55 10.05 36.91
N PHE B 133 -24.33 10.91 37.58
CA PHE B 133 -23.85 12.16 38.13
C PHE B 133 -23.37 11.92 39.55
N ALA B 134 -22.11 12.27 39.82
CA ALA B 134 -21.54 12.04 41.14
C ALA B 134 -22.14 12.99 42.18
N ASP B 135 -22.18 12.55 43.44
CA ASP B 135 -22.51 13.44 44.55
C ASP B 135 -21.30 13.88 45.35
N GLY B 136 -20.10 13.37 45.03
CA GLY B 136 -18.89 13.84 45.65
C GLY B 136 -18.42 13.01 46.83
N SER B 137 -19.20 12.02 47.27
CA SER B 137 -18.77 11.14 48.34
C SER B 137 -18.06 9.89 47.83
N GLU B 138 -18.01 9.68 46.51
CA GLU B 138 -17.41 8.49 45.94
C GLU B 138 -15.89 8.57 46.00
N THR B 139 -15.25 7.41 45.98
CA THR B 139 -13.80 7.31 45.94
C THR B 139 -13.30 6.76 44.61
N PHE B 140 -12.05 7.09 44.30
CA PHE B 140 -11.46 6.83 42.98
C PHE B 140 -9.99 6.53 43.17
N ASP B 141 -9.58 5.30 42.89
CA ASP B 141 -8.17 4.92 43.01
C ASP B 141 -7.44 5.29 41.73
N THR B 142 -6.45 6.16 41.85
CA THR B 142 -5.74 6.68 40.68
C THR B 142 -4.25 6.81 41.03
N LEU B 143 -3.55 7.65 40.27
CA LEU B 143 -2.12 7.89 40.46
C LEU B 143 -1.86 9.39 40.55
N LYS B 144 -0.84 9.75 41.31
CA LYS B 144 -0.36 11.13 41.40
C LYS B 144 1.16 11.08 41.46
N GLU B 145 1.81 11.71 40.47
CA GLU B 145 3.26 11.61 40.28
C GLU B 145 3.72 10.17 40.14
N GLY B 146 2.88 9.34 39.52
CA GLY B 146 3.17 7.93 39.37
C GLY B 146 2.86 7.08 40.59
N GLN B 147 2.44 7.69 41.71
CA GLN B 147 2.22 6.97 42.96
C GLN B 147 0.72 6.81 43.25
N PRO B 148 0.33 5.69 43.86
CA PRO B 148 -1.08 5.47 44.17
C PRO B 148 -1.68 6.58 45.03
N ALA B 149 -2.95 6.89 44.79
CA ALA B 149 -3.64 7.96 45.51
C ALA B 149 -5.16 7.76 45.42
N THR B 150 -5.85 8.15 46.48
CA THR B 150 -7.31 8.11 46.52
C THR B 150 -7.87 9.51 46.34
N GLU B 151 -8.98 9.60 45.59
CA GLU B 151 -9.51 10.85 45.08
C GLU B 151 -11.04 10.78 45.12
N SER B 152 -11.67 11.96 45.09
CA SER B 152 -13.12 12.05 44.94
C SER B 152 -13.48 12.90 43.72
N PRO B 153 -14.53 12.54 42.99
CA PRO B 153 -15.01 13.41 41.91
C PRO B 153 -15.75 14.62 42.48
N GLU B 154 -15.92 15.64 41.65
CA GLU B 154 -16.71 16.79 42.06
C GLU B 154 -18.19 16.42 42.10
N PRO B 155 -18.96 17.00 43.03
CA PRO B 155 -20.43 16.86 42.94
C PRO B 155 -20.92 17.35 41.58
N GLY B 156 -21.75 16.52 40.93
CA GLY B 156 -22.22 16.83 39.58
C GLY B 156 -21.33 16.36 38.45
N GLU B 157 -20.13 15.90 38.73
CA GLU B 157 -19.27 15.34 37.70
C GLU B 157 -19.88 14.05 37.15
N VAL B 158 -19.85 13.90 35.82
CA VAL B 158 -20.28 12.65 35.21
C VAL B 158 -19.20 11.60 35.42
N ILE B 159 -19.59 10.44 35.95
CA ILE B 159 -18.65 9.36 36.27
C ILE B 159 -19.21 8.03 35.79
N TRP B 160 -18.30 7.15 35.38
CA TRP B 160 -18.56 5.71 35.36
C TRP B 160 -18.16 5.12 36.70
N ARG B 161 -19.01 4.26 37.26
CA ARG B 161 -18.74 3.65 38.55
C ARG B 161 -19.24 2.21 38.58
N ASP B 162 -18.82 1.47 39.60
CA ASP B 162 -19.41 0.17 39.92
C ASP B 162 -19.85 0.23 41.39
N ASP B 163 -20.03 -0.94 42.02
CA ASP B 163 -20.51 -0.93 43.41
C ASP B 163 -19.48 -0.34 44.37
N ARG B 164 -18.19 -0.43 44.02
CA ARG B 164 -17.13 0.05 44.92
C ARG B 164 -16.91 1.56 44.81
N GLY B 165 -16.89 2.09 43.60
CA GLY B 165 -16.65 3.51 43.44
C GLY B 165 -16.42 3.85 41.98
N VAL B 166 -15.81 5.02 41.78
CA VAL B 166 -15.57 5.53 40.44
C VAL B 166 -14.60 4.61 39.70
N THR B 167 -14.90 4.33 38.43
CA THR B 167 -13.96 3.66 37.55
C THR B 167 -13.48 4.54 36.41
N CYS B 168 -14.17 5.65 36.13
CA CYS B 168 -13.64 6.67 35.22
C CYS B 168 -14.17 8.04 35.63
N ARG B 169 -13.27 9.00 35.76
CA ARG B 169 -13.63 10.36 36.15
C ARG B 169 -13.87 11.23 34.93
N ARG B 170 -14.74 12.24 35.10
CA ARG B 170 -15.09 13.20 34.04
C ARG B 170 -15.43 12.47 32.74
N TRP B 171 -16.38 11.54 32.86
CA TRP B 171 -16.95 10.80 31.74
C TRP B 171 -15.92 9.88 31.13
N ASN B 172 -14.99 10.43 30.33
CA ASN B 172 -13.99 9.60 29.70
C ASN B 172 -12.60 10.24 29.79
N TRP B 173 -12.34 11.02 30.84
CA TRP B 173 -11.05 11.71 30.94
C TRP B 173 -9.96 10.78 31.47
N ARG B 174 -10.21 10.09 32.57
CA ARG B 174 -9.17 9.27 33.20
C ARG B 174 -9.79 8.07 33.90
N GLN B 175 -9.37 6.87 33.49
CA GLN B 175 -9.79 5.64 34.13
C GLN B 175 -9.01 5.43 35.42
N GLY B 176 -9.62 4.66 36.33
CA GLY B 176 -8.95 4.26 37.55
C GLY B 176 -7.90 3.17 37.32
N VAL B 177 -7.21 2.83 38.40
CA VAL B 177 -6.14 1.83 38.32
C VAL B 177 -6.70 0.42 38.37
N ARG B 178 -7.67 0.20 39.27
CA ARG B 178 -8.25 -1.11 39.57
C ARG B 178 -8.68 -1.89 38.32
N THR B 179 -9.39 -1.25 37.39
CA THR B 179 -10.00 -1.97 36.27
C THR B 179 -9.20 -1.86 34.98
N ARG B 180 -7.93 -1.46 35.05
CA ARG B 180 -7.12 -1.30 33.85
C ARG B 180 -7.03 -2.60 33.06
N LEU B 181 -6.98 -2.48 31.72
CA LEU B 181 -6.99 -3.64 30.86
C LEU B 181 -5.57 -4.08 30.53
N SER B 182 -5.37 -5.40 30.49
CA SER B 182 -4.13 -6.02 30.07
C SER B 182 -4.42 -7.09 29.03
N ALA B 183 -3.45 -7.33 28.14
CA ALA B 183 -3.66 -8.28 27.05
C ALA B 183 -3.99 -9.68 27.54
N SER B 184 -3.58 -10.05 28.75
CA SER B 184 -3.83 -11.37 29.30
C SER B 184 -5.17 -11.49 30.04
N ASP B 185 -6.01 -10.45 30.03
CA ASP B 185 -7.31 -10.54 30.69
C ASP B 185 -8.18 -11.58 30.00
N LYS B 186 -8.89 -12.36 30.80
CA LYS B 186 -9.82 -13.34 30.24
C LYS B 186 -11.12 -12.69 29.75
N ALA B 187 -11.58 -11.62 30.37
CA ALA B 187 -12.82 -10.94 30.00
C ALA B 187 -12.59 -9.44 29.91
N MET B 188 -13.05 -8.83 28.81
CA MET B 188 -12.78 -7.43 28.52
C MET B 188 -14.08 -6.72 28.18
N TRP B 189 -14.15 -5.43 28.55
CA TRP B 189 -15.27 -4.56 28.22
C TRP B 189 -14.71 -3.32 27.54
N PHE B 190 -15.22 -3.01 26.36
CA PHE B 190 -14.87 -1.79 25.64
C PHE B 190 -16.07 -0.87 25.49
N ILE B 191 -15.85 0.44 25.60
CA ILE B 191 -16.94 1.40 25.45
C ILE B 191 -16.45 2.49 24.50
N LEU B 192 -17.08 2.59 23.34
CA LEU B 192 -16.76 3.58 22.33
C LEU B 192 -17.85 4.65 22.38
N GLU B 193 -17.51 5.84 22.87
CA GLU B 193 -18.49 6.84 23.29
C GLU B 193 -18.52 8.00 22.28
N SER B 194 -19.74 8.37 21.84
CA SER B 194 -19.87 9.32 20.74
C SER B 194 -21.05 10.26 20.94
N LEU B 195 -20.97 11.38 20.24
CA LEU B 195 -22.01 12.41 20.16
C LEU B 195 -22.45 12.54 18.72
N PRO B 196 -23.57 13.25 18.44
CA PRO B 196 -24.07 13.32 17.05
C PRO B 196 -23.09 13.85 16.04
N GLU B 197 -22.05 14.58 16.45
CA GLU B 197 -21.10 15.09 15.47
C GLU B 197 -20.25 14.00 14.84
N MET B 198 -20.27 12.79 15.40
CA MET B 198 -19.66 11.64 14.75
C MET B 198 -20.73 10.89 13.99
N PRO B 199 -20.60 10.74 12.68
CA PRO B 199 -21.61 9.96 11.93
C PRO B 199 -21.76 8.56 12.49
N VAL B 200 -23.01 8.12 12.67
CA VAL B 200 -23.24 6.86 13.35
C VAL B 200 -22.66 5.68 12.57
N ASP B 201 -22.69 5.74 11.24
CA ASP B 201 -22.13 4.62 10.49
C ASP B 201 -20.61 4.53 10.61
N GLU B 202 -19.95 5.61 11.05
CA GLU B 202 -18.53 5.56 11.36
C GLU B 202 -18.27 4.97 12.74
N LEU B 203 -19.22 5.15 13.68
CA LEU B 203 -19.08 4.49 14.97
C LEU B 203 -19.14 2.98 14.81
N TYR B 204 -20.03 2.49 13.94
CA TYR B 204 -20.08 1.06 13.67
C TYR B 204 -18.80 0.60 13.00
N ALA B 205 -18.25 1.40 12.07
CA ALA B 205 -16.99 1.03 11.44
C ALA B 205 -15.87 0.97 12.47
N ALA B 206 -15.85 1.92 13.41
CA ALA B 206 -14.85 1.87 14.47
C ALA B 206 -14.99 0.59 15.28
N GLY B 207 -16.22 0.21 15.63
CA GLY B 207 -16.43 -1.04 16.33
C GLY B 207 -15.95 -2.24 15.52
N ASN B 208 -16.21 -2.22 14.21
CA ASN B 208 -15.79 -3.33 13.35
C ASN B 208 -14.27 -3.40 13.23
N MET B 209 -13.58 -2.25 13.28
CA MET B 209 -12.13 -2.26 13.31
C MET B 209 -11.63 -2.93 14.59
N LEU B 210 -12.25 -2.63 15.72
CA LEU B 210 -11.83 -3.21 16.99
C LEU B 210 -12.05 -4.72 16.99
N THR B 211 -13.24 -5.19 16.60
CA THR B 211 -13.49 -6.63 16.69
C THR B 211 -12.78 -7.41 15.59
N ASP B 212 -12.70 -6.89 14.36
CA ASP B 212 -11.90 -7.55 13.33
C ASP B 212 -10.45 -7.71 13.79
N GLY B 213 -9.90 -6.65 14.40
CA GLY B 213 -8.56 -6.74 14.96
C GLY B 213 -8.46 -7.78 16.06
N LEU B 214 -9.39 -7.75 17.03
CA LEU B 214 -9.33 -8.70 18.13
C LEU B 214 -9.44 -10.14 17.64
N GLU B 215 -10.30 -10.38 16.64
CA GLU B 215 -10.46 -11.73 16.12
C GLU B 215 -9.22 -12.23 15.39
N LYS B 216 -8.50 -11.33 14.71
CA LYS B 216 -7.25 -11.74 14.07
C LYS B 216 -6.15 -11.97 15.11
N MET B 217 -6.06 -11.07 16.09
CA MET B 217 -5.07 -11.18 17.15
C MET B 217 -5.25 -12.43 17.98
N MET B 218 -6.51 -12.78 18.28
CA MET B 218 -6.87 -13.90 19.17
C MET B 218 -7.95 -14.74 18.50
N PRO B 219 -7.56 -15.61 17.56
CA PRO B 219 -8.55 -16.50 16.93
C PRO B 219 -9.32 -17.30 17.95
N GLY B 220 -10.64 -17.38 17.75
CA GLY B 220 -11.53 -18.06 18.67
C GLY B 220 -12.21 -17.17 19.68
N LEU B 221 -11.89 -15.89 19.71
CA LEU B 221 -12.48 -14.98 20.68
C LEU B 221 -13.97 -14.80 20.41
N ARG B 222 -14.73 -14.57 21.47
CA ARG B 222 -16.15 -14.29 21.33
C ARG B 222 -16.46 -12.87 21.81
N PHE B 223 -17.43 -12.22 21.15
CA PHE B 223 -17.84 -10.89 21.56
C PHE B 223 -19.33 -10.67 21.30
N GLU B 224 -19.88 -9.68 22.02
CA GLU B 224 -21.24 -9.21 21.83
C GLU B 224 -21.21 -7.69 21.83
N SER B 225 -21.96 -7.09 20.92
CA SER B 225 -21.92 -5.64 20.73
C SER B 225 -23.32 -5.05 20.83
N THR B 226 -23.46 -3.98 21.62
CA THR B 226 -24.74 -3.32 21.83
C THR B 226 -24.54 -1.81 21.82
N LEU B 227 -25.39 -1.11 21.08
CA LEU B 227 -25.37 0.34 21.05
C LEU B 227 -26.37 0.87 22.07
N ILE B 228 -25.90 1.69 22.99
CA ILE B 228 -26.73 2.24 24.06
C ILE B 228 -26.71 3.77 23.96
N GLY B 229 -27.84 4.39 24.31
CA GLY B 229 -27.90 5.83 24.11
C GLY B 229 -28.98 6.53 24.91
N VAL B 230 -28.87 7.86 24.90
CA VAL B 230 -29.81 8.71 25.62
C VAL B 230 -29.95 10.06 24.90
N SER C 5 -3.46 -41.70 15.96
CA SER C 5 -2.70 -40.48 15.70
C SER C 5 -2.60 -39.61 16.95
N MET C 6 -1.61 -38.73 16.97
CA MET C 6 -1.35 -37.87 18.12
C MET C 6 -1.88 -36.47 17.85
N LEU C 7 -2.57 -35.91 18.85
CA LEU C 7 -3.20 -34.59 18.76
C LEU C 7 -2.62 -33.71 19.87
N PRO C 8 -1.55 -32.98 19.59
CA PRO C 8 -0.90 -32.23 20.66
C PRO C 8 -1.77 -31.06 21.13
N SER C 9 -1.57 -30.67 22.39
CA SER C 9 -2.25 -29.51 22.96
C SER C 9 -1.22 -28.60 23.62
N ILE C 10 -1.52 -27.31 23.67
CA ILE C 10 -0.67 -26.28 24.27
C ILE C 10 -1.47 -25.55 25.33
N SER C 11 -0.90 -25.41 26.51
CA SER C 11 -1.55 -24.65 27.57
C SER C 11 -1.70 -23.19 27.13
N PRO C 12 -2.89 -22.60 27.26
CA PRO C 12 -3.04 -21.18 26.89
C PRO C 12 -2.10 -20.26 27.65
N GLU C 13 -1.59 -20.69 28.80
CA GLU C 13 -0.71 -19.84 29.60
C GLU C 13 0.57 -19.47 28.84
N LEU C 14 1.00 -20.30 27.88
CA LEU C 14 2.22 -20.03 27.12
C LEU C 14 2.16 -18.72 26.34
N ALA C 15 0.96 -18.21 26.03
CA ALA C 15 0.86 -16.92 25.34
C ALA C 15 1.49 -15.78 26.14
N ARG C 16 1.63 -15.93 27.46
CA ARG C 16 2.25 -14.89 28.27
C ARG C 16 3.70 -14.67 27.86
N ILE C 17 4.42 -15.73 27.49
CA ILE C 17 5.83 -15.61 27.16
C ILE C 17 6.13 -15.79 25.67
N ALA C 18 5.26 -16.43 24.91
CA ALA C 18 5.55 -16.71 23.50
C ALA C 18 4.32 -16.47 22.63
N PRO C 19 3.73 -15.27 22.69
CA PRO C 19 2.55 -15.02 21.85
C PRO C 19 2.91 -15.12 20.38
N GLY C 20 2.02 -15.74 19.61
CA GLY C 20 2.33 -15.94 18.21
C GLY C 20 3.19 -17.14 17.90
N PHE C 21 3.42 -18.02 18.85
CA PHE C 21 4.13 -19.27 18.57
C PHE C 21 3.29 -20.13 17.62
N ARG C 22 3.97 -20.84 16.72
CA ARG C 22 3.30 -21.71 15.76
C ARG C 22 4.22 -22.85 15.40
N ALA C 23 3.65 -24.03 15.18
CA ALA C 23 4.45 -25.22 14.93
C ALA C 23 3.72 -26.13 13.96
N LEU C 24 4.48 -26.90 13.18
CA LEU C 24 3.89 -28.00 12.42
C LEU C 24 4.05 -29.28 13.23
N SER C 25 2.93 -29.95 13.49
CA SER C 25 2.90 -31.25 14.13
C SER C 25 2.61 -32.32 13.08
N ILE C 26 3.57 -33.21 12.82
CA ILE C 26 3.49 -34.11 11.67
C ILE C 26 3.54 -35.55 12.15
N ASN C 27 2.44 -36.28 11.98
CA ASN C 27 2.36 -37.71 12.27
C ASN C 27 2.73 -38.52 11.03
N VAL C 28 3.60 -39.51 11.20
CA VAL C 28 4.14 -40.26 10.07
C VAL C 28 3.94 -41.75 10.31
N ILE C 29 3.51 -42.46 9.26
CA ILE C 29 3.57 -43.91 9.19
C ILE C 29 4.68 -44.25 8.20
N ALA C 30 5.75 -44.86 8.69
CA ALA C 30 6.95 -45.06 7.90
C ALA C 30 6.77 -46.25 6.95
N ALA C 31 7.82 -46.51 6.18
CA ALA C 31 7.85 -47.60 5.20
C ALA C 31 9.28 -48.12 5.13
N PRO C 32 9.50 -49.29 4.51
CA PRO C 32 10.88 -49.78 4.40
C PRO C 32 11.79 -48.78 3.71
N ILE C 33 13.02 -48.68 4.20
CA ILE C 33 13.99 -47.76 3.63
C ILE C 33 14.43 -48.26 2.25
N ARG C 34 14.47 -47.36 1.28
CA ARG C 34 14.90 -47.68 -0.08
C ARG C 34 15.95 -46.74 -0.64
N ASP C 35 16.11 -45.54 -0.08
CA ASP C 35 17.18 -44.60 -0.46
C ASP C 35 17.76 -44.08 0.85
N ALA C 36 18.74 -44.82 1.39
CA ALA C 36 19.25 -44.56 2.72
C ALA C 36 20.15 -43.34 2.79
N GLN C 37 20.66 -42.86 1.66
CA GLN C 37 21.56 -41.71 1.65
C GLN C 37 20.83 -40.37 1.70
N VAL C 38 19.49 -40.36 1.70
CA VAL C 38 18.74 -39.10 1.68
C VAL C 38 19.17 -38.20 2.83
N GLY C 39 19.27 -38.76 4.04
CA GLY C 39 19.60 -37.95 5.19
C GLY C 39 21.00 -37.38 5.13
N GLU C 40 21.98 -38.24 4.81
CA GLU C 40 23.37 -37.80 4.73
C GLU C 40 23.54 -36.65 3.75
N ILE C 41 22.94 -36.76 2.56
CA ILE C 41 23.13 -35.76 1.51
C ILE C 41 22.48 -34.43 1.90
N ALA C 42 21.22 -34.47 2.34
CA ALA C 42 20.56 -33.25 2.81
C ALA C 42 21.36 -32.56 3.91
N LEU C 43 21.98 -33.34 4.81
CA LEU C 43 22.73 -32.75 5.92
C LEU C 43 24.00 -32.08 5.43
N LYS C 44 24.73 -32.74 4.54
CA LYS C 44 25.92 -32.14 3.94
C LYS C 44 25.59 -30.82 3.27
N GLU C 45 24.51 -30.78 2.47
CA GLU C 45 24.14 -29.53 1.81
C GLU C 45 23.60 -28.49 2.80
N ALA C 46 22.95 -28.91 3.88
CA ALA C 46 22.49 -27.95 4.88
C ALA C 46 23.66 -27.29 5.59
N CYS C 47 24.72 -28.04 5.87
CA CYS C 47 25.89 -27.46 6.53
C CYS C 47 26.56 -26.42 5.66
N GLN C 48 26.66 -26.67 4.36
CA GLN C 48 27.21 -25.67 3.45
C GLN C 48 26.34 -24.42 3.42
N ALA C 49 25.01 -24.61 3.34
CA ALA C 49 24.09 -23.49 3.37
C ALA C 49 24.32 -22.61 4.59
N VAL C 50 24.48 -23.21 5.78
CA VAL C 50 24.73 -22.43 6.98
C VAL C 50 26.08 -21.75 6.90
N ILE C 51 27.10 -22.47 6.45
CA ILE C 51 28.43 -21.88 6.27
C ILE C 51 28.37 -20.72 5.29
N ASN C 52 27.57 -20.86 4.24
CA ASN C 52 27.32 -19.74 3.34
C ASN C 52 26.42 -18.66 3.96
N GLY C 53 26.11 -18.69 5.26
CA GLY C 53 25.38 -17.62 5.92
C GLY C 53 23.88 -17.74 5.89
N GLN C 54 23.32 -18.81 5.32
CA GLN C 54 21.88 -18.96 5.23
C GLN C 54 21.33 -19.59 6.51
N PRO C 55 20.03 -19.37 6.81
CA PRO C 55 19.08 -18.51 6.09
C PRO C 55 19.04 -17.11 6.70
N ALA C 56 18.33 -16.20 6.03
CA ALA C 56 18.38 -14.79 6.39
C ALA C 56 17.81 -14.50 7.77
N TRP C 57 16.80 -15.25 8.22
CA TRP C 57 16.13 -14.98 9.47
C TRP C 57 16.77 -15.68 10.66
N ALA C 58 17.96 -16.26 10.48
CA ALA C 58 18.51 -17.17 11.49
C ALA C 58 18.80 -16.46 12.80
N GLN C 59 19.50 -15.34 12.75
CA GLN C 59 19.85 -14.64 13.99
C GLN C 59 18.60 -14.11 14.69
N ALA C 60 17.66 -13.54 13.94
CA ALA C 60 16.45 -13.02 14.56
C ALA C 60 15.62 -14.14 15.18
N HIS C 61 15.52 -15.29 14.48
CA HIS C 61 14.76 -16.39 15.04
C HIS C 61 15.43 -16.96 16.29
N ILE C 62 16.76 -17.15 16.24
CA ILE C 62 17.45 -17.69 17.41
C ILE C 62 17.35 -16.71 18.59
N ASP C 63 17.52 -15.41 18.32
CA ASP C 63 17.38 -14.42 19.39
C ASP C 63 16.01 -14.48 20.04
N ALA C 64 14.97 -14.67 19.23
CA ALA C 64 13.61 -14.73 19.76
C ALA C 64 13.43 -15.94 20.67
N TRP C 65 14.02 -17.08 20.29
CA TRP C 65 13.94 -18.27 21.14
C TRP C 65 14.67 -18.04 22.47
N ASN C 66 15.80 -17.34 22.42
CA ASN C 66 16.57 -17.09 23.64
C ASN C 66 15.81 -16.17 24.59
N THR C 67 15.08 -15.19 24.05
CA THR C 67 14.20 -14.39 24.88
C THR C 67 13.16 -15.28 25.56
N VAL C 68 12.53 -16.16 24.79
CA VAL C 68 11.52 -17.08 25.34
C VAL C 68 12.13 -17.92 26.45
N LEU C 69 13.28 -18.56 26.18
CA LEU C 69 13.92 -19.39 27.19
C LEU C 69 14.18 -18.61 28.47
N LYS C 70 14.67 -17.37 28.35
CA LYS C 70 14.88 -16.55 29.54
C LYS C 70 13.58 -16.33 30.30
N ALA C 71 12.46 -16.21 29.57
CA ALA C 71 11.19 -15.92 30.21
C ALA C 71 10.68 -17.04 31.12
N PHE C 72 11.16 -18.27 30.97
CA PHE C 72 10.83 -19.28 31.97
C PHE C 72 12.02 -19.68 32.83
N GLY C 73 13.05 -18.82 32.88
CA GLY C 73 14.10 -18.94 33.85
C GLY C 73 15.35 -19.64 33.38
N ALA C 74 15.44 -20.01 32.11
CA ALA C 74 16.57 -20.78 31.60
C ALA C 74 17.70 -19.85 31.18
N LYS C 75 18.93 -20.38 31.23
CA LYS C 75 20.10 -19.68 30.73
C LYS C 75 20.45 -20.18 29.33
N PRO C 76 19.97 -19.50 28.28
CA PRO C 76 20.10 -20.06 26.93
C PRO C 76 21.53 -20.31 26.49
N LYS C 77 22.51 -19.59 27.04
CA LYS C 77 23.89 -19.90 26.67
C LYS C 77 24.27 -21.29 27.14
N ARG C 78 23.77 -21.69 28.31
CA ARG C 78 24.08 -23.01 28.85
C ARG C 78 23.18 -24.09 28.25
N THR C 79 21.89 -23.80 28.07
CA THR C 79 20.91 -24.79 27.59
C THR C 79 20.20 -24.21 26.38
N PRO C 80 20.85 -24.20 25.22
CA PRO C 80 20.26 -23.55 24.04
C PRO C 80 19.15 -24.39 23.41
N CYS C 81 18.33 -23.70 22.61
CA CYS C 81 17.36 -24.40 21.79
C CYS C 81 18.09 -25.26 20.75
N SER C 82 17.42 -26.32 20.30
CA SER C 82 18.08 -27.33 19.47
C SER C 82 18.62 -26.72 18.17
N ALA C 83 17.90 -25.74 17.62
CA ALA C 83 18.36 -25.12 16.38
C ALA C 83 19.71 -24.42 16.58
N GLU C 84 19.87 -23.67 17.67
CA GLU C 84 21.15 -22.99 17.89
C GLU C 84 22.27 -23.98 18.17
N ALA C 85 21.99 -25.03 18.95
CA ALA C 85 23.02 -26.02 19.26
C ALA C 85 23.60 -26.63 18.00
N LEU C 86 22.75 -26.95 17.03
CA LEU C 86 23.25 -27.51 15.77
C LEU C 86 24.03 -26.47 14.99
N ARG C 87 23.49 -25.24 14.89
CA ARG C 87 24.14 -24.19 14.12
C ARG C 87 25.53 -23.88 14.66
N LYS C 88 25.69 -23.86 15.99
CA LYS C 88 27.00 -23.57 16.56
C LYS C 88 28.01 -24.68 16.26
N ARG C 89 27.55 -25.93 16.24
CA ARG C 89 28.45 -27.04 15.94
C ARG C 89 28.88 -27.04 14.48
N VAL C 90 27.99 -26.64 13.56
CA VAL C 90 28.38 -26.56 12.15
C VAL C 90 29.37 -25.43 11.94
N LEU C 91 29.14 -24.27 12.56
CA LEU C 91 30.04 -23.13 12.45
C LEU C 91 31.34 -23.29 13.24
N LYS C 92 31.46 -24.34 14.04
CA LYS C 92 32.71 -24.62 14.73
C LYS C 92 33.56 -25.66 13.98
N ASP C 93 32.92 -26.64 13.34
CA ASP C 93 33.63 -27.74 12.71
C ASP C 93 33.51 -27.75 11.20
N GLY C 94 32.59 -26.97 10.63
CA GLY C 94 32.32 -27.02 9.21
C GLY C 94 31.49 -28.20 8.75
N THR C 95 31.22 -29.16 9.63
CA THR C 95 30.40 -30.31 9.26
C THR C 95 29.79 -30.91 10.52
N MET C 96 28.90 -31.88 10.30
CA MET C 96 28.25 -32.62 11.37
C MET C 96 28.22 -34.10 11.04
N ALA C 97 28.28 -34.91 12.09
CA ALA C 97 28.46 -36.34 11.93
C ALA C 97 27.12 -37.05 11.77
N ALA C 98 27.13 -38.13 11.00
CA ALA C 98 25.95 -38.97 10.85
C ALA C 98 25.63 -39.69 12.17
N LEU C 99 24.41 -40.18 12.25
CA LEU C 99 23.97 -40.96 13.40
C LEU C 99 22.97 -42.02 12.91
N ASP C 100 22.08 -41.60 12.02
CA ASP C 100 20.87 -42.32 11.65
C ASP C 100 20.26 -41.53 10.49
N PRO C 101 19.82 -42.19 9.42
CA PRO C 101 19.39 -41.42 8.24
C PRO C 101 18.19 -40.50 8.49
N VAL C 102 17.29 -40.84 9.40
CA VAL C 102 16.15 -39.95 9.65
C VAL C 102 16.55 -38.77 10.53
N VAL C 103 17.36 -39.02 11.56
CA VAL C 103 17.86 -37.93 12.40
C VAL C 103 18.69 -36.94 11.56
N ASP C 104 19.57 -37.47 10.70
CA ASP C 104 20.34 -36.59 9.81
C ASP C 104 19.41 -35.73 8.95
N LEU C 105 18.34 -36.34 8.43
CA LEU C 105 17.40 -35.58 7.61
C LEU C 105 16.75 -34.44 8.41
N TYR C 106 16.25 -34.74 9.62
CA TYR C 106 15.53 -33.67 10.30
C TYR C 106 16.45 -32.65 10.95
N ASN C 107 17.69 -33.05 11.32
CA ASN C 107 18.70 -32.06 11.67
C ASN C 107 19.04 -31.19 10.47
N ALA C 108 19.07 -31.79 9.25
CA ALA C 108 19.34 -31.01 8.05
C ALA C 108 18.26 -29.95 7.80
N VAL C 109 16.99 -30.31 8.04
CA VAL C 109 15.90 -29.33 7.96
C VAL C 109 16.11 -28.23 8.98
N SER C 110 16.40 -28.60 10.21
CA SER C 110 16.60 -27.59 11.25
C SER C 110 17.69 -26.61 10.85
N LEU C 111 18.78 -27.10 10.28
CA LEU C 111 19.90 -26.25 9.91
C LEU C 111 19.55 -25.35 8.74
N ARG C 112 18.98 -25.92 7.67
CA ARG C 112 18.71 -25.14 6.47
C ARG C 112 17.71 -24.02 6.72
N TYR C 113 16.76 -24.23 7.64
CA TYR C 113 15.71 -23.24 7.88
C TYR C 113 15.83 -22.57 9.24
N ALA C 114 16.91 -22.80 9.98
CA ALA C 114 17.13 -22.23 11.31
C ALA C 114 15.88 -22.34 12.17
N VAL C 115 15.38 -23.56 12.31
CA VAL C 115 14.12 -23.79 13.00
C VAL C 115 14.31 -25.01 13.91
N PRO C 116 13.92 -24.95 15.18
CA PRO C 116 13.97 -26.17 16.01
C PRO C 116 13.08 -27.25 15.41
N VAL C 117 13.63 -28.46 15.27
CA VAL C 117 12.89 -29.61 14.76
C VAL C 117 13.13 -30.79 15.71
N GLY C 118 12.04 -31.34 16.26
CA GLY C 118 12.11 -32.52 17.10
C GLY C 118 11.56 -33.72 16.36
N GLY C 119 12.09 -34.91 16.69
CA GLY C 119 11.63 -36.17 16.11
C GLY C 119 11.57 -37.27 17.14
N GLU C 120 10.46 -38.01 17.19
CA GLU C 120 10.21 -38.95 18.28
C GLU C 120 9.48 -40.18 17.78
N ASN C 121 9.65 -41.26 18.54
CA ASN C 121 8.96 -42.53 18.31
C ASN C 121 7.55 -42.41 18.90
N SER C 122 6.54 -42.27 18.04
CA SER C 122 5.22 -42.03 18.62
C SER C 122 4.65 -43.27 19.29
N ALA C 123 5.17 -44.47 19.00
CA ALA C 123 4.68 -45.66 19.69
C ALA C 123 5.05 -45.67 21.17
N ALA C 124 6.05 -44.88 21.58
CA ALA C 124 6.49 -44.82 22.97
C ALA C 124 5.66 -43.85 23.82
N TYR C 125 4.74 -43.12 23.21
CA TYR C 125 3.93 -42.14 23.92
C TYR C 125 2.77 -42.81 24.65
N CYS C 126 2.49 -42.31 25.85
CA CYS C 126 1.32 -42.72 26.64
CA CYS C 126 1.32 -42.72 26.63
C CYS C 126 0.41 -41.49 26.72
N GLY C 127 -0.63 -41.48 25.92
CA GLY C 127 -1.46 -40.28 25.80
C GLY C 127 -0.88 -39.34 24.75
N SER C 128 -1.43 -38.16 24.67
CA SER C 128 -0.95 -37.25 23.64
C SER C 128 0.08 -36.27 24.18
N PRO C 129 0.94 -35.71 23.31
CA PRO C 129 1.88 -34.69 23.79
C PRO C 129 1.16 -33.41 24.21
N ARG C 130 1.65 -32.81 25.29
CA ARG C 130 1.15 -31.52 25.77
CA ARG C 130 1.15 -31.51 25.72
C ARG C 130 2.32 -30.61 26.08
N LEU C 131 2.17 -29.32 25.75
CA LEU C 131 3.17 -28.29 26.01
C LEU C 131 2.65 -27.41 27.14
N VAL C 132 3.31 -27.45 28.31
CA VAL C 132 2.80 -26.88 29.55
C VAL C 132 3.95 -26.29 30.36
N PHE C 133 3.59 -25.56 31.43
CA PHE C 133 4.54 -25.15 32.46
C PHE C 133 4.65 -26.27 33.47
N ALA C 134 5.88 -26.67 33.80
CA ALA C 134 6.12 -27.74 34.76
C ALA C 134 5.96 -27.23 36.19
N ASP C 135 5.60 -28.14 37.10
CA ASP C 135 5.55 -27.82 38.52
C ASP C 135 6.75 -28.34 39.29
N GLY C 136 7.67 -29.05 38.62
CA GLY C 136 8.88 -29.52 39.26
C GLY C 136 8.80 -30.94 39.83
N SER C 137 7.62 -31.55 39.82
CA SER C 137 7.44 -32.90 40.34
C SER C 137 7.50 -33.97 39.26
N GLU C 138 7.64 -33.59 38.00
CA GLU C 138 7.56 -34.54 36.90
C GLU C 138 8.89 -35.29 36.75
N THR C 139 8.83 -36.45 36.10
CA THR C 139 10.02 -37.24 35.84
C THR C 139 10.44 -37.13 34.38
N PHE C 140 11.75 -37.12 34.16
CA PHE C 140 12.37 -37.02 32.84
C PHE C 140 13.45 -38.08 32.78
N ASP C 141 13.33 -39.03 31.84
CA ASP C 141 14.35 -40.06 31.66
C ASP C 141 15.34 -39.62 30.60
N THR C 142 16.62 -39.60 30.96
CA THR C 142 17.65 -38.95 30.18
C THR C 142 18.93 -39.76 30.32
N LEU C 143 20.05 -39.17 29.92
CA LEU C 143 21.36 -39.78 30.10
C LEU C 143 22.22 -38.84 30.92
N LYS C 144 22.77 -39.35 32.01
CA LYS C 144 23.64 -38.58 32.89
C LYS C 144 25.11 -38.75 32.53
N GLU C 145 25.58 -40.00 32.41
CA GLU C 145 26.93 -40.30 31.94
C GLU C 145 26.82 -41.53 31.05
N GLY C 146 26.18 -41.35 29.90
CA GLY C 146 25.98 -42.42 28.94
C GLY C 146 25.04 -43.52 29.38
N GLN C 147 24.61 -43.53 30.63
CA GLN C 147 23.71 -44.55 31.15
C GLN C 147 22.37 -43.93 31.51
N PRO C 148 21.30 -44.74 31.57
CA PRO C 148 19.98 -44.19 31.90
C PRO C 148 19.96 -43.49 33.26
N ALA C 149 19.23 -42.38 33.32
CA ALA C 149 19.13 -41.57 34.51
C ALA C 149 17.79 -40.85 34.50
N THR C 150 17.36 -40.46 35.68
CA THR C 150 16.09 -39.75 35.86
C THR C 150 16.35 -38.45 36.61
N GLU C 151 15.58 -37.42 36.26
CA GLU C 151 15.70 -36.12 36.89
C GLU C 151 14.36 -35.42 36.74
N SER C 152 14.25 -34.23 37.33
CA SER C 152 13.00 -33.49 37.25
C SER C 152 13.23 -32.11 36.65
N PRO C 153 12.25 -31.54 35.95
CA PRO C 153 12.43 -30.19 35.40
C PRO C 153 12.32 -29.16 36.51
N GLU C 154 12.73 -27.92 36.21
CA GLU C 154 12.57 -26.84 37.18
C GLU C 154 11.11 -26.43 37.29
N PRO C 155 10.65 -26.05 38.49
CA PRO C 155 9.30 -25.45 38.59
C PRO C 155 9.20 -24.23 37.69
N GLY C 156 8.13 -24.17 36.88
CA GLY C 156 7.98 -23.12 35.90
C GLY C 156 8.68 -23.34 34.56
N GLU C 157 9.50 -24.39 34.42
CA GLU C 157 10.12 -24.72 33.14
C GLU C 157 9.06 -25.18 32.12
N VAL C 158 9.23 -24.78 30.87
CA VAL C 158 8.30 -25.22 29.83
C VAL C 158 8.72 -26.60 29.35
N ILE C 159 7.77 -27.54 29.32
CA ILE C 159 8.04 -28.92 28.95
C ILE C 159 7.02 -29.42 27.94
N TRP C 160 7.48 -30.30 27.05
CA TRP C 160 6.59 -31.26 26.41
C TRP C 160 6.48 -32.49 27.31
N ARG C 161 5.29 -33.08 27.37
CA ARG C 161 5.09 -34.23 28.24
C ARG C 161 3.94 -35.07 27.70
N ASP C 162 3.89 -36.32 28.16
CA ASP C 162 2.71 -37.16 27.92
C ASP C 162 2.13 -37.56 29.28
N ASP C 163 1.32 -38.62 29.34
CA ASP C 163 0.72 -38.95 30.63
C ASP C 163 1.75 -39.47 31.62
N ARG C 164 2.84 -40.07 31.14
CA ARG C 164 3.86 -40.60 32.04
C ARG C 164 4.76 -39.52 32.60
N GLY C 165 5.34 -38.67 31.75
CA GLY C 165 6.20 -37.61 32.24
C GLY C 165 6.76 -36.76 31.13
N VAL C 166 7.87 -36.08 31.43
CA VAL C 166 8.50 -35.15 30.49
C VAL C 166 9.09 -35.90 29.30
N THR C 167 8.81 -35.42 28.09
CA THR C 167 9.45 -35.97 26.90
C THR C 167 10.44 -35.01 26.25
N CYS C 168 10.41 -33.73 26.59
CA CYS C 168 11.44 -32.78 26.16
C CYS C 168 11.54 -31.67 27.22
N ARG C 169 12.76 -31.42 27.69
CA ARG C 169 12.97 -30.38 28.68
C ARG C 169 13.23 -29.02 28.03
N ARG C 170 12.89 -27.95 28.76
CA ARG C 170 13.17 -26.56 28.37
C ARG C 170 12.70 -26.29 26.93
N TRP C 171 11.46 -26.70 26.66
CA TRP C 171 10.73 -26.50 25.41
C TRP C 171 11.31 -27.35 24.29
N ASN C 172 12.50 -27.00 23.81
CA ASN C 172 13.14 -27.76 22.75
C ASN C 172 14.65 -27.88 22.98
N TRP C 173 15.08 -27.93 24.24
CA TRP C 173 16.51 -28.03 24.54
C TRP C 173 17.02 -29.49 24.47
N ARG C 174 16.31 -30.43 25.09
CA ARG C 174 16.81 -31.80 25.15
C ARG C 174 15.65 -32.78 25.19
N GLN C 175 15.63 -33.68 24.20
CA GLN C 175 14.67 -34.79 24.18
C GLN C 175 15.06 -35.87 25.19
N GLY C 176 14.04 -36.57 25.71
CA GLY C 176 14.27 -37.69 26.60
C GLY C 176 14.64 -38.96 25.84
N VAL C 177 15.00 -39.99 26.61
CA VAL C 177 15.43 -41.27 26.03
C VAL C 177 14.24 -42.12 25.61
N ARG C 178 13.17 -42.09 26.40
CA ARG C 178 12.06 -43.02 26.22
C ARG C 178 11.44 -42.91 24.83
N THR C 179 11.34 -41.69 24.30
CA THR C 179 10.65 -41.44 23.04
C THR C 179 11.62 -41.15 21.90
N ARG C 180 12.90 -41.50 22.06
CA ARG C 180 13.90 -41.24 21.03
C ARG C 180 13.51 -41.93 19.72
N LEU C 181 13.75 -41.22 18.61
CA LEU C 181 13.37 -41.71 17.29
C LEU C 181 14.49 -42.53 16.68
N SER C 182 14.13 -43.64 16.06
CA SER C 182 15.03 -44.41 15.21
C SER C 182 14.42 -44.56 13.82
N ALA C 183 15.30 -44.68 12.81
CA ALA C 183 14.85 -44.83 11.43
C ALA C 183 13.99 -46.06 11.21
N SER C 184 14.06 -47.05 12.10
CA SER C 184 13.25 -48.25 11.99
C SER C 184 11.90 -48.14 12.71
N ASP C 185 11.57 -46.98 13.29
CA ASP C 185 10.27 -46.84 13.92
C ASP C 185 9.14 -46.93 12.89
N LYS C 186 8.09 -47.65 13.23
CA LYS C 186 6.95 -47.73 12.33
C LYS C 186 6.07 -46.49 12.40
N ALA C 187 6.16 -45.70 13.47
CA ALA C 187 5.31 -44.53 13.69
C ALA C 187 6.14 -43.42 14.31
N MET C 188 6.17 -42.26 13.64
CA MET C 188 7.01 -41.14 14.01
C MET C 188 6.20 -39.86 14.20
N TRP C 189 6.66 -38.98 15.07
CA TRP C 189 6.04 -37.68 15.29
C TRP C 189 7.11 -36.61 15.26
N PHE C 190 6.95 -35.62 14.40
CA PHE C 190 7.88 -34.51 14.29
C PHE C 190 7.19 -33.21 14.70
N ILE C 191 7.94 -32.32 15.34
CA ILE C 191 7.40 -31.01 15.69
C ILE C 191 8.40 -29.95 15.25
N LEU C 192 7.97 -29.09 14.33
CA LEU C 192 8.80 -28.01 13.81
C LEU C 192 8.28 -26.73 14.44
N GLU C 193 9.08 -26.12 15.33
CA GLU C 193 8.60 -25.08 16.23
C GLU C 193 9.20 -23.72 15.86
N SER C 194 8.36 -22.68 15.79
CA SER C 194 8.76 -21.36 15.27
C SER C 194 8.09 -20.22 16.04
N LEU C 195 8.72 -19.04 15.94
CA LEU C 195 8.22 -17.77 16.48
C LEU C 195 8.00 -16.78 15.34
N PRO C 196 7.30 -15.65 15.58
CA PRO C 196 7.01 -14.73 14.47
C PRO C 196 8.23 -14.27 13.69
N GLU C 197 9.40 -14.29 14.33
CA GLU C 197 10.64 -13.90 13.65
C GLU C 197 10.99 -14.82 12.48
N MET C 198 10.40 -16.01 12.41
CA MET C 198 10.53 -16.84 11.22
C MET C 198 9.28 -16.70 10.37
N PRO C 199 9.40 -16.37 9.08
CA PRO C 199 8.20 -16.22 8.24
C PRO C 199 7.46 -17.54 8.12
N VAL C 200 6.14 -17.50 8.34
CA VAL C 200 5.35 -18.73 8.35
C VAL C 200 5.45 -19.48 7.03
N ASP C 201 5.62 -18.77 5.90
CA ASP C 201 5.82 -19.44 4.64
C ASP C 201 7.10 -20.27 4.63
N GLU C 202 8.12 -19.85 5.37
CA GLU C 202 9.34 -20.64 5.46
C GLU C 202 9.15 -21.87 6.34
N LEU C 203 8.27 -21.79 7.35
CA LEU C 203 7.94 -22.97 8.14
C LEU C 203 7.28 -24.04 7.25
N TYR C 204 6.31 -23.63 6.43
CA TYR C 204 5.71 -24.56 5.48
C TYR C 204 6.76 -25.20 4.61
N ALA C 205 7.75 -24.41 4.16
CA ALA C 205 8.79 -24.94 3.29
C ALA C 205 9.69 -25.92 4.02
N ALA C 206 9.97 -25.66 5.30
CA ALA C 206 10.73 -26.62 6.09
C ALA C 206 9.99 -27.95 6.21
N GLY C 207 8.69 -27.89 6.50
CA GLY C 207 7.92 -29.12 6.58
C GLY C 207 7.93 -29.87 5.25
N ASN C 208 7.89 -29.13 4.15
CA ASN C 208 7.89 -29.73 2.83
C ASN C 208 9.25 -30.38 2.50
N MET C 209 10.35 -29.76 2.93
CA MET C 209 11.64 -30.43 2.81
C MET C 209 11.67 -31.73 3.61
N LEU C 210 11.11 -31.71 4.83
CA LEU C 210 11.12 -32.90 5.67
C LEU C 210 10.31 -34.05 5.03
N THR C 211 9.05 -33.80 4.68
CA THR C 211 8.21 -34.89 4.14
C THR C 211 8.69 -35.35 2.76
N ASP C 212 9.27 -34.47 1.96
CA ASP C 212 9.83 -34.90 0.69
C ASP C 212 10.97 -35.88 0.92
N GLY C 213 11.88 -35.53 1.84
CA GLY C 213 13.01 -36.40 2.10
C GLY C 213 12.60 -37.74 2.70
N LEU C 214 11.64 -37.71 3.63
CA LEU C 214 11.13 -38.93 4.24
C LEU C 214 10.51 -39.84 3.18
N GLU C 215 9.80 -39.24 2.23
CA GLU C 215 9.13 -40.04 1.21
C GLU C 215 10.12 -40.63 0.21
N LYS C 216 11.13 -39.85 -0.19
CA LYS C 216 12.18 -40.40 -1.05
C LYS C 216 12.94 -41.49 -0.32
N MET C 217 13.17 -41.32 0.98
CA MET C 217 13.88 -42.32 1.76
C MET C 217 13.07 -43.61 1.90
N MET C 218 11.74 -43.50 2.02
CA MET C 218 10.87 -44.62 2.36
C MET C 218 9.60 -44.58 1.51
N PRO C 219 9.68 -45.00 0.25
CA PRO C 219 8.51 -44.91 -0.63
C PRO C 219 7.29 -45.60 -0.03
N GLY C 220 6.14 -44.92 -0.10
CA GLY C 220 4.92 -45.41 0.52
C GLY C 220 4.65 -44.82 1.90
N LEU C 221 5.63 -44.12 2.47
CA LEU C 221 5.43 -43.40 3.72
C LEU C 221 4.29 -42.38 3.58
N ARG C 222 3.52 -42.22 4.65
CA ARG C 222 2.40 -41.27 4.70
C ARG C 222 2.53 -40.36 5.89
N PHE C 223 2.00 -39.13 5.76
CA PHE C 223 2.09 -38.14 6.82
C PHE C 223 0.77 -37.38 6.97
N GLU C 224 0.53 -36.88 8.17
CA GLU C 224 -0.55 -35.92 8.44
C GLU C 224 0.06 -34.78 9.24
N SER C 225 -0.09 -33.56 8.73
CA SER C 225 0.56 -32.39 9.30
C SER C 225 -0.47 -31.34 9.69
N THR C 226 -0.34 -30.80 10.91
CA THR C 226 -1.29 -29.84 11.46
C THR C 226 -0.55 -28.63 11.99
N LEU C 227 -1.05 -27.44 11.67
CA LEU C 227 -0.51 -26.21 12.23
C LEU C 227 -1.17 -25.92 13.58
N ILE C 228 -0.35 -25.84 14.63
CA ILE C 228 -0.79 -25.56 16.00
C ILE C 228 -0.07 -24.32 16.50
N GLY C 229 -0.61 -23.71 17.56
CA GLY C 229 -0.01 -22.48 18.07
C GLY C 229 -0.69 -21.95 19.32
N VAL C 230 -0.12 -20.87 19.84
CA VAL C 230 -0.64 -20.23 21.03
C VAL C 230 -0.40 -18.71 20.97
N SER D 5 -34.40 -7.39 29.62
CA SER D 5 -34.64 -6.89 28.27
C SER D 5 -35.06 -8.02 27.31
N MET D 6 -35.42 -7.63 26.09
CA MET D 6 -35.86 -8.57 25.07
C MET D 6 -34.68 -8.97 24.19
N LEU D 7 -34.40 -10.27 24.11
CA LEU D 7 -33.30 -10.83 23.33
C LEU D 7 -33.87 -11.68 22.21
N PRO D 8 -34.14 -11.13 21.04
CA PRO D 8 -34.80 -11.92 19.99
C PRO D 8 -33.84 -12.94 19.41
N SER D 9 -34.40 -14.04 18.93
CA SER D 9 -33.63 -15.05 18.22
C SER D 9 -34.30 -15.39 16.89
N ILE D 10 -33.50 -15.89 15.95
CA ILE D 10 -33.96 -16.26 14.61
C ILE D 10 -33.60 -17.72 14.34
N SER D 11 -34.54 -18.46 13.79
CA SER D 11 -34.26 -19.83 13.40
C SER D 11 -33.20 -19.86 12.29
N PRO D 12 -32.18 -20.71 12.40
CA PRO D 12 -31.19 -20.82 11.30
C PRO D 12 -31.84 -21.21 9.98
N GLU D 13 -32.99 -21.87 10.01
CA GLU D 13 -33.62 -22.33 8.78
C GLU D 13 -34.03 -21.17 7.88
N LEU D 14 -34.18 -19.97 8.44
CA LEU D 14 -34.61 -18.82 7.63
C LEU D 14 -33.57 -18.43 6.58
N ALA D 15 -32.30 -18.79 6.77
CA ALA D 15 -31.29 -18.51 5.75
C ALA D 15 -31.56 -19.22 4.44
N ARG D 16 -32.36 -20.29 4.44
CA ARG D 16 -32.75 -20.93 3.19
C ARG D 16 -33.43 -19.94 2.25
N ILE D 17 -34.26 -19.04 2.79
CA ILE D 17 -35.03 -18.14 1.95
C ILE D 17 -34.57 -16.69 2.03
N ALA D 18 -33.90 -16.27 3.11
CA ALA D 18 -33.51 -14.86 3.29
C ALA D 18 -32.07 -14.76 3.76
N PRO D 19 -31.12 -15.23 2.95
CA PRO D 19 -29.71 -15.15 3.36
C PRO D 19 -29.24 -13.70 3.38
N GLY D 20 -28.46 -13.37 4.40
CA GLY D 20 -28.03 -11.99 4.55
C GLY D 20 -29.07 -11.07 5.15
N PHE D 21 -30.16 -11.61 5.70
CA PHE D 21 -31.11 -10.77 6.42
C PHE D 21 -30.46 -10.16 7.65
N ARG D 22 -30.78 -8.90 7.91
CA ARG D 22 -30.21 -8.19 9.06
C ARG D 22 -31.20 -7.17 9.55
N ALA D 23 -31.20 -6.96 10.87
CA ALA D 23 -32.19 -6.07 11.49
C ALA D 23 -31.59 -5.43 12.74
N LEU D 24 -32.03 -4.22 13.03
CA LEU D 24 -31.78 -3.59 14.33
C LEU D 24 -32.93 -3.89 15.28
N SER D 25 -32.60 -4.42 16.45
CA SER D 25 -33.55 -4.75 17.50
C SER D 25 -33.32 -3.75 18.64
N ILE D 26 -34.29 -2.85 18.86
CA ILE D 26 -34.09 -1.69 19.73
C ILE D 26 -35.05 -1.77 20.91
N ASN D 27 -34.50 -2.00 22.11
CA ASN D 27 -35.24 -1.96 23.36
C ASN D 27 -35.23 -0.54 23.93
N VAL D 28 -36.40 -0.04 24.31
CA VAL D 28 -36.56 1.35 24.72
C VAL D 28 -37.24 1.42 26.08
N ILE D 29 -36.72 2.27 26.95
CA ILE D 29 -37.41 2.71 28.16
C ILE D 29 -37.83 4.15 27.92
N ALA D 30 -39.14 4.38 27.82
CA ALA D 30 -39.68 5.69 27.46
C ALA D 30 -39.66 6.63 28.66
N ALA D 31 -40.00 7.89 28.38
CA ALA D 31 -40.03 8.98 29.35
C ALA D 31 -41.26 9.84 29.07
N PRO D 32 -41.60 10.81 29.93
CA PRO D 32 -42.74 11.69 29.62
C PRO D 32 -42.57 12.43 28.30
N ILE D 33 -43.66 12.51 27.53
CA ILE D 33 -43.62 13.23 26.26
C ILE D 33 -43.50 14.73 26.51
N ARG D 34 -42.58 15.37 25.80
CA ARG D 34 -42.35 16.80 25.96
C ARG D 34 -42.36 17.56 24.64
N ASP D 35 -42.35 16.87 23.50
CA ASP D 35 -42.48 17.48 22.18
C ASP D 35 -43.33 16.53 21.33
N ALA D 36 -44.64 16.61 21.52
CA ALA D 36 -45.58 15.71 20.86
C ALA D 36 -45.65 15.92 19.34
N GLN D 37 -45.06 17.00 18.83
CA GLN D 37 -45.07 17.28 17.40
C GLN D 37 -44.08 16.40 16.61
N VAL D 38 -43.09 15.80 17.28
CA VAL D 38 -41.96 15.21 16.56
C VAL D 38 -42.43 14.22 15.51
N GLY D 39 -43.34 13.32 15.89
CA GLY D 39 -43.78 12.29 14.97
C GLY D 39 -44.50 12.87 13.76
N GLU D 40 -45.41 13.81 14.01
CA GLU D 40 -46.18 14.40 12.92
C GLU D 40 -45.26 15.10 11.91
N ILE D 41 -44.30 15.87 12.40
CA ILE D 41 -43.38 16.59 11.52
C ILE D 41 -42.56 15.61 10.70
N ALA D 42 -41.97 14.62 11.36
CA ALA D 42 -41.17 13.62 10.65
C ALA D 42 -42.01 12.91 9.59
N LEU D 43 -43.27 12.63 9.89
CA LEU D 43 -44.14 11.94 8.93
C LEU D 43 -44.37 12.79 7.70
N LYS D 44 -44.65 14.09 7.90
CA LYS D 44 -44.91 14.99 6.79
C LYS D 44 -43.70 15.09 5.87
N GLU D 45 -42.51 15.28 6.44
CA GLU D 45 -41.30 15.38 5.64
C GLU D 45 -40.88 14.05 5.02
N ALA D 46 -41.32 12.93 5.59
CA ALA D 46 -41.04 11.63 4.97
C ALA D 46 -41.91 11.42 3.74
N CYS D 47 -43.18 11.81 3.82
CA CYS D 47 -44.06 11.70 2.66
C CYS D 47 -43.58 12.58 1.52
N GLN D 48 -43.02 13.76 1.83
CA GLN D 48 -42.41 14.57 0.79
C GLN D 48 -41.27 13.83 0.10
N ALA D 49 -40.40 13.20 0.89
CA ALA D 49 -39.25 12.49 0.32
C ALA D 49 -39.69 11.37 -0.61
N VAL D 50 -40.68 10.58 -0.18
CA VAL D 50 -41.18 9.50 -1.03
C VAL D 50 -41.77 10.07 -2.32
N ILE D 51 -42.50 11.17 -2.21
CA ILE D 51 -43.10 11.80 -3.38
C ILE D 51 -42.02 12.25 -4.35
N ASN D 52 -40.91 12.78 -3.84
CA ASN D 52 -39.77 13.14 -4.67
C ASN D 52 -38.97 11.93 -5.16
N GLY D 53 -39.41 10.70 -4.88
CA GLY D 53 -38.79 9.51 -5.40
C GLY D 53 -37.77 8.84 -4.50
N GLN D 54 -37.56 9.33 -3.30
CA GLN D 54 -36.57 8.76 -2.41
C GLN D 54 -37.16 7.59 -1.63
N PRO D 55 -36.32 6.66 -1.15
CA PRO D 55 -34.87 6.61 -1.35
C PRO D 55 -34.47 5.76 -2.57
N ALA D 56 -33.19 5.82 -2.95
CA ALA D 56 -32.75 5.23 -4.22
C ALA D 56 -32.90 3.71 -4.24
N TRP D 57 -32.80 3.05 -3.09
CA TRP D 57 -32.87 1.60 -3.04
C TRP D 57 -34.30 1.06 -2.87
N ALA D 58 -35.31 1.93 -2.95
CA ALA D 58 -36.67 1.55 -2.54
C ALA D 58 -37.19 0.38 -3.36
N GLN D 59 -37.15 0.48 -4.69
CA GLN D 59 -37.68 -0.60 -5.53
C GLN D 59 -36.90 -1.90 -5.31
N ALA D 60 -35.57 -1.83 -5.30
CA ALA D 60 -34.78 -3.03 -5.11
C ALA D 60 -35.06 -3.68 -3.76
N HIS D 61 -35.18 -2.87 -2.70
CA HIS D 61 -35.46 -3.44 -1.39
C HIS D 61 -36.84 -4.05 -1.33
N ILE D 62 -37.86 -3.33 -1.83
CA ILE D 62 -39.21 -3.87 -1.80
C ILE D 62 -39.31 -5.13 -2.65
N ASP D 63 -38.71 -5.11 -3.85
CA ASP D 63 -38.69 -6.31 -4.70
C ASP D 63 -38.05 -7.48 -3.97
N ALA D 64 -36.97 -7.23 -3.24
CA ALA D 64 -36.30 -8.30 -2.50
C ALA D 64 -37.22 -8.90 -1.45
N TRP D 65 -37.97 -8.04 -0.73
CA TRP D 65 -38.89 -8.56 0.28
C TRP D 65 -40.01 -9.38 -0.36
N ASN D 66 -40.47 -8.98 -1.55
CA ASN D 66 -41.53 -9.72 -2.23
C ASN D 66 -41.06 -11.11 -2.66
N THR D 67 -39.78 -11.25 -3.02
CA THR D 67 -39.23 -12.56 -3.27
C THR D 67 -39.30 -13.41 -2.01
N VAL D 68 -38.87 -12.84 -0.88
CA VAL D 68 -38.87 -13.57 0.39
C VAL D 68 -40.29 -14.02 0.74
N LEU D 69 -41.25 -13.10 0.62
CA LEU D 69 -42.65 -13.43 0.91
C LEU D 69 -43.12 -14.61 0.07
N LYS D 70 -42.88 -14.55 -1.24
CA LYS D 70 -43.28 -15.66 -2.11
C LYS D 70 -42.64 -16.97 -1.67
N ALA D 71 -41.40 -16.90 -1.17
CA ALA D 71 -40.65 -18.09 -0.80
C ALA D 71 -41.24 -18.84 0.39
N PHE D 72 -42.13 -18.22 1.19
CA PHE D 72 -42.88 -19.00 2.18
C PHE D 72 -44.36 -19.06 1.85
N GLY D 73 -44.70 -18.90 0.57
CA GLY D 73 -46.05 -19.18 0.11
C GLY D 73 -46.99 -18.00 0.07
N ALA D 74 -46.53 -16.80 0.42
CA ALA D 74 -47.41 -15.65 0.52
C ALA D 74 -47.56 -14.97 -0.83
N LYS D 75 -48.70 -14.32 -1.03
CA LYS D 75 -48.94 -13.53 -2.23
C LYS D 75 -48.74 -12.06 -1.89
N PRO D 76 -47.56 -11.48 -2.20
CA PRO D 76 -47.23 -10.15 -1.67
C PRO D 76 -48.10 -9.03 -2.21
N LYS D 77 -48.72 -9.20 -3.37
CA LYS D 77 -49.66 -8.20 -3.82
C LYS D 77 -50.81 -8.09 -2.84
N ARG D 78 -51.28 -9.22 -2.31
CA ARG D 78 -52.40 -9.25 -1.38
C ARG D 78 -51.97 -8.90 0.05
N THR D 79 -50.80 -9.34 0.47
CA THR D 79 -50.31 -9.14 1.85
C THR D 79 -48.90 -8.59 1.77
N PRO D 80 -48.75 -7.29 1.51
CA PRO D 80 -47.41 -6.71 1.33
C PRO D 80 -46.66 -6.57 2.65
N CYS D 81 -45.34 -6.43 2.53
CA CYS D 81 -44.54 -6.03 3.67
C CYS D 81 -44.95 -4.62 4.09
N SER D 82 -44.82 -4.34 5.39
CA SER D 82 -45.29 -3.07 5.95
C SER D 82 -44.72 -1.87 5.20
N ALA D 83 -43.43 -1.94 4.83
CA ALA D 83 -42.80 -0.80 4.15
C ALA D 83 -43.48 -0.51 2.81
N GLU D 84 -43.92 -1.55 2.11
CA GLU D 84 -44.57 -1.31 0.83
C GLU D 84 -46.00 -0.80 1.04
N ALA D 85 -46.73 -1.39 1.99
CA ALA D 85 -48.07 -0.91 2.31
C ALA D 85 -48.08 0.59 2.57
N LEU D 86 -47.09 1.08 3.34
CA LEU D 86 -47.03 2.51 3.63
C LEU D 86 -46.71 3.32 2.39
N ARG D 87 -45.78 2.82 1.56
CA ARG D 87 -45.34 3.57 0.38
C ARG D 87 -46.47 3.72 -0.62
N LYS D 88 -47.20 2.64 -0.89
CA LYS D 88 -48.26 2.70 -1.89
C LYS D 88 -49.40 3.64 -1.46
N ARG D 89 -49.68 3.71 -0.16
CA ARG D 89 -50.70 4.65 0.31
C ARG D 89 -50.23 6.09 0.18
N VAL D 90 -48.95 6.35 0.47
CA VAL D 90 -48.44 7.72 0.33
C VAL D 90 -48.47 8.16 -1.13
N LEU D 91 -48.06 7.27 -2.05
CA LEU D 91 -48.08 7.62 -3.46
C LEU D 91 -49.48 7.77 -4.02
N LYS D 92 -50.47 7.16 -3.39
CA LYS D 92 -51.86 7.29 -3.83
C LYS D 92 -52.53 8.53 -3.26
N ASP D 93 -52.21 8.89 -2.02
CA ASP D 93 -52.85 10.03 -1.36
C ASP D 93 -51.95 11.27 -1.27
N GLY D 94 -50.65 11.13 -1.49
CA GLY D 94 -49.74 12.23 -1.24
C GLY D 94 -49.50 12.54 0.21
N THR D 95 -50.16 11.84 1.13
CA THR D 95 -50.00 12.10 2.56
C THR D 95 -50.50 10.89 3.33
N MET D 96 -50.21 10.89 4.63
CA MET D 96 -50.60 9.82 5.54
C MET D 96 -51.20 10.41 6.81
N ALA D 97 -52.14 9.67 7.39
CA ALA D 97 -52.89 10.16 8.53
C ALA D 97 -52.12 9.95 9.83
N ALA D 98 -52.19 10.96 10.71
CA ALA D 98 -51.60 10.85 12.04
C ALA D 98 -52.50 10.00 12.93
N LEU D 99 -51.88 9.17 13.75
CA LEU D 99 -52.61 8.29 14.67
C LEU D 99 -52.16 8.42 16.11
N ASP D 100 -50.87 8.56 16.34
CA ASP D 100 -50.19 8.46 17.63
C ASP D 100 -48.76 8.92 17.37
N PRO D 101 -48.19 9.78 18.23
CA PRO D 101 -46.90 10.40 17.87
C PRO D 101 -45.75 9.40 17.71
N VAL D 102 -45.71 8.32 18.47
CA VAL D 102 -44.63 7.35 18.28
C VAL D 102 -44.84 6.54 17.00
N VAL D 103 -46.08 6.09 16.77
CA VAL D 103 -46.39 5.38 15.53
C VAL D 103 -46.07 6.25 14.31
N ASP D 104 -46.48 7.52 14.34
CA ASP D 104 -46.15 8.42 13.24
C ASP D 104 -44.65 8.49 13.00
N LEU D 105 -43.87 8.59 14.07
CA LEU D 105 -42.42 8.65 13.92
C LEU D 105 -41.87 7.39 13.26
N TYR D 106 -42.29 6.21 13.71
CA TYR D 106 -41.64 5.01 13.17
C TYR D 106 -42.18 4.66 11.79
N ASN D 107 -43.43 5.03 11.47
CA ASN D 107 -43.89 4.98 10.09
C ASN D 107 -43.07 5.93 9.22
N ALA D 108 -42.75 7.12 9.73
CA ALA D 108 -41.92 8.07 8.99
C ALA D 108 -40.54 7.51 8.69
N VAL D 109 -39.93 6.82 9.67
CA VAL D 109 -38.63 6.19 9.41
C VAL D 109 -38.76 5.15 8.31
N SER D 110 -39.82 4.35 8.36
CA SER D 110 -40.02 3.31 7.36
C SER D 110 -40.15 3.90 5.97
N LEU D 111 -40.85 5.03 5.85
CA LEU D 111 -41.06 5.67 4.56
C LEU D 111 -39.77 6.28 4.03
N ARG D 112 -39.09 7.06 4.87
CA ARG D 112 -37.90 7.77 4.42
C ARG D 112 -36.78 6.80 4.02
N TYR D 113 -36.71 5.63 4.65
CA TYR D 113 -35.61 4.71 4.38
C TYR D 113 -36.08 3.44 3.66
N ALA D 114 -37.34 3.39 3.24
CA ALA D 114 -37.91 2.24 2.54
C ALA D 114 -37.56 0.93 3.24
N VAL D 115 -37.81 0.89 4.55
CA VAL D 115 -37.42 -0.27 5.35
C VAL D 115 -38.60 -0.66 6.26
N PRO D 116 -38.96 -1.93 6.34
CA PRO D 116 -40.01 -2.33 7.30
C PRO D 116 -39.58 -2.00 8.73
N VAL D 117 -40.47 -1.34 9.47
CA VAL D 117 -40.20 -0.98 10.87
C VAL D 117 -41.40 -1.41 11.71
N GLY D 118 -41.17 -2.32 12.65
CA GLY D 118 -42.19 -2.73 13.60
C GLY D 118 -41.99 -2.07 14.95
N GLY D 119 -43.10 -1.82 15.64
CA GLY D 119 -43.06 -1.22 16.97
C GLY D 119 -44.08 -1.84 17.89
N GLU D 120 -43.66 -2.23 19.10
CA GLU D 120 -44.53 -2.99 19.98
C GLU D 120 -44.33 -2.59 21.43
N ASN D 121 -45.34 -2.92 22.23
CA ASN D 121 -45.31 -2.78 23.68
C ASN D 121 -44.60 -4.00 24.26
N SER D 122 -43.39 -3.83 24.79
CA SER D 122 -42.68 -5.01 25.25
C SER D 122 -43.17 -5.53 26.60
N ALA D 123 -43.92 -4.71 27.37
CA ALA D 123 -44.53 -5.26 28.58
C ALA D 123 -45.58 -6.33 28.25
N ALA D 124 -46.08 -6.36 27.02
CA ALA D 124 -47.06 -7.36 26.61
C ALA D 124 -46.43 -8.70 26.22
N TYR D 125 -45.10 -8.78 26.16
CA TYR D 125 -44.43 -10.00 25.74
C TYR D 125 -44.34 -11.01 26.88
N CYS D 126 -44.58 -12.27 26.54
CA CYS D 126 -44.38 -13.42 27.42
C CYS D 126 -43.18 -14.19 26.87
N GLY D 127 -42.04 -14.07 27.51
CA GLY D 127 -40.82 -14.58 26.91
C GLY D 127 -40.29 -13.62 25.87
N SER D 128 -39.31 -14.08 25.10
CA SER D 128 -38.62 -13.24 24.13
C SER D 128 -39.17 -13.44 22.73
N PRO D 129 -39.02 -12.46 21.84
CA PRO D 129 -39.47 -12.64 20.45
C PRO D 129 -38.61 -13.66 19.72
N ARG D 130 -39.25 -14.46 18.86
CA ARG D 130 -38.56 -15.43 18.03
CA ARG D 130 -38.54 -15.42 18.02
C ARG D 130 -39.11 -15.34 16.61
N LEU D 131 -38.21 -15.45 15.63
CA LEU D 131 -38.55 -15.42 14.21
C LEU D 131 -38.37 -16.84 13.66
N VAL D 132 -39.50 -17.51 13.37
CA VAL D 132 -39.52 -18.95 13.06
C VAL D 132 -40.47 -19.23 11.90
N PHE D 133 -40.37 -20.45 11.35
CA PHE D 133 -41.40 -20.98 10.46
C PHE D 133 -42.54 -21.54 11.30
N ALA D 134 -43.77 -21.12 10.99
CA ALA D 134 -44.94 -21.59 11.73
C ALA D 134 -45.38 -22.97 11.26
N ASP D 135 -45.93 -23.76 12.20
CA ASP D 135 -46.50 -25.06 11.86
C ASP D 135 -48.02 -25.02 11.64
N GLY D 136 -48.68 -23.91 11.97
CA GLY D 136 -50.09 -23.75 11.71
C GLY D 136 -50.99 -23.95 12.91
N SER D 137 -50.46 -24.31 14.07
CA SER D 137 -51.24 -24.50 15.28
C SER D 137 -51.22 -23.29 16.19
N GLU D 138 -50.46 -22.26 15.85
CA GLU D 138 -50.29 -21.11 16.72
C GLU D 138 -51.52 -20.20 16.65
N THR D 139 -51.73 -19.43 17.71
CA THR D 139 -52.83 -18.47 17.74
C THR D 139 -52.31 -17.06 17.51
N PHE D 140 -53.10 -16.26 16.78
CA PHE D 140 -52.78 -14.89 16.47
C PHE D 140 -54.00 -14.03 16.79
N ASP D 141 -53.86 -13.09 17.70
CA ASP D 141 -54.98 -12.22 18.07
C ASP D 141 -54.91 -10.95 17.25
N THR D 142 -55.95 -10.71 16.46
CA THR D 142 -55.98 -9.65 15.45
C THR D 142 -57.36 -9.01 15.51
N LEU D 143 -57.74 -8.32 14.43
CA LEU D 143 -59.05 -7.70 14.32
C LEU D 143 -59.72 -8.15 13.03
N LYS D 144 -61.02 -8.45 13.12
CA LYS D 144 -61.88 -8.65 11.96
C LYS D 144 -63.13 -7.79 12.14
N GLU D 145 -63.44 -6.99 11.13
CA GLU D 145 -64.51 -6.00 11.21
C GLU D 145 -64.33 -5.11 12.45
N GLY D 146 -63.11 -4.61 12.62
CA GLY D 146 -62.78 -3.72 13.71
C GLY D 146 -62.97 -4.29 15.10
N GLN D 147 -63.21 -5.59 15.19
CA GLN D 147 -63.47 -6.19 16.49
C GLN D 147 -62.51 -7.33 16.75
N PRO D 148 -62.25 -7.65 18.02
CA PRO D 148 -61.26 -8.68 18.35
C PRO D 148 -61.56 -10.02 17.67
N ALA D 149 -60.49 -10.70 17.27
CA ALA D 149 -60.59 -11.96 16.55
C ALA D 149 -59.32 -12.75 16.78
N THR D 150 -59.41 -14.05 16.53
CA THR D 150 -58.28 -14.95 16.65
C THR D 150 -58.24 -15.84 15.43
N GLU D 151 -57.02 -16.08 14.92
CA GLU D 151 -56.82 -16.90 13.73
C GLU D 151 -55.46 -17.57 13.85
N SER D 152 -55.15 -18.41 12.88
CA SER D 152 -53.90 -19.15 12.90
C SER D 152 -53.08 -18.87 11.65
N PRO D 153 -51.75 -18.89 11.75
CA PRO D 153 -50.92 -18.72 10.55
C PRO D 153 -50.96 -19.97 9.67
N GLU D 154 -50.64 -19.77 8.40
CA GLU D 154 -50.47 -20.89 7.49
C GLU D 154 -49.24 -21.72 7.90
N PRO D 155 -49.30 -23.04 7.79
CA PRO D 155 -48.09 -23.85 7.98
C PRO D 155 -47.01 -23.41 6.99
N GLY D 156 -45.78 -23.23 7.50
CA GLY D 156 -44.70 -22.70 6.69
C GLY D 156 -44.62 -21.19 6.58
N GLU D 157 -45.59 -20.45 7.11
CA GLU D 157 -45.52 -19.00 7.11
C GLU D 157 -44.47 -18.50 8.11
N VAL D 158 -43.72 -17.47 7.74
CA VAL D 158 -42.76 -16.90 8.67
C VAL D 158 -43.48 -15.98 9.63
N ILE D 159 -43.25 -16.16 10.94
CA ILE D 159 -43.91 -15.42 12.01
C ILE D 159 -42.90 -14.95 13.04
N TRP D 160 -43.18 -13.78 13.63
CA TRP D 160 -42.63 -13.43 14.92
C TRP D 160 -43.58 -13.94 16.00
N ARG D 161 -43.03 -14.50 17.06
CA ARG D 161 -43.88 -15.03 18.12
C ARG D 161 -43.16 -14.88 19.45
N ASP D 162 -43.95 -14.95 20.53
CA ASP D 162 -43.39 -15.14 21.87
C ASP D 162 -43.89 -16.47 22.41
N ASP D 163 -43.83 -16.67 23.74
CA ASP D 163 -44.24 -17.96 24.28
C ASP D 163 -45.74 -18.18 24.15
N ARG D 164 -46.54 -17.11 24.04
CA ARG D 164 -47.99 -17.28 23.94
CA ARG D 164 -47.99 -17.28 23.94
C ARG D 164 -48.43 -17.59 22.52
N GLY D 165 -47.90 -16.86 21.53
CA GLY D 165 -48.33 -17.09 20.16
C GLY D 165 -47.74 -16.07 19.22
N VAL D 166 -48.35 -15.99 18.03
CA VAL D 166 -47.89 -15.08 16.98
C VAL D 166 -48.05 -13.64 17.41
N THR D 167 -47.02 -12.82 17.18
CA THR D 167 -47.11 -11.39 17.37
C THR D 167 -47.02 -10.60 16.08
N CYS D 168 -46.47 -11.17 15.01
CA CYS D 168 -46.56 -10.58 13.67
C CYS D 168 -46.68 -11.69 12.63
N ARG D 169 -47.67 -11.58 11.74
CA ARG D 169 -47.89 -12.58 10.71
C ARG D 169 -47.13 -12.23 9.43
N ARG D 170 -46.74 -13.28 8.69
CA ARG D 170 -46.05 -13.16 7.40
C ARG D 170 -44.87 -12.19 7.49
N TRP D 171 -43.99 -12.47 8.47
CA TRP D 171 -42.75 -11.76 8.78
C TRP D 171 -43.01 -10.33 9.25
N ASN D 172 -43.42 -9.44 8.36
CA ASN D 172 -43.70 -8.06 8.75
C ASN D 172 -44.97 -7.53 8.07
N TRP D 173 -45.92 -8.41 7.80
CA TRP D 173 -47.12 -7.97 7.07
C TRP D 173 -48.13 -7.29 8.00
N ARG D 174 -48.40 -7.88 9.17
CA ARG D 174 -49.47 -7.41 10.04
C ARG D 174 -49.15 -7.77 11.48
N GLN D 175 -49.09 -6.76 12.34
CA GLN D 175 -48.88 -6.96 13.77
C GLN D 175 -50.17 -7.36 14.47
N GLY D 176 -50.03 -8.11 15.56
CA GLY D 176 -51.17 -8.48 16.38
C GLY D 176 -51.62 -7.34 17.30
N VAL D 177 -52.79 -7.55 17.91
CA VAL D 177 -53.37 -6.55 18.80
C VAL D 177 -52.70 -6.56 20.17
N ARG D 178 -52.36 -7.75 20.67
CA ARG D 178 -51.89 -7.91 22.04
C ARG D 178 -50.69 -7.02 22.34
N THR D 179 -49.72 -6.96 21.41
CA THR D 179 -48.47 -6.26 21.62
C THR D 179 -48.43 -4.91 20.91
N ARG D 180 -49.60 -4.35 20.59
CA ARG D 180 -49.68 -3.07 19.90
C ARG D 180 -49.05 -1.96 20.74
N LEU D 181 -48.27 -1.09 20.09
CA LEU D 181 -47.57 -0.02 20.76
C LEU D 181 -48.46 1.22 20.89
N SER D 182 -48.39 1.85 22.06
CA SER D 182 -48.97 3.16 22.28
C SER D 182 -47.88 4.10 22.81
N ALA D 183 -48.04 5.39 22.55
CA ALA D 183 -47.02 6.36 22.97
C ALA D 183 -46.87 6.43 24.49
N SER D 184 -47.84 5.95 25.25
CA SER D 184 -47.77 5.95 26.70
C SER D 184 -47.13 4.69 27.29
N ASP D 185 -46.75 3.70 26.46
CA ASP D 185 -46.07 2.51 26.96
C ASP D 185 -44.77 2.88 27.66
N LYS D 186 -44.49 2.21 28.78
CA LYS D 186 -43.24 2.46 29.50
C LYS D 186 -42.08 1.75 28.82
N ALA D 187 -42.33 0.60 28.21
CA ALA D 187 -41.29 -0.24 27.61
C ALA D 187 -41.72 -0.56 26.18
N MET D 188 -40.83 -0.26 25.22
CA MET D 188 -41.11 -0.41 23.79
C MET D 188 -40.04 -1.26 23.10
N TRP D 189 -40.43 -1.94 22.03
CA TRP D 189 -39.52 -2.75 21.21
C TRP D 189 -39.73 -2.43 19.75
N PHE D 190 -38.66 -2.02 19.07
CA PHE D 190 -38.69 -1.73 17.64
C PHE D 190 -37.80 -2.72 16.88
N ILE D 191 -38.26 -3.16 15.72
CA ILE D 191 -37.44 -4.01 14.85
C ILE D 191 -37.43 -3.41 13.45
N LEU D 192 -36.24 -3.02 12.99
CA LEU D 192 -36.06 -2.44 11.66
C LEU D 192 -35.41 -3.52 10.81
N GLU D 193 -36.13 -4.02 9.81
CA GLU D 193 -35.79 -5.27 9.14
C GLU D 193 -35.36 -5.02 7.70
N SER D 194 -34.25 -5.64 7.28
CA SER D 194 -33.67 -5.31 5.98
C SER D 194 -33.03 -6.53 5.32
N LEU D 195 -32.88 -6.43 4.01
CA LEU D 195 -32.24 -7.41 3.15
C LEU D 195 -31.03 -6.79 2.46
N PRO D 196 -30.12 -7.60 1.89
CA PRO D 196 -28.89 -7.02 1.30
C PRO D 196 -29.13 -5.88 0.34
N GLU D 197 -30.29 -5.83 -0.31
CA GLU D 197 -30.57 -4.76 -1.27
C GLU D 197 -30.66 -3.39 -0.61
N MET D 198 -30.77 -3.32 0.72
CA MET D 198 -30.65 -2.06 1.43
C MET D 198 -29.26 -1.95 2.02
N PRO D 199 -28.50 -0.90 1.72
CA PRO D 199 -27.15 -0.75 2.32
C PRO D 199 -27.23 -0.74 3.83
N VAL D 200 -26.33 -1.48 4.47
CA VAL D 200 -26.36 -1.59 5.93
C VAL D 200 -26.05 -0.25 6.59
N ASP D 201 -25.26 0.62 5.95
CA ASP D 201 -25.04 1.95 6.49
C ASP D 201 -26.33 2.75 6.56
N GLU D 202 -27.26 2.49 5.62
CA GLU D 202 -28.56 3.17 5.67
C GLU D 202 -29.45 2.60 6.77
N LEU D 203 -29.34 1.29 7.06
CA LEU D 203 -30.04 0.73 8.21
C LEU D 203 -29.61 1.43 9.49
N TYR D 204 -28.30 1.56 9.71
CA TYR D 204 -27.82 2.28 10.88
C TYR D 204 -28.42 3.68 10.92
N ALA D 205 -28.46 4.35 9.75
CA ALA D 205 -29.00 5.70 9.69
C ALA D 205 -30.48 5.72 10.03
N ALA D 206 -31.22 4.70 9.58
CA ALA D 206 -32.64 4.64 9.91
C ALA D 206 -32.84 4.49 11.41
N GLY D 207 -32.06 3.62 12.05
CA GLY D 207 -32.14 3.50 13.50
C GLY D 207 -31.80 4.80 14.19
N ASN D 208 -30.82 5.53 13.65
CA ASN D 208 -30.41 6.79 14.25
C ASN D 208 -31.52 7.85 14.16
N MET D 209 -32.24 7.89 13.03
CA MET D 209 -33.40 8.78 12.94
C MET D 209 -34.43 8.43 14.00
N LEU D 210 -34.70 7.14 14.18
CA LEU D 210 -35.69 6.69 15.16
C LEU D 210 -35.31 7.12 16.58
N THR D 211 -34.08 6.80 17.01
CA THR D 211 -33.72 7.10 18.40
C THR D 211 -33.55 8.60 18.62
N ASP D 212 -33.18 9.35 17.60
CA ASP D 212 -33.12 10.80 17.73
C ASP D 212 -34.50 11.39 17.94
N GLY D 213 -35.48 10.95 17.16
CA GLY D 213 -36.82 11.47 17.32
C GLY D 213 -37.44 11.08 18.65
N LEU D 214 -37.28 9.81 19.04
CA LEU D 214 -37.80 9.35 20.32
C LEU D 214 -37.21 10.14 21.48
N GLU D 215 -35.91 10.48 21.40
CA GLU D 215 -35.27 11.23 22.47
C GLU D 215 -35.77 12.67 22.52
N LYS D 216 -35.90 13.31 21.37
CA LYS D 216 -36.43 14.66 21.33
C LYS D 216 -37.88 14.68 21.78
N MET D 217 -38.64 13.64 21.43
CA MET D 217 -40.03 13.54 21.87
C MET D 217 -40.13 13.33 23.38
N MET D 218 -39.20 12.57 23.97
CA MET D 218 -39.31 12.10 25.35
C MET D 218 -37.96 12.20 26.03
N PRO D 219 -37.55 13.41 26.40
CA PRO D 219 -36.21 13.59 27.00
C PRO D 219 -35.99 12.69 28.20
N GLY D 220 -34.84 12.00 28.21
CA GLY D 220 -34.52 11.03 29.24
C GLY D 220 -34.80 9.61 28.83
N LEU D 221 -35.44 9.40 27.69
CA LEU D 221 -35.63 8.06 27.12
C LEU D 221 -34.29 7.40 26.84
N ARG D 222 -34.21 6.09 27.08
CA ARG D 222 -32.98 5.32 26.89
C ARG D 222 -33.25 4.15 25.95
N PHE D 223 -32.25 3.78 25.16
CA PHE D 223 -32.38 2.67 24.22
C PHE D 223 -31.15 1.78 24.25
N GLU D 224 -31.36 0.50 23.91
CA GLU D 224 -30.28 -0.45 23.65
C GLU D 224 -30.59 -1.13 22.33
N SER D 225 -29.64 -1.09 21.41
CA SER D 225 -29.85 -1.53 20.03
C SER D 225 -28.84 -2.60 19.66
N THR D 226 -29.32 -3.68 19.04
CA THR D 226 -28.51 -4.83 18.67
C THR D 226 -28.76 -5.18 17.22
N LEU D 227 -27.68 -5.47 16.50
CA LEU D 227 -27.78 -5.98 15.14
C LEU D 227 -27.90 -7.51 15.17
N ILE D 228 -29.00 -8.03 14.60
CA ILE D 228 -29.24 -9.46 14.48
C ILE D 228 -29.44 -9.81 13.01
N GLY D 229 -29.33 -11.10 12.70
CA GLY D 229 -29.39 -11.51 11.30
C GLY D 229 -29.32 -13.01 11.11
N VAL D 230 -29.47 -13.41 9.85
CA VAL D 230 -29.44 -14.82 9.48
C VAL D 230 -28.90 -14.96 8.07
N SER E 5 27.25 -1.18 -35.82
CA SER E 5 27.76 0.17 -35.70
C SER E 5 26.67 1.18 -35.35
N MET E 6 25.47 0.68 -35.03
CA MET E 6 24.41 1.52 -34.52
C MET E 6 24.82 2.04 -33.14
N LEU E 7 24.79 3.36 -32.97
CA LEU E 7 25.23 4.01 -31.75
C LEU E 7 24.01 4.60 -31.04
N PRO E 8 23.32 3.82 -30.20
CA PRO E 8 22.12 4.34 -29.54
C PRO E 8 22.46 5.43 -28.52
N SER E 9 21.59 6.42 -28.44
CA SER E 9 21.69 7.46 -27.42
C SER E 9 20.40 7.48 -26.60
N ILE E 10 20.52 7.92 -25.36
CA ILE E 10 19.38 7.95 -24.43
C ILE E 10 19.32 9.32 -23.77
N SER E 11 18.10 9.79 -23.53
CA SER E 11 17.90 11.11 -22.97
C SER E 11 18.18 11.12 -21.47
N PRO E 12 18.90 12.14 -20.99
CA PRO E 12 19.20 12.18 -19.55
C PRO E 12 17.97 12.26 -18.68
N GLU E 13 16.87 12.85 -19.19
CA GLU E 13 15.65 12.95 -18.39
C GLU E 13 15.07 11.59 -18.03
N LEU E 14 15.47 10.51 -18.72
CA LEU E 14 15.00 9.17 -18.35
C LEU E 14 15.38 8.83 -16.93
N ALA E 15 16.46 9.41 -16.41
CA ALA E 15 16.84 9.20 -15.01
C ALA E 15 15.73 9.60 -14.05
N ARG E 16 14.82 10.48 -14.47
CA ARG E 16 13.77 10.93 -13.57
C ARG E 16 12.70 9.85 -13.35
N ILE E 17 12.51 8.93 -14.31
CA ILE E 17 11.47 7.92 -14.12
C ILE E 17 12.05 6.52 -14.04
N ALA E 18 13.21 6.28 -14.66
CA ALA E 18 13.85 4.97 -14.62
C ALA E 18 15.29 5.09 -14.15
N PRO E 19 15.52 5.61 -12.94
CA PRO E 19 16.88 5.64 -12.39
C PRO E 19 17.47 4.25 -12.31
N GLY E 20 18.69 4.11 -12.81
CA GLY E 20 19.34 2.82 -12.82
C GLY E 20 19.01 1.94 -14.00
N PHE E 21 18.24 2.44 -14.97
CA PHE E 21 18.01 1.72 -16.21
C PHE E 21 19.34 1.38 -16.89
N ARG E 22 19.44 0.16 -17.42
CA ARG E 22 20.65 -0.24 -18.11
C ARG E 22 20.31 -1.27 -19.18
N ALA E 23 20.88 -1.09 -20.37
CA ALA E 23 20.56 -1.94 -21.51
C ALA E 23 21.83 -2.44 -22.17
N LEU E 24 21.82 -3.71 -22.55
CA LEU E 24 22.90 -4.29 -23.35
C LEU E 24 22.56 -4.09 -24.82
N SER E 25 23.40 -3.34 -25.53
CA SER E 25 23.20 -3.00 -26.94
C SER E 25 24.20 -3.80 -27.78
N ILE E 26 23.68 -4.65 -28.66
CA ILE E 26 24.51 -5.61 -29.39
C ILE E 26 24.30 -5.38 -30.89
N ASN E 27 25.37 -4.97 -31.58
CA ASN E 27 25.36 -4.83 -33.02
C ASN E 27 25.97 -6.08 -33.66
N VAL E 28 25.28 -6.62 -34.66
CA VAL E 28 25.63 -7.92 -35.22
C VAL E 28 25.82 -7.80 -36.74
N ILE E 29 26.92 -8.37 -37.23
CA ILE E 29 27.12 -8.62 -38.67
C ILE E 29 26.89 -10.11 -38.91
N ALA E 30 25.82 -10.44 -39.61
CA ALA E 30 25.39 -11.83 -39.73
C ALA E 30 26.28 -12.61 -40.68
N ALA E 31 26.16 -13.94 -40.61
CA ALA E 31 26.82 -14.92 -41.46
C ALA E 31 25.79 -15.97 -41.86
N PRO E 32 26.07 -16.84 -42.82
CA PRO E 32 25.06 -17.82 -43.25
C PRO E 32 24.63 -18.73 -42.11
N ILE E 33 23.34 -19.04 -42.09
CA ILE E 33 22.77 -19.89 -41.04
C ILE E 33 23.14 -21.34 -41.33
N ARG E 34 24.05 -21.89 -40.52
CA ARG E 34 24.52 -23.26 -40.66
C ARG E 34 23.83 -24.22 -39.71
N ASP E 35 23.10 -23.70 -38.72
CA ASP E 35 22.39 -24.54 -37.75
C ASP E 35 21.07 -23.84 -37.44
N ALA E 36 20.08 -24.03 -38.31
CA ALA E 36 18.78 -23.39 -38.10
C ALA E 36 18.07 -23.89 -36.85
N GLN E 37 18.57 -24.95 -36.21
CA GLN E 37 17.90 -25.53 -35.05
C GLN E 37 18.21 -24.78 -33.76
N VAL E 38 19.19 -23.88 -33.75
CA VAL E 38 19.62 -23.24 -32.50
C VAL E 38 18.45 -22.50 -31.85
N GLY E 39 17.71 -21.75 -32.65
CA GLY E 39 16.64 -20.93 -32.09
C GLY E 39 15.49 -21.74 -31.54
N GLU E 40 15.14 -22.83 -32.21
CA GLU E 40 14.00 -23.64 -31.78
C GLU E 40 14.34 -24.46 -30.54
N ILE E 41 15.57 -25.00 -30.46
CA ILE E 41 15.97 -25.72 -29.26
C ILE E 41 15.96 -24.78 -28.06
N ALA E 42 16.46 -23.55 -28.25
CA ALA E 42 16.51 -22.59 -27.15
C ALA E 42 15.11 -22.17 -26.70
N LEU E 43 14.23 -21.88 -27.66
CA LEU E 43 12.89 -21.46 -27.29
C LEU E 43 12.14 -22.55 -26.53
N LYS E 44 12.25 -23.80 -27.00
CA LYS E 44 11.56 -24.91 -26.34
C LYS E 44 12.03 -25.06 -24.90
N GLU E 45 13.35 -25.07 -24.69
CA GLU E 45 13.88 -25.19 -23.34
C GLU E 45 13.53 -23.97 -22.49
N ALA E 46 13.45 -22.78 -23.11
CA ALA E 46 13.15 -21.56 -22.35
C ALA E 46 11.68 -21.53 -21.91
N CYS E 47 10.77 -22.02 -22.77
CA CYS E 47 9.38 -22.09 -22.38
C CYS E 47 9.20 -23.01 -21.17
N GLN E 48 9.91 -24.14 -21.17
CA GLN E 48 9.83 -25.07 -20.05
C GLN E 48 10.36 -24.44 -18.77
N ALA E 49 11.52 -23.76 -18.86
CA ALA E 49 12.10 -23.10 -17.70
C ALA E 49 11.13 -22.08 -17.11
N VAL E 50 10.39 -21.38 -17.96
CA VAL E 50 9.43 -20.40 -17.47
C VAL E 50 8.23 -21.09 -16.82
N ILE E 51 7.76 -22.19 -17.40
CA ILE E 51 6.70 -22.99 -16.79
C ILE E 51 7.11 -23.47 -15.40
N ASN E 52 8.41 -23.75 -15.21
CA ASN E 52 8.98 -24.21 -13.96
C ASN E 52 9.33 -23.08 -12.98
N GLY E 53 8.81 -21.86 -13.18
CA GLY E 53 9.00 -20.79 -12.24
C GLY E 53 10.27 -19.96 -12.38
N GLN E 54 11.10 -20.23 -13.37
CA GLN E 54 12.33 -19.47 -13.55
C GLN E 54 12.10 -18.21 -14.38
N PRO E 55 12.93 -17.17 -14.23
CA PRO E 55 14.00 -17.03 -13.24
C PRO E 55 13.47 -16.37 -11.98
N ALA E 56 14.26 -16.35 -10.90
CA ALA E 56 13.74 -15.90 -9.61
C ALA E 56 13.32 -14.43 -9.63
N TRP E 57 14.02 -13.59 -10.38
CA TRP E 57 13.71 -12.16 -10.37
C TRP E 57 12.54 -11.78 -11.26
N ALA E 58 11.84 -12.76 -11.86
CA ALA E 58 10.90 -12.46 -12.93
C ALA E 58 9.83 -11.46 -12.48
N GLN E 59 9.18 -11.72 -11.35
CA GLN E 59 8.04 -10.89 -10.97
C GLN E 59 8.46 -9.50 -10.52
N ALA E 60 9.60 -9.39 -9.83
CA ALA E 60 10.07 -8.08 -9.40
C ALA E 60 10.51 -7.23 -10.59
N HIS E 61 11.08 -7.86 -11.62
CA HIS E 61 11.50 -7.11 -12.80
C HIS E 61 10.30 -6.61 -13.59
N ILE E 62 9.33 -7.48 -13.83
CA ILE E 62 8.13 -7.06 -14.55
C ILE E 62 7.36 -6.02 -13.76
N ASP E 63 7.29 -6.18 -12.43
CA ASP E 63 6.68 -5.15 -11.59
C ASP E 63 7.37 -3.81 -11.78
N ALA E 64 8.70 -3.80 -11.81
CA ALA E 64 9.43 -2.55 -11.97
C ALA E 64 9.14 -1.90 -13.32
N TRP E 65 9.12 -2.70 -14.39
CA TRP E 65 8.82 -2.14 -15.70
C TRP E 65 7.42 -1.56 -15.72
N ASN E 66 6.48 -2.22 -15.06
CA ASN E 66 5.12 -1.68 -15.02
C ASN E 66 5.05 -0.37 -14.25
N THR E 67 5.89 -0.22 -13.21
CA THR E 67 5.96 1.09 -12.55
C THR E 67 6.48 2.15 -13.51
N VAL E 68 7.50 1.80 -14.31
CA VAL E 68 8.03 2.75 -15.29
C VAL E 68 6.98 3.08 -16.34
N LEU E 69 6.28 2.05 -16.84
CA LEU E 69 5.25 2.30 -17.84
C LEU E 69 4.18 3.25 -17.32
N LYS E 70 3.66 3.00 -16.10
CA LYS E 70 2.68 3.91 -15.51
C LYS E 70 3.23 5.32 -15.36
N ALA E 71 4.54 5.45 -15.12
CA ALA E 71 5.12 6.77 -14.87
C ALA E 71 4.95 7.70 -16.06
N PHE E 72 5.03 7.19 -17.29
CA PHE E 72 4.77 8.03 -18.46
C PHE E 72 3.38 7.83 -19.05
N GLY E 73 2.47 7.21 -18.31
CA GLY E 73 1.06 7.28 -18.62
C GLY E 73 0.47 6.07 -19.29
N ALA E 74 1.23 5.00 -19.44
CA ALA E 74 0.70 3.81 -20.08
C ALA E 74 -0.12 2.99 -19.09
N LYS E 75 -0.98 2.12 -19.64
CA LYS E 75 -1.74 1.17 -18.84
C LYS E 75 -1.16 -0.22 -19.03
N PRO E 76 -0.29 -0.69 -18.14
CA PRO E 76 0.44 -1.95 -18.40
C PRO E 76 -0.47 -3.14 -18.59
N LYS E 77 -1.68 -3.10 -18.03
CA LYS E 77 -2.63 -4.19 -18.21
C LYS E 77 -3.08 -4.28 -19.67
N ARG E 78 -3.10 -3.15 -20.37
CA ARG E 78 -3.46 -3.14 -21.78
C ARG E 78 -2.24 -3.26 -22.70
N THR E 79 -1.13 -2.63 -22.35
CA THR E 79 0.07 -2.59 -23.19
C THR E 79 1.28 -2.96 -22.35
N PRO E 80 1.55 -4.25 -22.17
CA PRO E 80 2.64 -4.66 -21.29
C PRO E 80 3.99 -4.56 -21.99
N CYS E 81 5.05 -4.60 -21.17
CA CYS E 81 6.39 -4.72 -21.74
C CYS E 81 6.52 -6.07 -22.46
N SER E 82 7.44 -6.10 -23.44
CA SER E 82 7.54 -7.27 -24.30
C SER E 82 7.90 -8.53 -23.52
N ALA E 83 8.63 -8.38 -22.42
CA ALA E 83 8.98 -9.54 -21.59
C ALA E 83 7.73 -10.16 -21.00
N GLU E 84 6.84 -9.34 -20.43
CA GLU E 84 5.62 -9.89 -19.84
C GLU E 84 4.67 -10.43 -20.91
N ALA E 85 4.60 -9.76 -22.07
CA ALA E 85 3.79 -10.26 -23.17
C ALA E 85 4.16 -11.70 -23.50
N LEU E 86 5.45 -11.99 -23.61
CA LEU E 86 5.90 -13.36 -23.89
C LEU E 86 5.61 -14.28 -22.70
N ARG E 87 5.87 -13.81 -21.48
CA ARG E 87 5.68 -14.65 -20.30
C ARG E 87 4.22 -15.05 -20.15
N LYS E 88 3.32 -14.07 -20.19
CA LYS E 88 1.89 -14.36 -20.11
C LYS E 88 1.47 -15.35 -21.19
N ARG E 89 2.01 -15.20 -22.39
CA ARG E 89 1.66 -16.09 -23.49
C ARG E 89 2.07 -17.53 -23.22
N VAL E 90 3.28 -17.72 -22.67
CA VAL E 90 3.74 -19.07 -22.38
C VAL E 90 2.94 -19.68 -21.23
N LEU E 91 2.64 -18.88 -20.20
CA LEU E 91 1.94 -19.41 -19.04
C LEU E 91 0.47 -19.67 -19.31
N LYS E 92 -0.14 -18.95 -20.27
CA LYS E 92 -1.53 -19.20 -20.62
C LYS E 92 -1.69 -20.26 -21.70
N ASP E 93 -0.72 -20.41 -22.61
CA ASP E 93 -0.84 -21.35 -23.72
C ASP E 93 0.13 -22.52 -23.65
N GLY E 94 1.08 -22.52 -22.71
CA GLY E 94 1.98 -23.64 -22.54
C GLY E 94 3.13 -23.71 -23.52
N THR E 95 3.15 -22.91 -24.58
CA THR E 95 4.24 -22.93 -25.54
C THR E 95 4.23 -21.62 -26.32
N MET E 96 5.10 -21.55 -27.34
CA MET E 96 5.15 -20.43 -28.27
C MET E 96 5.43 -20.94 -29.67
N ALA E 97 4.86 -20.26 -30.65
CA ALA E 97 5.05 -20.64 -32.04
C ALA E 97 6.44 -20.25 -32.53
N ALA E 98 7.18 -21.23 -33.04
CA ALA E 98 8.39 -20.94 -33.78
C ALA E 98 8.03 -20.17 -35.05
N LEU E 99 8.88 -19.20 -35.39
CA LEU E 99 8.63 -18.35 -36.56
C LEU E 99 9.85 -18.31 -37.46
N ASP E 100 11.00 -17.99 -36.88
CA ASP E 100 12.21 -17.58 -37.56
C ASP E 100 13.36 -17.92 -36.60
N PRO E 101 14.44 -18.54 -37.08
CA PRO E 101 15.47 -19.00 -36.13
C PRO E 101 16.07 -17.90 -35.26
N VAL E 102 16.25 -16.69 -35.79
CA VAL E 102 16.81 -15.62 -34.97
C VAL E 102 15.76 -15.06 -34.01
N VAL E 103 14.52 -14.86 -34.49
CA VAL E 103 13.47 -14.34 -33.62
C VAL E 103 13.20 -15.31 -32.47
N ASP E 104 13.28 -16.62 -32.76
CA ASP E 104 13.07 -17.62 -31.71
C ASP E 104 14.17 -17.57 -30.66
N LEU E 105 15.43 -17.44 -31.10
CA LEU E 105 16.54 -17.35 -30.15
C LEU E 105 16.40 -16.14 -29.22
N TYR E 106 16.10 -14.95 -29.76
CA TYR E 106 16.08 -13.80 -28.85
C TYR E 106 14.81 -13.75 -28.03
N ASN E 107 13.70 -14.28 -28.53
CA ASN E 107 12.54 -14.45 -27.65
C ASN E 107 12.86 -15.41 -26.52
N ALA E 108 13.62 -16.46 -26.82
CA ALA E 108 14.02 -17.43 -25.81
C ALA E 108 14.87 -16.76 -24.73
N VAL E 109 15.76 -15.85 -25.14
CA VAL E 109 16.57 -15.14 -24.18
C VAL E 109 15.67 -14.29 -23.27
N SER E 110 14.69 -13.60 -23.86
CA SER E 110 13.78 -12.80 -23.04
C SER E 110 13.01 -13.68 -22.08
N LEU E 111 12.59 -14.86 -22.53
CA LEU E 111 11.84 -15.77 -21.67
C LEU E 111 12.70 -16.31 -20.56
N ARG E 112 13.89 -16.81 -20.88
CA ARG E 112 14.71 -17.46 -19.86
C ARG E 112 15.18 -16.49 -18.79
N TYR E 113 15.47 -15.24 -19.18
CA TYR E 113 16.06 -14.25 -18.27
C TYR E 113 15.09 -13.16 -17.86
N ALA E 114 13.83 -13.28 -18.23
CA ALA E 114 12.77 -12.35 -17.84
C ALA E 114 13.20 -10.90 -18.05
N VAL E 115 13.55 -10.60 -19.31
CA VAL E 115 14.12 -9.32 -19.70
C VAL E 115 13.57 -8.92 -21.06
N PRO E 116 13.12 -7.68 -21.24
CA PRO E 116 12.73 -7.24 -22.59
C PRO E 116 13.90 -7.32 -23.54
N VAL E 117 13.69 -7.99 -24.69
CA VAL E 117 14.70 -8.08 -25.74
C VAL E 117 14.06 -7.63 -27.05
N GLY E 118 14.60 -6.54 -27.61
CA GLY E 118 14.21 -6.06 -28.93
C GLY E 118 15.20 -6.54 -29.98
N GLY E 119 14.65 -6.97 -31.12
CA GLY E 119 15.46 -7.38 -32.26
C GLY E 119 15.06 -6.63 -33.51
N GLU E 120 16.02 -6.02 -34.20
CA GLU E 120 15.69 -5.12 -35.29
C GLU E 120 16.70 -5.27 -36.44
N ASN E 121 16.20 -5.03 -37.65
CA ASN E 121 17.00 -4.96 -38.86
C ASN E 121 17.69 -3.61 -38.93
N SER E 122 19.00 -3.58 -38.68
CA SER E 122 19.65 -2.28 -38.56
C SER E 122 19.80 -1.57 -39.90
N ALA E 123 19.64 -2.30 -41.02
CA ALA E 123 19.70 -1.65 -42.33
C ALA E 123 18.46 -0.81 -42.61
N ALA E 124 17.37 -1.00 -41.86
CA ALA E 124 16.18 -0.19 -42.02
C ALA E 124 16.22 1.13 -41.25
N TYR E 125 17.26 1.39 -40.48
CA TYR E 125 17.29 2.60 -39.66
C TYR E 125 17.74 3.81 -40.48
N CYS E 126 17.10 4.94 -40.22
CA CYS E 126 17.49 6.22 -40.82
CA CYS E 126 17.46 6.23 -40.82
C CYS E 126 18.14 7.05 -39.72
N GLY E 127 19.47 7.09 -39.73
CA GLY E 127 20.17 7.66 -38.62
C GLY E 127 20.20 6.68 -37.46
N SER E 128 20.55 7.20 -36.30
CA SER E 128 20.80 6.39 -35.13
C SER E 128 19.55 6.24 -34.26
N PRO E 129 19.45 5.14 -33.51
CA PRO E 129 18.35 5.00 -32.54
C PRO E 129 18.56 5.92 -31.35
N ARG E 130 17.45 6.48 -30.84
CA ARG E 130 17.48 7.28 -29.62
C ARG E 130 16.24 7.03 -28.77
N LEU E 131 16.44 7.01 -27.45
CA LEU E 131 15.39 6.75 -26.46
C LEU E 131 14.99 8.11 -25.88
N VAL E 132 13.80 8.59 -26.23
CA VAL E 132 13.39 9.97 -25.93
C VAL E 132 11.95 10.01 -25.43
N PHE E 133 11.57 11.19 -24.93
CA PHE E 133 10.18 11.50 -24.59
C PHE E 133 9.50 12.09 -25.81
N ALA E 134 8.41 11.46 -26.26
CA ALA E 134 7.66 11.95 -27.40
C ALA E 134 6.95 13.26 -27.07
N ASP E 135 6.71 14.06 -28.11
CA ASP E 135 5.84 15.23 -27.99
C ASP E 135 4.50 15.03 -28.69
N GLY E 136 4.28 13.90 -29.35
CA GLY E 136 2.99 13.55 -29.89
C GLY E 136 2.83 13.81 -31.37
N SER E 137 3.79 14.46 -32.01
CA SER E 137 3.75 14.73 -33.44
C SER E 137 4.45 13.66 -34.28
N GLU E 138 5.19 12.75 -33.66
CA GLU E 138 5.90 11.71 -34.39
C GLU E 138 4.92 10.73 -35.05
N THR E 139 5.40 10.01 -36.07
CA THR E 139 4.61 8.97 -36.72
C THR E 139 5.24 7.60 -36.50
N PHE E 140 4.39 6.57 -36.53
CA PHE E 140 4.72 5.21 -36.17
C PHE E 140 4.01 4.31 -37.16
N ASP E 141 4.77 3.58 -37.98
CA ASP E 141 4.19 2.64 -38.93
C ASP E 141 3.88 1.33 -38.23
N THR E 142 2.62 0.95 -38.20
CA THR E 142 2.21 -0.24 -37.47
C THR E 142 1.13 -0.94 -38.29
N LEU E 143 0.36 -1.81 -37.64
CA LEU E 143 -0.70 -2.57 -38.29
C LEU E 143 -2.00 -2.40 -37.52
N LYS E 144 -3.06 -2.03 -38.24
CA LYS E 144 -4.42 -2.09 -37.73
C LYS E 144 -5.13 -3.20 -38.49
N GLU E 145 -5.63 -4.20 -37.75
CA GLU E 145 -5.97 -5.51 -38.31
C GLU E 145 -4.67 -6.17 -38.76
N GLY E 146 -4.59 -6.49 -40.06
CA GLY E 146 -3.36 -6.92 -40.68
C GLY E 146 -3.09 -6.00 -41.84
N GLN E 147 -3.49 -4.73 -41.68
CA GLN E 147 -3.38 -3.72 -42.70
C GLN E 147 -2.44 -2.61 -42.24
N PRO E 148 -1.56 -2.13 -43.12
CA PRO E 148 -0.66 -1.03 -42.76
C PRO E 148 -1.44 0.18 -42.24
N ALA E 149 -0.90 0.80 -41.20
CA ALA E 149 -1.53 1.96 -40.60
C ALA E 149 -0.46 2.86 -39.99
N THR E 150 -0.83 4.12 -39.77
CA THR E 150 0.02 5.11 -39.15
C THR E 150 -0.62 5.61 -37.86
N GLU E 151 0.19 5.71 -36.82
CA GLU E 151 -0.23 6.22 -35.51
C GLU E 151 0.76 7.28 -35.05
N SER E 152 0.39 7.97 -33.97
CA SER E 152 1.26 8.85 -33.21
C SER E 152 1.31 8.43 -31.75
N PRO E 153 2.46 8.56 -31.09
CA PRO E 153 2.51 8.30 -29.65
C PRO E 153 1.91 9.45 -28.88
N GLU E 154 1.57 9.18 -27.62
CA GLU E 154 1.09 10.22 -26.73
C GLU E 154 2.23 11.17 -26.36
N PRO E 155 1.96 12.47 -26.19
CA PRO E 155 3.00 13.36 -25.65
C PRO E 155 3.47 12.86 -24.30
N GLY E 156 4.80 12.77 -24.13
CA GLY E 156 5.38 12.21 -22.92
C GLY E 156 5.63 10.72 -22.94
N GLU E 157 5.07 9.99 -23.90
CA GLU E 157 5.38 8.58 -24.04
C GLU E 157 6.86 8.41 -24.33
N VAL E 158 7.48 7.41 -23.69
CA VAL E 158 8.86 7.05 -24.00
C VAL E 158 8.88 6.21 -25.26
N ILE E 159 9.71 6.61 -26.24
CA ILE E 159 9.78 5.95 -27.53
C ILE E 159 11.23 5.76 -27.92
N TRP E 160 11.50 4.66 -28.64
CA TRP E 160 12.67 4.57 -29.49
C TRP E 160 12.30 5.13 -30.86
N ARG E 161 13.18 5.95 -31.42
CA ARG E 161 12.93 6.54 -32.73
C ARG E 161 14.23 6.64 -33.51
N ASP E 162 14.10 6.83 -34.83
CA ASP E 162 15.23 7.22 -35.66
C ASP E 162 14.93 8.57 -36.32
N ASP E 163 15.63 8.92 -37.40
CA ASP E 163 15.37 10.22 -38.02
C ASP E 163 13.97 10.29 -38.60
N ARG E 164 13.41 9.14 -38.96
CA ARG E 164 12.14 9.11 -39.67
C ARG E 164 10.95 9.14 -38.72
N GLY E 165 11.01 8.43 -37.60
CA GLY E 165 9.90 8.39 -36.67
C GLY E 165 10.11 7.33 -35.62
N VAL E 166 9.01 7.01 -34.91
CA VAL E 166 9.04 6.02 -33.85
C VAL E 166 9.36 4.63 -34.43
N THR E 167 10.26 3.90 -33.73
CA THR E 167 10.55 2.51 -34.03
C THR E 167 10.14 1.55 -32.93
N CYS E 168 9.91 2.03 -31.70
CA CYS E 168 9.21 1.24 -30.69
C CYS E 168 8.39 2.18 -29.81
N ARG E 169 7.10 1.86 -29.66
CA ARG E 169 6.20 2.64 -28.83
C ARG E 169 6.19 2.14 -27.40
N ARG E 170 5.92 3.05 -26.47
CA ARG E 170 5.84 2.74 -25.04
C ARG E 170 7.07 1.95 -24.58
N TRP E 171 8.23 2.47 -24.96
CA TRP E 171 9.54 1.97 -24.56
C TRP E 171 9.84 0.62 -25.20
N ASN E 172 9.18 -0.45 -24.76
CA ASN E 172 9.41 -1.77 -25.33
C ASN E 172 8.11 -2.57 -25.43
N TRP E 173 7.00 -1.89 -25.68
CA TRP E 173 5.71 -2.54 -25.80
C TRP E 173 5.49 -3.12 -27.19
N ARG E 174 5.71 -2.31 -28.23
CA ARG E 174 5.40 -2.73 -29.59
C ARG E 174 6.31 -2.01 -30.58
N GLN E 175 7.05 -2.80 -31.35
CA GLN E 175 7.92 -2.28 -32.40
C GLN E 175 7.11 -2.00 -33.65
N GLY E 176 7.66 -1.12 -34.50
CA GLY E 176 7.07 -0.87 -35.79
C GLY E 176 7.28 -2.00 -36.79
N VAL E 177 6.72 -1.81 -37.99
CA VAL E 177 6.83 -2.78 -39.07
C VAL E 177 8.14 -2.61 -39.83
N ARG E 178 8.49 -1.36 -40.11
CA ARG E 178 9.66 -1.00 -40.91
C ARG E 178 10.95 -1.72 -40.48
N THR E 179 11.21 -1.80 -39.18
CA THR E 179 12.50 -2.33 -38.74
C THR E 179 12.42 -3.74 -38.17
N ARG E 180 11.40 -4.52 -38.56
CA ARG E 180 11.31 -5.92 -38.18
C ARG E 180 12.57 -6.69 -38.54
N LEU E 181 13.01 -7.57 -37.64
CA LEU E 181 14.13 -8.45 -37.92
C LEU E 181 13.65 -9.71 -38.64
N SER E 182 14.49 -10.22 -39.53
CA SER E 182 14.31 -11.54 -40.12
C SER E 182 15.67 -12.23 -40.16
N ALA E 183 15.66 -13.56 -40.15
CA ALA E 183 16.91 -14.32 -40.04
C ALA E 183 17.87 -14.03 -41.20
N SER E 184 17.37 -13.56 -42.34
CA SER E 184 18.21 -13.27 -43.50
C SER E 184 18.78 -11.86 -43.49
N ASP E 185 18.51 -11.05 -42.46
CA ASP E 185 19.08 -9.71 -42.41
C ASP E 185 20.59 -9.79 -42.33
N LYS E 186 21.26 -8.88 -43.05
CA LYS E 186 22.72 -8.84 -43.03
C LYS E 186 23.26 -8.12 -41.80
N ALA E 187 22.52 -7.15 -41.28
CA ALA E 187 22.94 -6.42 -40.10
C ALA E 187 21.78 -6.35 -39.12
N MET E 188 22.08 -6.60 -37.83
CA MET E 188 21.06 -6.76 -36.80
C MET E 188 21.46 -5.97 -35.56
N TRP E 189 20.45 -5.43 -34.87
CA TRP E 189 20.64 -4.70 -33.63
C TRP E 189 19.73 -5.29 -32.55
N PHE E 190 20.31 -5.69 -31.42
CA PHE E 190 19.59 -6.23 -30.29
C PHE E 190 19.73 -5.32 -29.07
N ILE E 191 18.64 -5.11 -28.34
CA ILE E 191 18.68 -4.28 -27.14
C ILE E 191 17.97 -5.02 -26.01
N LEU E 192 18.74 -5.36 -24.97
CA LEU E 192 18.22 -6.09 -23.81
C LEU E 192 18.13 -5.08 -22.67
N GLU E 193 16.90 -4.72 -22.29
CA GLU E 193 16.65 -3.55 -21.46
C GLU E 193 16.24 -3.97 -20.04
N SER E 194 16.91 -3.41 -19.02
CA SER E 194 16.74 -3.89 -17.66
C SER E 194 16.70 -2.72 -16.66
N LEU E 195 16.16 -3.04 -15.48
CA LEU E 195 16.05 -2.15 -14.33
C LEU E 195 16.79 -2.82 -13.18
N PRO E 196 17.07 -2.11 -12.09
CA PRO E 196 17.90 -2.70 -11.02
C PRO E 196 17.34 -3.96 -10.40
N GLU E 197 16.05 -4.27 -10.58
CA GLU E 197 15.51 -5.49 -10.00
C GLU E 197 15.99 -6.75 -10.72
N MET E 198 16.64 -6.61 -11.88
CA MET E 198 17.35 -7.72 -12.50
C MET E 198 18.82 -7.62 -12.13
N PRO E 199 19.42 -8.65 -11.53
CA PRO E 199 20.85 -8.59 -11.22
C PRO E 199 21.67 -8.38 -12.49
N VAL E 200 22.66 -7.49 -12.40
CA VAL E 200 23.40 -7.09 -13.60
C VAL E 200 24.19 -8.26 -14.18
N ASP E 201 24.75 -9.12 -13.31
CA ASP E 201 25.46 -10.28 -13.84
C ASP E 201 24.55 -11.25 -14.59
N GLU E 202 23.24 -11.23 -14.31
CA GLU E 202 22.31 -12.00 -15.12
C GLU E 202 22.03 -11.33 -16.45
N LEU E 203 22.07 -10.00 -16.51
CA LEU E 203 21.92 -9.31 -17.79
C LEU E 203 23.07 -9.67 -18.72
N TYR E 204 24.29 -9.76 -18.18
CA TYR E 204 25.42 -10.21 -18.99
C TYR E 204 25.27 -11.67 -19.40
N ALA E 205 24.77 -12.52 -18.51
CA ALA E 205 24.52 -13.92 -18.87
C ALA E 205 23.47 -14.02 -19.97
N ALA E 206 22.44 -13.18 -19.91
CA ALA E 206 21.45 -13.14 -20.99
C ALA E 206 22.12 -12.77 -22.32
N GLY E 207 22.99 -11.76 -22.31
CA GLY E 207 23.68 -11.38 -23.53
C GLY E 207 24.55 -12.51 -24.07
N ASN E 208 25.29 -13.17 -23.17
CA ASN E 208 26.11 -14.32 -23.58
C ASN E 208 25.26 -15.45 -24.16
N MET E 209 24.04 -15.66 -23.65
CA MET E 209 23.18 -16.67 -24.25
C MET E 209 22.83 -16.29 -25.69
N LEU E 210 22.56 -15.02 -25.93
CA LEU E 210 22.21 -14.56 -27.27
C LEU E 210 23.40 -14.68 -28.22
N THR E 211 24.57 -14.17 -27.81
CA THR E 211 25.72 -14.21 -28.73
C THR E 211 26.25 -15.62 -28.91
N ASP E 212 26.24 -16.44 -27.84
CA ASP E 212 26.65 -17.85 -27.98
C ASP E 212 25.74 -18.57 -28.97
N GLY E 213 24.44 -18.36 -28.87
CA GLY E 213 23.51 -18.96 -29.83
C GLY E 213 23.69 -18.44 -31.24
N LEU E 214 23.87 -17.13 -31.40
CA LEU E 214 24.08 -16.57 -32.73
C LEU E 214 25.34 -17.12 -33.40
N GLU E 215 26.40 -17.35 -32.62
CA GLU E 215 27.64 -17.89 -33.17
C GLU E 215 27.47 -19.32 -33.63
N LYS E 216 26.81 -20.14 -32.81
CA LYS E 216 26.53 -21.51 -33.21
C LYS E 216 25.61 -21.53 -34.43
N MET E 217 24.57 -20.70 -34.42
CA MET E 217 23.63 -20.64 -35.53
C MET E 217 24.31 -20.20 -36.82
N MET E 218 25.20 -19.21 -36.74
CA MET E 218 25.79 -18.57 -37.92
C MET E 218 27.29 -18.41 -37.70
N PRO E 219 28.05 -19.50 -37.81
CA PRO E 219 29.49 -19.41 -37.64
C PRO E 219 30.13 -18.38 -38.57
N GLY E 220 31.05 -17.59 -38.02
CA GLY E 220 31.66 -16.49 -38.72
C GLY E 220 31.07 -15.12 -38.39
N LEU E 221 29.94 -15.07 -37.69
CA LEU E 221 29.28 -13.81 -37.36
C LEU E 221 30.23 -12.92 -36.55
N ARG E 222 29.97 -11.61 -36.59
CA ARG E 222 30.70 -10.65 -35.79
C ARG E 222 29.71 -9.87 -34.92
N PHE E 223 30.14 -9.52 -33.70
CA PHE E 223 29.28 -8.73 -32.84
C PHE E 223 30.13 -7.81 -31.96
N GLU E 224 29.49 -6.76 -31.45
CA GLU E 224 30.06 -5.86 -30.45
C GLU E 224 28.97 -5.56 -29.42
N SER E 225 29.35 -5.61 -28.15
CA SER E 225 28.40 -5.44 -27.06
C SER E 225 28.79 -4.25 -26.20
N THR E 226 27.81 -3.41 -25.85
CA THR E 226 28.01 -2.23 -25.02
C THR E 226 26.87 -2.09 -24.04
N LEU E 227 27.19 -1.85 -22.76
CA LEU E 227 26.19 -1.57 -21.73
C LEU E 227 25.97 -0.06 -21.63
N ILE E 228 24.72 0.39 -21.83
CA ILE E 228 24.38 1.81 -21.77
C ILE E 228 23.37 2.03 -20.67
N GLY E 229 23.45 3.17 -19.97
CA GLY E 229 22.55 3.36 -18.86
C GLY E 229 22.40 4.80 -18.42
N VAL E 230 21.39 5.03 -17.57
CA VAL E 230 21.14 6.32 -16.92
C VAL E 230 20.66 6.14 -15.49
N SER F 5 7.78 45.51 -7.16
CA SER F 5 8.86 45.38 -6.19
C SER F 5 9.69 44.12 -6.46
N MET F 6 10.17 43.48 -5.40
CA MET F 6 10.97 42.27 -5.53
C MET F 6 10.17 41.16 -6.18
N LEU F 7 10.69 40.63 -7.30
CA LEU F 7 9.99 39.59 -8.04
C LEU F 7 10.80 38.30 -7.99
N PRO F 8 10.50 37.39 -7.08
CA PRO F 8 11.30 36.16 -6.98
C PRO F 8 11.01 35.21 -8.13
N SER F 9 12.01 34.42 -8.49
CA SER F 9 11.86 33.35 -9.46
C SER F 9 12.38 32.04 -8.86
N ILE F 10 11.89 30.93 -9.40
CA ILE F 10 12.23 29.62 -8.87
C ILE F 10 12.63 28.72 -10.03
N SER F 11 13.58 27.84 -9.77
CA SER F 11 14.08 26.98 -10.83
C SER F 11 13.03 25.92 -11.18
N PRO F 12 12.83 25.63 -12.47
CA PRO F 12 11.88 24.57 -12.81
C PRO F 12 12.25 23.23 -12.22
N GLU F 13 13.56 22.98 -12.00
CA GLU F 13 14.03 21.70 -11.51
C GLU F 13 13.58 21.38 -10.09
N LEU F 14 13.09 22.37 -9.33
CA LEU F 14 12.60 22.10 -7.97
C LEU F 14 11.42 21.15 -7.95
N ALA F 15 10.67 21.05 -9.05
CA ALA F 15 9.57 20.11 -9.15
C ALA F 15 10.04 18.66 -9.01
N ARG F 16 11.32 18.38 -9.28
CA ARG F 16 11.83 17.02 -9.16
C ARG F 16 11.95 16.56 -7.71
N ILE F 17 12.23 17.49 -6.80
CA ILE F 17 12.35 17.13 -5.39
C ILE F 17 11.22 17.68 -4.52
N ALA F 18 10.52 18.74 -4.93
CA ALA F 18 9.44 19.30 -4.12
C ALA F 18 8.25 19.67 -4.99
N PRO F 19 7.68 18.69 -5.71
CA PRO F 19 6.49 18.98 -6.52
C PRO F 19 5.35 19.46 -5.64
N GLY F 20 4.63 20.47 -6.13
CA GLY F 20 3.58 21.08 -5.34
C GLY F 20 4.06 22.13 -4.35
N PHE F 21 5.35 22.41 -4.29
CA PHE F 21 5.84 23.53 -3.47
C PHE F 21 5.14 24.83 -3.87
N ARG F 22 4.72 25.60 -2.87
CA ARG F 22 4.08 26.89 -3.13
C ARG F 22 4.41 27.86 -1.99
N ALA F 23 4.71 29.11 -2.34
CA ALA F 23 5.15 30.07 -1.35
C ALA F 23 4.41 31.39 -1.52
N LEU F 24 4.01 31.97 -0.40
CA LEU F 24 3.38 33.27 -0.39
C LEU F 24 4.49 34.32 -0.29
N SER F 25 4.63 35.13 -1.34
CA SER F 25 5.64 36.18 -1.43
C SER F 25 4.96 37.53 -1.20
N ILE F 26 5.36 38.22 -0.14
CA ILE F 26 4.68 39.44 0.29
C ILE F 26 5.71 40.58 0.34
N ASN F 27 5.54 41.56 -0.55
CA ASN F 27 6.38 42.75 -0.59
C ASN F 27 5.72 43.88 0.20
N VAL F 28 6.49 44.53 1.06
CA VAL F 28 5.96 45.49 2.02
C VAL F 28 6.71 46.81 1.92
N ILE F 29 5.96 47.92 1.94
CA ILE F 29 6.50 49.26 2.14
C ILE F 29 6.03 49.71 3.52
N ALA F 30 6.97 49.81 4.45
CA ALA F 30 6.65 49.98 5.87
C ALA F 30 6.11 51.38 6.14
N ALA F 31 5.52 51.52 7.33
CA ALA F 31 5.00 52.77 7.87
C ALA F 31 5.53 52.92 9.29
N PRO F 32 5.38 54.09 9.90
CA PRO F 32 5.85 54.26 11.28
C PRO F 32 5.15 53.31 12.24
N ILE F 33 5.93 52.72 13.15
CA ILE F 33 5.38 51.77 14.11
C ILE F 33 4.56 52.54 15.16
N ARG F 34 3.24 52.37 15.12
CA ARG F 34 2.33 52.99 16.08
C ARG F 34 1.89 52.06 17.19
N ASP F 35 2.15 50.75 17.08
CA ASP F 35 1.73 49.80 18.11
C ASP F 35 2.80 48.69 18.18
N ALA F 36 3.85 48.95 18.96
CA ALA F 36 4.95 47.99 19.07
C ALA F 36 4.55 46.72 19.80
N GLN F 37 3.32 46.64 20.31
CA GLN F 37 2.86 45.47 21.05
C GLN F 37 2.36 44.35 20.15
N VAL F 38 2.09 44.63 18.87
CA VAL F 38 1.46 43.64 18.00
C VAL F 38 2.30 42.37 17.92
N GLY F 39 3.61 42.53 17.75
CA GLY F 39 4.47 41.36 17.63
C GLY F 39 4.54 40.54 18.91
N GLU F 40 4.62 41.21 20.06
CA GLU F 40 4.79 40.50 21.34
C GLU F 40 3.55 39.72 21.71
N ILE F 41 2.37 40.34 21.57
CA ILE F 41 1.12 39.63 21.86
C ILE F 41 0.94 38.44 20.92
N ALA F 42 1.21 38.64 19.63
CA ALA F 42 1.10 37.54 18.67
C ALA F 42 2.03 36.39 19.04
N LEU F 43 3.27 36.71 19.42
CA LEU F 43 4.23 35.64 19.72
C LEU F 43 3.85 34.87 20.97
N LYS F 44 3.43 35.58 22.03
CA LYS F 44 3.02 34.88 23.25
C LYS F 44 1.83 33.96 22.99
N GLU F 45 0.82 34.47 22.27
CA GLU F 45 -0.34 33.64 21.96
C GLU F 45 0.01 32.48 21.02
N ALA F 46 1.03 32.66 20.17
CA ALA F 46 1.43 31.57 19.28
C ALA F 46 2.13 30.45 20.05
N CYS F 47 3.01 30.81 20.99
CA CYS F 47 3.65 29.79 21.82
C CYS F 47 2.61 28.96 22.56
N GLN F 48 1.62 29.62 23.17
CA GLN F 48 0.55 28.90 23.86
C GLN F 48 -0.18 27.95 22.91
N ALA F 49 -0.44 28.40 21.68
CA ALA F 49 -1.10 27.54 20.70
C ALA F 49 -0.27 26.30 20.40
N VAL F 50 1.06 26.45 20.30
CA VAL F 50 1.91 25.31 20.01
C VAL F 50 1.93 24.34 21.18
N ILE F 51 1.98 24.87 22.41
CA ILE F 51 1.95 24.01 23.59
C ILE F 51 0.65 23.22 23.64
N ASN F 52 -0.45 23.81 23.19
CA ASN F 52 -1.73 23.12 23.09
C ASN F 52 -1.80 22.16 21.91
N GLY F 53 -0.69 21.90 21.23
CA GLY F 53 -0.68 20.94 20.15
C GLY F 53 -1.20 21.42 18.82
N GLN F 54 -1.25 22.73 18.59
CA GLN F 54 -1.67 23.30 17.32
C GLN F 54 -0.46 23.62 16.45
N PRO F 55 -0.63 23.73 15.12
CA PRO F 55 -1.84 23.43 14.35
C PRO F 55 -1.87 21.96 13.93
N ALA F 56 -3.00 21.53 13.35
CA ALA F 56 -3.21 20.11 13.09
C ALA F 56 -2.18 19.54 12.13
N TRP F 57 -1.74 20.33 11.15
CA TRP F 57 -0.87 19.84 10.07
C TRP F 57 0.62 19.96 10.42
N ALA F 58 0.94 20.35 11.64
CA ALA F 58 2.32 20.70 11.97
C ALA F 58 3.25 19.51 11.76
N GLN F 59 2.86 18.34 12.26
CA GLN F 59 3.72 17.16 12.15
C GLN F 59 3.93 16.76 10.69
N ALA F 60 2.86 16.76 9.90
CA ALA F 60 2.98 16.34 8.51
C ALA F 60 3.79 17.33 7.68
N HIS F 61 3.64 18.64 7.94
CA HIS F 61 4.37 19.63 7.17
C HIS F 61 5.87 19.57 7.46
N ILE F 62 6.24 19.44 8.74
CA ILE F 62 7.65 19.35 9.09
C ILE F 62 8.26 18.08 8.51
N ASP F 63 7.55 16.95 8.63
CA ASP F 63 8.05 15.72 8.04
C ASP F 63 8.29 15.87 6.55
N ALA F 64 7.39 16.56 5.86
CA ALA F 64 7.57 16.76 4.42
C ALA F 64 8.80 17.60 4.13
N TRP F 65 9.05 18.63 4.95
CA TRP F 65 10.22 19.46 4.73
C TRP F 65 11.52 18.68 4.98
N ASN F 66 11.50 17.75 5.93
CA ASN F 66 12.70 16.95 6.18
C ASN F 66 12.97 16.01 5.02
N THR F 67 11.92 15.46 4.41
CA THR F 67 12.13 14.65 3.22
C THR F 67 12.77 15.48 2.11
N VAL F 68 12.29 16.71 1.92
CA VAL F 68 12.87 17.59 0.91
C VAL F 68 14.31 17.93 1.26
N LEU F 69 14.55 18.30 2.51
CA LEU F 69 15.92 18.59 2.95
C LEU F 69 16.84 17.39 2.68
N LYS F 70 16.45 16.20 3.12
CA LYS F 70 17.26 15.00 2.86
C LYS F 70 17.49 14.79 1.37
N ALA F 71 16.54 15.20 0.52
CA ALA F 71 16.64 14.91 -0.91
C ALA F 71 17.82 15.62 -1.55
N PHE F 72 18.14 16.85 -1.14
CA PHE F 72 19.30 17.53 -1.68
C PHE F 72 20.53 17.42 -0.79
N GLY F 73 20.48 16.59 0.24
CA GLY F 73 21.68 16.15 0.94
C GLY F 73 21.85 16.64 2.34
N ALA F 74 20.87 17.35 2.89
CA ALA F 74 21.02 17.90 4.24
C ALA F 74 20.69 16.84 5.29
N LYS F 75 21.13 17.11 6.50
CA LYS F 75 20.82 16.28 7.66
C LYS F 75 19.85 17.07 8.53
N PRO F 76 18.54 16.88 8.35
CA PRO F 76 17.57 17.75 9.03
C PRO F 76 17.68 17.72 10.54
N LYS F 77 18.20 16.65 11.12
CA LYS F 77 18.37 16.62 12.57
C LYS F 77 19.45 17.60 13.01
N ARG F 78 20.39 17.93 12.14
CA ARG F 78 21.42 18.93 12.43
C ARG F 78 21.05 20.33 11.93
N THR F 79 20.33 20.43 10.81
CA THR F 79 19.96 21.71 10.22
C THR F 79 18.49 21.66 9.82
N PRO F 80 17.58 21.90 10.76
CA PRO F 80 16.15 21.82 10.45
C PRO F 80 15.68 23.05 9.68
N CYS F 81 14.50 22.92 9.09
CA CYS F 81 13.83 24.10 8.56
C CYS F 81 13.47 25.05 9.69
N SER F 82 13.31 26.32 9.33
CA SER F 82 13.13 27.36 10.34
C SER F 82 11.85 27.14 11.15
N ALA F 83 10.83 26.54 10.54
CA ALA F 83 9.61 26.24 11.27
C ALA F 83 9.88 25.28 12.42
N GLU F 84 10.60 24.19 12.16
CA GLU F 84 10.88 23.24 13.24
C GLU F 84 11.83 23.84 14.28
N ALA F 85 12.81 24.63 13.83
CA ALA F 85 13.69 25.32 14.77
C ALA F 85 12.89 26.09 15.82
N LEU F 86 11.93 26.89 15.36
CA LEU F 86 11.08 27.63 16.29
C LEU F 86 10.22 26.71 17.14
N ARG F 87 9.69 25.64 16.54
CA ARG F 87 8.81 24.74 17.28
C ARG F 87 9.57 23.99 18.37
N LYS F 88 10.74 23.43 18.04
CA LYS F 88 11.61 22.82 19.03
C LYS F 88 11.85 23.74 20.22
N ARG F 89 12.25 24.98 19.94
CA ARG F 89 12.61 25.90 21.01
C ARG F 89 11.44 26.15 21.95
N VAL F 90 10.24 26.32 21.40
CA VAL F 90 9.08 26.62 22.23
C VAL F 90 8.69 25.42 23.07
N LEU F 91 8.61 24.25 22.45
CA LEU F 91 8.29 23.03 23.19
C LEU F 91 9.34 22.71 24.25
N LYS F 92 10.58 23.20 24.09
CA LYS F 92 11.62 22.93 25.06
C LYS F 92 11.58 23.91 26.22
N ASP F 93 11.24 25.17 25.96
CA ASP F 93 11.33 26.23 26.97
C ASP F 93 9.99 26.88 27.30
N GLY F 94 8.89 26.41 26.72
CA GLY F 94 7.59 26.97 27.02
C GLY F 94 7.33 28.36 26.51
N THR F 95 8.32 29.02 25.91
CA THR F 95 8.14 30.38 25.38
C THR F 95 9.30 30.70 24.46
N MET F 96 9.33 31.95 24.00
CA MET F 96 10.37 32.43 23.09
C MET F 96 10.74 33.86 23.46
N ALA F 97 12.03 34.17 23.33
CA ALA F 97 12.51 35.49 23.70
C ALA F 97 12.01 36.53 22.70
N ALA F 98 11.56 37.67 23.21
CA ALA F 98 11.26 38.81 22.36
C ALA F 98 12.53 39.32 21.71
N LEU F 99 12.41 39.75 20.45
CA LEU F 99 13.58 40.19 19.69
C LEU F 99 13.35 41.57 19.08
N ASP F 100 12.38 41.67 18.18
CA ASP F 100 12.10 42.83 17.35
C ASP F 100 10.61 42.72 17.05
N PRO F 101 9.85 43.81 17.08
CA PRO F 101 8.39 43.68 16.91
C PRO F 101 7.99 43.07 15.57
N VAL F 102 8.71 43.38 14.49
CA VAL F 102 8.40 42.74 13.21
C VAL F 102 8.88 41.30 13.21
N VAL F 103 10.08 41.04 13.75
CA VAL F 103 10.58 39.66 13.81
C VAL F 103 9.69 38.80 14.71
N ASP F 104 9.20 39.39 15.81
CA ASP F 104 8.31 38.62 16.69
C ASP F 104 7.01 38.25 16.00
N LEU F 105 6.46 39.18 15.20
CA LEU F 105 5.20 38.91 14.53
C LEU F 105 5.34 37.78 13.52
N TYR F 106 6.35 37.85 12.64
CA TYR F 106 6.41 36.81 11.61
C TYR F 106 6.89 35.49 12.17
N ASN F 107 7.65 35.50 13.28
CA ASN F 107 7.96 34.23 13.95
C ASN F 107 6.69 33.63 14.56
N ALA F 108 5.83 34.50 15.11
CA ALA F 108 4.55 34.05 15.62
C ALA F 108 3.74 33.37 14.53
N VAL F 109 3.77 33.93 13.32
CA VAL F 109 3.07 33.32 12.19
C VAL F 109 3.61 31.93 11.92
N SER F 110 4.95 31.80 11.88
CA SER F 110 5.54 30.48 11.66
C SER F 110 5.13 29.51 12.75
N LEU F 111 5.16 29.95 14.01
CA LEU F 111 4.73 29.11 15.11
C LEU F 111 3.25 28.74 14.98
N ARG F 112 2.37 29.74 14.83
CA ARG F 112 0.95 29.44 14.86
C ARG F 112 0.53 28.58 13.68
N TYR F 113 1.14 28.78 12.51
CA TYR F 113 0.73 28.07 11.31
C TYR F 113 1.73 27.00 10.86
N ALA F 114 2.75 26.70 11.66
CA ALA F 114 3.73 25.64 11.39
C ALA F 114 4.20 25.68 9.94
N VAL F 115 4.68 26.85 9.54
CA VAL F 115 5.10 27.10 8.17
C VAL F 115 6.40 27.90 8.22
N PRO F 116 7.43 27.54 7.44
CA PRO F 116 8.63 28.39 7.39
C PRO F 116 8.27 29.79 6.91
N VAL F 117 8.77 30.80 7.63
CA VAL F 117 8.52 32.19 7.27
C VAL F 117 9.85 32.92 7.27
N GLY F 118 10.24 33.44 6.10
CA GLY F 118 11.44 34.26 6.00
C GLY F 118 11.08 35.73 5.97
N GLY F 119 11.84 36.51 6.74
CA GLY F 119 11.70 37.97 6.72
C GLY F 119 13.03 38.60 6.35
N GLU F 120 13.07 39.45 5.32
CA GLU F 120 14.32 40.03 4.88
C GLU F 120 14.16 41.53 4.59
N ASN F 121 15.29 42.23 4.61
CA ASN F 121 15.37 43.65 4.30
C ASN F 121 15.59 43.79 2.80
N SER F 122 14.55 44.20 2.05
CA SER F 122 14.66 44.14 0.59
C SER F 122 15.59 45.20 0.03
N ALA F 123 15.92 46.24 0.81
CA ALA F 123 16.91 47.21 0.36
C ALA F 123 18.30 46.59 0.24
N ALA F 124 18.56 45.49 0.95
CA ALA F 124 19.88 44.86 0.90
C ALA F 124 20.05 43.90 -0.29
N TYR F 125 19.03 43.72 -1.11
CA TYR F 125 19.16 42.78 -2.22
C TYR F 125 19.83 43.43 -3.41
N CYS F 126 20.75 42.70 -4.02
CA CYS F 126 21.38 43.12 -5.26
CA CYS F 126 21.40 43.12 -5.27
C CYS F 126 20.74 42.29 -6.38
N GLY F 127 19.84 42.91 -7.13
CA GLY F 127 19.04 42.15 -8.06
C GLY F 127 17.93 41.41 -7.31
N SER F 128 17.31 40.47 -7.99
CA SER F 128 16.11 39.80 -7.52
C SER F 128 16.44 38.47 -6.84
N PRO F 129 15.61 38.07 -5.87
CA PRO F 129 15.81 36.75 -5.25
C PRO F 129 15.51 35.63 -6.23
N ARG F 130 16.27 34.54 -6.15
CA ARG F 130 15.98 33.34 -6.93
C ARG F 130 16.29 32.09 -6.12
N LEU F 131 15.46 31.05 -6.33
CA LEU F 131 15.56 29.78 -5.59
C LEU F 131 16.14 28.74 -6.55
N VAL F 132 17.39 28.35 -6.31
CA VAL F 132 18.18 27.61 -7.30
C VAL F 132 18.93 26.48 -6.61
N PHE F 133 19.49 25.59 -7.44
CA PHE F 133 20.42 24.57 -6.98
C PHE F 133 21.82 25.16 -7.03
N ALA F 134 22.52 25.13 -5.89
CA ALA F 134 23.87 25.66 -5.83
C ALA F 134 24.86 24.75 -6.57
N ASP F 135 25.92 25.36 -7.09
CA ASP F 135 27.02 24.61 -7.65
C ASP F 135 28.24 24.56 -6.73
N GLY F 136 28.19 25.23 -5.58
CA GLY F 136 29.27 25.16 -4.61
C GLY F 136 30.31 26.25 -4.71
N SER F 137 30.23 27.11 -5.73
CA SER F 137 31.13 28.25 -5.84
C SER F 137 30.59 29.51 -5.18
N GLU F 138 29.30 29.55 -4.84
CA GLU F 138 28.69 30.74 -4.26
C GLU F 138 29.24 31.02 -2.87
N THR F 139 29.13 32.29 -2.44
CA THR F 139 29.56 32.69 -1.11
C THR F 139 28.38 33.16 -0.27
N PHE F 140 28.54 33.03 1.04
CA PHE F 140 27.46 33.17 2.02
C PHE F 140 28.05 33.87 3.23
N ASP F 141 27.56 35.08 3.52
CA ASP F 141 28.02 35.86 4.67
C ASP F 141 27.23 35.45 5.90
N THR F 142 27.90 34.86 6.88
CA THR F 142 27.23 34.35 8.07
C THR F 142 28.08 34.71 9.28
N LEU F 143 27.89 33.99 10.38
CA LEU F 143 28.62 34.22 11.62
C LEU F 143 29.18 32.90 12.15
N LYS F 144 30.48 32.87 12.41
CA LYS F 144 31.12 31.78 13.10
C LYS F 144 31.88 32.34 14.29
N GLU F 145 31.67 31.77 15.47
CA GLU F 145 32.22 32.29 16.73
C GLU F 145 31.80 33.74 16.96
N GLY F 146 30.59 34.10 16.50
CA GLY F 146 30.09 35.45 16.64
C GLY F 146 30.72 36.48 15.74
N GLN F 147 31.72 36.11 14.92
CA GLN F 147 32.33 37.09 14.05
C GLN F 147 31.94 36.83 12.59
N PRO F 148 31.89 37.87 11.77
CA PRO F 148 31.49 37.70 10.36
C PRO F 148 32.40 36.72 9.63
N ALA F 149 31.80 35.63 9.15
CA ALA F 149 32.50 34.60 8.40
C ALA F 149 31.90 34.48 7.01
N THR F 150 32.59 33.74 6.15
CA THR F 150 32.12 33.46 4.79
C THR F 150 32.21 31.97 4.53
N GLU F 151 31.11 31.39 4.05
CA GLU F 151 31.00 29.96 3.74
C GLU F 151 30.53 29.80 2.29
N SER F 152 30.60 28.56 1.79
CA SER F 152 30.01 28.18 0.52
C SER F 152 29.01 27.04 0.74
N PRO F 153 27.86 27.06 0.06
CA PRO F 153 26.95 25.91 0.15
C PRO F 153 27.55 24.70 -0.53
N GLU F 154 26.97 23.54 -0.23
CA GLU F 154 27.35 22.32 -0.92
C GLU F 154 26.83 22.34 -2.35
N PRO F 155 27.53 21.72 -3.29
CA PRO F 155 26.97 21.59 -4.65
C PRO F 155 25.68 20.79 -4.59
N GLY F 156 24.62 21.32 -5.22
CA GLY F 156 23.32 20.71 -5.16
C GLY F 156 22.42 21.16 -4.03
N GLU F 157 22.98 21.86 -3.03
CA GLU F 157 22.14 22.48 -2.01
C GLU F 157 21.15 23.44 -2.66
N VAL F 158 19.91 23.42 -2.17
CA VAL F 158 18.92 24.43 -2.57
C VAL F 158 19.19 25.71 -1.79
N ILE F 159 19.33 26.83 -2.50
CA ILE F 159 19.64 28.12 -1.89
C ILE F 159 18.72 29.20 -2.46
N TRP F 160 18.40 30.18 -1.62
CA TRP F 160 17.98 31.49 -2.11
C TRP F 160 19.23 32.35 -2.27
N ARG F 161 19.32 33.05 -3.39
CA ARG F 161 20.48 33.88 -3.69
C ARG F 161 20.04 35.16 -4.40
N ASP F 162 20.94 36.14 -4.41
CA ASP F 162 20.75 37.29 -5.29
C ASP F 162 21.96 37.41 -6.21
N ASP F 163 22.15 38.56 -6.85
CA ASP F 163 23.26 38.69 -7.80
C ASP F 163 24.60 38.45 -7.12
N ARG F 164 24.67 38.76 -5.83
CA ARG F 164 25.92 38.75 -5.07
C ARG F 164 26.29 37.37 -4.53
N GLY F 165 25.31 36.61 -4.03
CA GLY F 165 25.63 35.34 -3.41
C GLY F 165 24.40 34.80 -2.71
N VAL F 166 24.64 33.77 -1.88
CA VAL F 166 23.57 33.11 -1.15
C VAL F 166 22.94 34.07 -0.15
N THR F 167 21.61 34.03 -0.04
CA THR F 167 20.91 34.76 1.02
C THR F 167 20.19 33.86 2.01
N CYS F 168 19.92 32.59 1.67
CA CYS F 168 19.51 31.60 2.66
C CYS F 168 20.04 30.23 2.27
N ARG F 169 20.66 29.55 3.21
CA ARG F 169 21.23 28.23 2.96
C ARG F 169 20.24 27.13 3.30
N ARG F 170 20.40 26.00 2.61
CA ARG F 170 19.53 24.84 2.79
C ARG F 170 18.07 25.26 2.76
N TRP F 171 17.71 26.01 1.70
CA TRP F 171 16.35 26.45 1.42
C TRP F 171 15.85 27.45 2.44
N ASN F 172 15.54 26.99 3.66
CA ASN F 172 15.05 27.89 4.70
C ASN F 172 15.66 27.54 6.05
N TRP F 173 16.90 27.04 6.04
CA TRP F 173 17.57 26.68 7.28
C TRP F 173 18.24 27.87 7.95
N ARG F 174 18.92 28.72 7.19
CA ARG F 174 19.65 29.81 7.83
C ARG F 174 19.84 30.96 6.84
N GLN F 175 19.33 32.14 7.21
CA GLN F 175 19.54 33.33 6.43
C GLN F 175 20.94 33.91 6.66
N GLY F 176 21.42 34.66 5.66
CA GLY F 176 22.68 35.37 5.81
C GLY F 176 22.54 36.62 6.67
N VAL F 177 23.68 37.22 7.01
CA VAL F 177 23.65 38.43 7.84
C VAL F 177 23.17 39.62 7.04
N ARG F 178 23.67 39.76 5.80
CA ARG F 178 23.49 40.92 4.94
C ARG F 178 22.03 41.39 4.87
N THR F 179 21.09 40.48 4.63
CA THR F 179 19.71 40.89 4.36
C THR F 179 18.79 40.70 5.55
N ARG F 180 19.34 40.64 6.76
CA ARG F 180 18.54 40.49 7.98
C ARG F 180 17.55 41.64 8.14
N LEU F 181 16.33 41.31 8.56
CA LEU F 181 15.26 42.28 8.71
C LEU F 181 15.34 42.93 10.08
N SER F 182 15.03 44.23 10.12
CA SER F 182 14.81 44.95 11.37
C SER F 182 13.56 45.80 11.24
N ALA F 183 12.91 46.07 12.38
CA ALA F 183 11.62 46.77 12.35
C ALA F 183 11.72 48.15 11.71
N SER F 184 12.90 48.77 11.70
CA SER F 184 13.10 50.08 11.11
C SER F 184 13.31 50.04 9.59
N ASP F 185 13.21 48.88 8.94
CA ASP F 185 13.44 48.80 7.51
C ASP F 185 12.28 49.43 6.76
N LYS F 186 12.60 50.19 5.72
CA LYS F 186 11.56 50.85 4.93
C LYS F 186 10.90 49.90 3.93
N ALA F 187 11.61 48.91 3.43
CA ALA F 187 11.06 47.93 2.50
C ALA F 187 11.42 46.53 2.98
N MET F 188 10.42 45.63 3.02
CA MET F 188 10.56 44.30 3.57
C MET F 188 9.99 43.27 2.60
N TRP F 189 10.61 42.09 2.58
CA TRP F 189 10.15 40.95 1.80
C TRP F 189 9.95 39.77 2.74
N PHE F 190 8.76 39.17 2.69
CA PHE F 190 8.44 37.97 3.46
C PHE F 190 8.17 36.81 2.50
N ILE F 191 8.62 35.62 2.87
CA ILE F 191 8.39 34.42 2.04
C ILE F 191 7.88 33.31 2.96
N LEU F 192 6.64 32.90 2.74
CA LEU F 192 6.02 31.83 3.53
C LEU F 192 6.00 30.57 2.66
N GLU F 193 6.84 29.60 3.01
CA GLU F 193 7.15 28.48 2.11
C GLU F 193 6.46 27.22 2.59
N SER F 194 5.73 26.56 1.69
CA SER F 194 4.87 25.44 2.07
C SER F 194 4.94 24.33 1.02
N LEU F 195 4.56 23.14 1.48
CA LEU F 195 4.42 21.93 0.69
C LEU F 195 2.96 21.47 0.76
N PRO F 196 2.52 20.54 -0.10
CA PRO F 196 1.10 20.16 -0.11
C PRO F 196 0.56 19.71 1.22
N GLU F 197 1.44 19.28 2.14
CA GLU F 197 0.98 18.80 3.44
C GLU F 197 0.38 19.93 4.27
N MET F 198 0.64 21.19 3.92
CA MET F 198 -0.08 22.31 4.50
C MET F 198 -1.26 22.65 3.61
N PRO F 199 -2.49 22.65 4.13
CA PRO F 199 -3.63 23.05 3.29
C PRO F 199 -3.46 24.49 2.83
N VAL F 200 -3.80 24.74 1.56
CA VAL F 200 -3.49 26.03 0.96
C VAL F 200 -4.29 27.15 1.62
N ASP F 201 -5.54 26.87 2.01
CA ASP F 201 -6.33 27.88 2.69
C ASP F 201 -5.70 28.32 4.01
N GLU F 202 -4.93 27.44 4.65
CA GLU F 202 -4.22 27.83 5.86
C GLU F 202 -3.00 28.67 5.55
N LEU F 203 -2.36 28.47 4.39
CA LEU F 203 -1.26 29.35 4.00
C LEU F 203 -1.75 30.76 3.74
N TYR F 204 -2.91 30.88 3.12
CA TYR F 204 -3.51 32.21 2.96
C TYR F 204 -3.90 32.79 4.32
N ALA F 205 -4.37 31.95 5.24
CA ALA F 205 -4.66 32.43 6.60
C ALA F 205 -3.39 32.96 7.28
N ALA F 206 -2.28 32.22 7.18
CA ALA F 206 -1.01 32.67 7.73
C ALA F 206 -0.58 34.01 7.13
N GLY F 207 -0.71 34.16 5.81
CA GLY F 207 -0.43 35.44 5.20
C GLY F 207 -1.27 36.56 5.76
N ASN F 208 -2.57 36.29 5.96
CA ASN F 208 -3.48 37.31 6.47
C ASN F 208 -3.18 37.67 7.93
N MET F 209 -2.76 36.71 8.74
CA MET F 209 -2.31 37.03 10.10
C MET F 209 -1.12 37.99 10.05
N LEU F 210 -0.18 37.75 9.13
CA LEU F 210 0.99 38.61 8.99
C LEU F 210 0.61 40.02 8.54
N THR F 211 -0.18 40.13 7.47
CA THR F 211 -0.48 41.48 6.97
C THR F 211 -1.46 42.22 7.89
N ASP F 212 -2.48 41.52 8.43
CA ASP F 212 -3.34 42.16 9.43
C ASP F 212 -2.51 42.66 10.61
N GLY F 213 -1.54 41.86 11.06
CA GLY F 213 -0.67 42.30 12.14
C GLY F 213 0.18 43.50 11.75
N LEU F 214 0.81 43.43 10.57
CA LEU F 214 1.63 44.56 10.13
C LEU F 214 0.81 45.83 10.01
N GLU F 215 -0.43 45.71 9.51
CA GLU F 215 -1.29 46.88 9.32
C GLU F 215 -1.66 47.52 10.65
N LYS F 216 -1.88 46.70 11.68
CA LYS F 216 -2.16 47.27 13.00
C LYS F 216 -0.91 47.91 13.59
N MET F 217 0.23 47.23 13.45
CA MET F 217 1.49 47.73 13.99
C MET F 217 1.91 49.04 13.32
N MET F 218 1.71 49.13 12.01
CA MET F 218 2.19 50.26 11.21
C MET F 218 1.06 50.75 10.31
N PRO F 219 0.09 51.47 10.86
CA PRO F 219 -1.01 51.98 10.02
C PRO F 219 -0.47 52.82 8.87
N GLY F 220 -1.01 52.59 7.68
CA GLY F 220 -0.55 53.23 6.47
C GLY F 220 0.35 52.36 5.60
N LEU F 221 0.80 51.22 6.12
CA LEU F 221 1.69 50.33 5.39
C LEU F 221 1.04 49.84 4.09
N ARG F 222 1.88 49.57 3.09
CA ARG F 222 1.42 49.03 1.82
C ARG F 222 2.04 47.66 1.60
N PHE F 223 1.27 46.75 1.00
CA PHE F 223 1.78 45.42 0.73
C PHE F 223 1.17 44.85 -0.54
N GLU F 224 1.90 43.96 -1.21
CA GLU F 224 1.43 43.17 -2.33
C GLU F 224 1.79 41.72 -2.10
N SER F 225 0.89 40.82 -2.47
CA SER F 225 1.04 39.41 -2.13
C SER F 225 0.82 38.55 -3.36
N THR F 226 1.70 37.55 -3.57
CA THR F 226 1.66 36.68 -4.74
C THR F 226 2.02 35.25 -4.33
N LEU F 227 1.24 34.29 -4.80
CA LEU F 227 1.53 32.88 -4.57
C LEU F 227 2.35 32.34 -5.75
N ILE F 228 3.56 31.85 -5.47
CA ILE F 228 4.44 31.32 -6.51
C ILE F 228 4.64 29.84 -6.23
N GLY F 229 4.76 29.03 -7.30
CA GLY F 229 4.88 27.61 -7.06
C GLY F 229 5.44 26.81 -8.22
N VAL F 230 5.79 25.57 -7.89
CA VAL F 230 6.32 24.63 -8.86
C VAL F 230 5.95 23.21 -8.43
N SER G 5 4.60 38.59 -17.64
CA SER G 5 3.51 38.35 -16.70
C SER G 5 2.40 39.40 -16.89
N MET G 6 1.15 38.93 -16.82
CA MET G 6 -0.01 39.78 -17.03
C MET G 6 -0.54 40.31 -15.70
N LEU G 7 -0.84 41.62 -15.67
CA LEU G 7 -1.35 42.30 -14.48
C LEU G 7 -2.75 42.80 -14.79
N PRO G 8 -3.78 42.00 -14.58
CA PRO G 8 -5.14 42.42 -14.93
C PRO G 8 -5.58 43.57 -14.04
N SER G 9 -6.49 44.39 -14.58
CA SER G 9 -7.14 45.43 -13.81
C SER G 9 -8.65 45.37 -14.00
N ILE G 10 -9.39 45.86 -13.00
CA ILE G 10 -10.84 45.86 -13.00
C ILE G 10 -11.30 47.30 -12.82
N SER G 11 -12.20 47.74 -13.68
CA SER G 11 -12.74 49.08 -13.53
C SER G 11 -13.50 49.19 -12.21
N PRO G 12 -13.27 50.23 -11.41
CA PRO G 12 -14.00 50.34 -10.13
C PRO G 12 -15.51 50.41 -10.29
N GLU G 13 -16.03 50.85 -11.43
CA GLU G 13 -17.49 50.97 -11.51
C GLU G 13 -18.19 49.61 -11.52
N LEU G 14 -17.44 48.50 -11.61
CA LEU G 14 -18.06 47.18 -11.55
C LEU G 14 -18.58 46.86 -10.15
N ALA G 15 -18.07 47.51 -9.10
CA ALA G 15 -18.63 47.34 -7.77
C ALA G 15 -20.13 47.70 -7.72
N ARG G 16 -20.61 48.49 -8.68
CA ARG G 16 -22.03 48.83 -8.70
C ARG G 16 -22.90 47.60 -8.92
N ILE G 17 -22.45 46.61 -9.69
CA ILE G 17 -23.25 45.43 -9.96
C ILE G 17 -22.70 44.16 -9.33
N ALA G 18 -21.42 44.11 -8.95
CA ALA G 18 -20.82 42.89 -8.41
C ALA G 18 -19.92 43.21 -7.22
N PRO G 19 -20.46 43.86 -6.18
CA PRO G 19 -19.62 44.13 -5.00
C PRO G 19 -19.19 42.84 -4.34
N GLY G 20 -17.92 42.77 -3.96
CA GLY G 20 -17.39 41.55 -3.38
C GLY G 20 -16.86 40.54 -4.38
N PHE G 21 -16.84 40.88 -5.66
CA PHE G 21 -16.23 39.99 -6.66
C PHE G 21 -14.76 39.77 -6.35
N ARG G 22 -14.31 38.52 -6.55
CA ARG G 22 -12.92 38.15 -6.29
C ARG G 22 -12.52 37.05 -7.27
N ALA G 23 -11.27 37.10 -7.73
CA ALA G 23 -10.78 36.14 -8.72
C ALA G 23 -9.33 35.80 -8.43
N LEU G 24 -8.93 34.58 -8.79
CA LEU G 24 -7.53 34.19 -8.84
C LEU G 24 -7.02 34.38 -10.27
N SER G 25 -5.98 35.19 -10.42
CA SER G 25 -5.33 35.44 -11.71
C SER G 25 -4.00 34.69 -11.70
N ILE G 26 -3.88 33.65 -12.54
CA ILE G 26 -2.74 32.74 -12.46
C ILE G 26 -1.96 32.79 -13.77
N ASN G 27 -0.72 33.28 -13.70
CA ASN G 27 0.20 33.29 -14.82
C ASN G 27 1.06 32.04 -14.81
N VAL G 28 1.17 31.39 -15.97
CA VAL G 28 1.79 30.08 -16.07
C VAL G 28 2.87 30.09 -17.15
N ILE G 29 4.03 29.55 -16.82
CA ILE G 29 5.05 29.15 -17.79
C ILE G 29 5.00 27.63 -17.89
N ALA G 30 4.59 27.11 -19.03
CA ALA G 30 4.38 25.68 -19.19
C ALA G 30 5.71 24.96 -19.43
N ALA G 31 5.65 23.62 -19.48
CA ALA G 31 6.78 22.70 -19.67
C ALA G 31 6.32 21.53 -20.54
N PRO G 32 7.23 20.70 -21.08
CA PRO G 32 6.78 19.58 -21.92
C PRO G 32 5.83 18.63 -21.18
N ILE G 33 4.84 18.14 -21.92
CA ILE G 33 3.85 17.24 -21.34
C ILE G 33 4.48 15.89 -21.03
N ARG G 34 4.22 15.38 -19.83
CA ARG G 34 4.71 14.08 -19.39
C ARG G 34 3.62 13.17 -18.83
N ASP G 35 2.44 13.70 -18.48
CA ASP G 35 1.30 12.87 -18.06
C ASP G 35 0.06 13.51 -18.70
N ALA G 36 -0.21 13.10 -19.94
CA ALA G 36 -1.31 13.69 -20.70
C ALA G 36 -2.68 13.26 -20.18
N GLN G 37 -2.75 12.22 -19.35
CA GLN G 37 -4.03 11.73 -18.84
C GLN G 37 -4.62 12.60 -17.73
N VAL G 38 -3.84 13.52 -17.15
CA VAL G 38 -4.30 14.29 -15.98
C VAL G 38 -5.63 14.96 -16.27
N GLY G 39 -5.73 15.64 -17.42
CA GLY G 39 -6.95 16.37 -17.72
C GLY G 39 -8.16 15.48 -17.85
N GLU G 40 -8.01 14.36 -18.56
CA GLU G 40 -9.13 13.46 -18.80
C GLU G 40 -9.62 12.82 -17.51
N ILE G 41 -8.71 12.44 -16.61
CA ILE G 41 -9.11 11.81 -15.36
C ILE G 41 -9.77 12.84 -14.44
N ALA G 42 -9.18 14.04 -14.31
CA ALA G 42 -9.83 15.09 -13.53
C ALA G 42 -11.24 15.37 -14.04
N LEU G 43 -11.42 15.36 -15.36
CA LEU G 43 -12.72 15.70 -15.93
C LEU G 43 -13.78 14.67 -15.59
N LYS G 44 -13.48 13.38 -15.75
CA LYS G 44 -14.51 12.37 -15.52
C LYS G 44 -14.86 12.26 -14.04
N GLU G 45 -13.87 12.47 -13.15
CA GLU G 45 -14.18 12.49 -11.72
C GLU G 45 -15.00 13.73 -11.34
N ALA G 46 -14.73 14.87 -11.98
CA ALA G 46 -15.54 16.06 -11.72
C ALA G 46 -16.99 15.82 -12.14
N CYS G 47 -17.20 15.14 -13.27
CA CYS G 47 -18.55 14.84 -13.71
C CYS G 47 -19.29 13.99 -12.69
N GLN G 48 -18.63 12.95 -12.18
CA GLN G 48 -19.21 12.15 -11.10
C GLN G 48 -19.58 13.03 -9.92
N ALA G 49 -18.66 13.89 -9.50
CA ALA G 49 -18.91 14.80 -8.38
C ALA G 49 -20.17 15.63 -8.61
N VAL G 50 -20.33 16.17 -9.82
CA VAL G 50 -21.51 16.97 -10.14
C VAL G 50 -22.77 16.11 -10.11
N ILE G 51 -22.71 14.92 -10.68
CA ILE G 51 -23.86 14.01 -10.70
C ILE G 51 -24.27 13.64 -9.28
N ASN G 52 -23.31 13.53 -8.37
CA ASN G 52 -23.60 13.30 -6.95
C ASN G 52 -24.08 14.56 -6.24
N GLY G 53 -24.35 15.64 -6.97
CA GLY G 53 -24.87 16.85 -6.37
C GLY G 53 -23.84 17.76 -5.74
N GLN G 54 -22.56 17.59 -6.07
CA GLN G 54 -21.54 18.48 -5.52
C GLN G 54 -21.27 19.63 -6.49
N PRO G 55 -20.75 20.76 -5.99
CA PRO G 55 -20.52 21.10 -4.58
C PRO G 55 -21.71 21.85 -3.97
N ALA G 56 -21.70 22.00 -2.64
CA ALA G 56 -22.88 22.50 -1.95
C ALA G 56 -23.27 23.92 -2.37
N TRP G 57 -22.30 24.76 -2.75
CA TRP G 57 -22.59 26.15 -3.09
C TRP G 57 -23.04 26.36 -4.52
N ALA G 58 -23.18 25.29 -5.30
CA ALA G 58 -23.34 25.41 -6.75
C ALA G 58 -24.54 26.28 -7.12
N GLN G 59 -25.72 25.98 -6.57
CA GLN G 59 -26.91 26.70 -7.00
C GLN G 59 -26.86 28.16 -6.55
N ALA G 60 -26.38 28.41 -5.34
CA ALA G 60 -26.31 29.79 -4.87
C ALA G 60 -25.32 30.60 -5.68
N HIS G 61 -24.17 30.00 -6.03
CA HIS G 61 -23.16 30.73 -6.76
C HIS G 61 -23.60 31.00 -8.20
N ILE G 62 -24.26 30.03 -8.83
CA ILE G 62 -24.73 30.23 -10.20
C ILE G 62 -25.84 31.27 -10.24
N ASP G 63 -26.77 31.20 -9.27
CA ASP G 63 -27.82 32.21 -9.19
C ASP G 63 -27.22 33.61 -9.03
N ALA G 64 -26.16 33.72 -8.23
CA ALA G 64 -25.50 35.01 -8.06
C ALA G 64 -24.93 35.53 -9.37
N TRP G 65 -24.30 34.66 -10.16
CA TRP G 65 -23.76 35.08 -11.44
C TRP G 65 -24.88 35.53 -12.38
N ASN G 66 -26.01 34.81 -12.38
CA ASN G 66 -27.13 35.18 -13.23
C ASN G 66 -27.68 36.55 -12.87
N THR G 67 -27.77 36.85 -11.57
CA THR G 67 -28.16 38.19 -11.15
C THR G 67 -27.20 39.23 -11.71
N VAL G 68 -25.90 38.97 -11.65
CA VAL G 68 -24.93 39.91 -12.19
C VAL G 68 -25.12 40.06 -13.70
N LEU G 69 -25.29 38.94 -14.42
CA LEU G 69 -25.46 39.00 -15.86
C LEU G 69 -26.67 39.85 -16.25
N LYS G 70 -27.82 39.61 -15.60
CA LYS G 70 -28.99 40.45 -15.87
C LYS G 70 -28.71 41.91 -15.54
N ALA G 71 -27.84 42.18 -14.56
CA ALA G 71 -27.60 43.56 -14.16
C ALA G 71 -26.83 44.37 -15.20
N PHE G 72 -26.28 43.74 -16.25
CA PHE G 72 -25.73 44.51 -17.36
C PHE G 72 -26.43 44.20 -18.68
N GLY G 73 -27.65 43.67 -18.62
CA GLY G 73 -28.46 43.52 -19.80
C GLY G 73 -28.46 42.15 -20.42
N ALA G 74 -27.66 41.22 -19.91
CA ALA G 74 -27.59 39.89 -20.50
C ALA G 74 -28.75 39.04 -20.02
N LYS G 75 -29.16 38.11 -20.88
CA LYS G 75 -30.19 37.13 -20.55
C LYS G 75 -29.51 35.78 -20.34
N PRO G 76 -29.29 35.35 -19.09
CA PRO G 76 -28.43 34.17 -18.85
C PRO G 76 -29.05 32.86 -19.30
N LYS G 77 -30.38 32.80 -19.46
CA LYS G 77 -30.96 31.59 -20.04
C LYS G 77 -30.44 31.37 -21.45
N ARG G 78 -30.16 32.45 -22.16
CA ARG G 78 -29.63 32.37 -23.53
C ARG G 78 -28.09 32.33 -23.57
N THR G 79 -27.42 33.11 -22.74
CA THR G 79 -25.96 33.20 -22.76
C THR G 79 -25.48 32.97 -21.33
N PRO G 80 -25.36 31.72 -20.90
CA PRO G 80 -25.02 31.45 -19.50
C PRO G 80 -23.54 31.70 -19.21
N CYS G 81 -23.24 31.86 -17.92
CA CYS G 81 -21.84 31.85 -17.53
C CYS G 81 -21.25 30.47 -17.81
N SER G 82 -19.94 30.44 -18.07
CA SER G 82 -19.29 29.19 -18.49
C SER G 82 -19.46 28.09 -17.44
N ALA G 83 -19.54 28.45 -16.16
CA ALA G 83 -19.68 27.43 -15.13
C ALA G 83 -21.05 26.74 -15.23
N GLU G 84 -22.11 27.52 -15.43
CA GLU G 84 -23.43 26.92 -15.60
C GLU G 84 -23.55 26.15 -16.90
N ALA G 85 -22.89 26.64 -17.96
CA ALA G 85 -22.92 25.94 -19.24
C ALA G 85 -22.39 24.52 -19.10
N LEU G 86 -21.24 24.36 -18.44
CA LEU G 86 -20.67 23.04 -18.27
C LEU G 86 -21.54 22.18 -17.38
N ARG G 87 -22.05 22.74 -16.28
CA ARG G 87 -22.82 21.96 -15.31
C ARG G 87 -24.13 21.47 -15.92
N LYS G 88 -24.77 22.30 -16.75
CA LYS G 88 -25.97 21.84 -17.44
C LYS G 88 -25.64 20.67 -18.35
N ARG G 89 -24.58 20.80 -19.15
CA ARG G 89 -24.19 19.75 -20.09
C ARG G 89 -23.94 18.42 -19.38
N VAL G 90 -23.23 18.45 -18.25
CA VAL G 90 -22.91 17.22 -17.54
C VAL G 90 -24.19 16.57 -17.01
N LEU G 91 -25.10 17.38 -16.47
CA LEU G 91 -26.34 16.84 -15.93
C LEU G 91 -27.29 16.34 -17.01
N LYS G 92 -27.02 16.63 -18.28
CA LYS G 92 -27.90 16.20 -19.37
C LYS G 92 -27.38 14.98 -20.12
N ASP G 93 -26.07 14.71 -20.08
CA ASP G 93 -25.50 13.59 -20.79
C ASP G 93 -24.82 12.57 -19.89
N GLY G 94 -24.57 12.91 -18.63
CA GLY G 94 -23.75 12.10 -17.75
C GLY G 94 -22.26 12.33 -17.88
N THR G 95 -21.81 12.94 -18.98
CA THR G 95 -20.38 13.18 -19.16
C THR G 95 -20.17 14.24 -20.22
N MET G 96 -19.00 14.87 -20.13
CA MET G 96 -18.48 15.81 -21.11
C MET G 96 -17.25 15.20 -21.80
N ALA G 97 -16.75 15.92 -22.80
CA ALA G 97 -15.52 15.52 -23.48
C ALA G 97 -15.02 16.68 -24.33
N ALA G 98 -13.69 16.88 -24.32
CA ALA G 98 -13.05 17.82 -25.22
C ALA G 98 -11.68 17.27 -25.57
N LEU G 99 -11.01 17.90 -26.53
CA LEU G 99 -9.82 17.34 -27.15
C LEU G 99 -8.55 18.14 -26.82
N ASP G 100 -8.43 18.59 -25.57
CA ASP G 100 -7.18 19.21 -25.14
C ASP G 100 -6.99 18.88 -23.67
N PRO G 101 -5.84 18.32 -23.29
CA PRO G 101 -5.65 17.94 -21.88
C PRO G 101 -5.67 19.11 -20.90
N VAL G 102 -5.20 20.29 -21.31
CA VAL G 102 -5.27 21.43 -20.39
C VAL G 102 -6.69 21.98 -20.31
N VAL G 103 -7.39 22.06 -21.44
CA VAL G 103 -8.78 22.52 -21.40
C VAL G 103 -9.63 21.56 -20.56
N ASP G 104 -9.41 20.24 -20.71
CA ASP G 104 -10.13 19.27 -19.89
C ASP G 104 -9.87 19.52 -18.40
N LEU G 105 -8.61 19.82 -18.04
CA LEU G 105 -8.29 20.04 -16.63
C LEU G 105 -9.02 21.26 -16.08
N TYR G 106 -9.01 22.38 -16.79
CA TYR G 106 -9.61 23.56 -16.18
C TYR G 106 -11.13 23.57 -16.28
N ASN G 107 -11.74 22.86 -17.24
CA ASN G 107 -13.17 22.57 -17.17
C ASN G 107 -13.48 21.67 -15.97
N ALA G 108 -12.64 20.67 -15.70
CA ALA G 108 -12.83 19.83 -14.51
C ALA G 108 -12.81 20.66 -13.23
N VAL G 109 -11.89 21.62 -13.14
CA VAL G 109 -11.86 22.49 -11.98
C VAL G 109 -13.15 23.29 -11.88
N SER G 110 -13.63 23.79 -13.03
CA SER G 110 -14.85 24.58 -13.01
C SER G 110 -16.03 23.75 -12.52
N LEU G 111 -16.03 22.46 -12.88
CA LEU G 111 -17.14 21.59 -12.54
C LEU G 111 -17.10 21.19 -11.08
N ARG G 112 -15.93 20.79 -10.58
CA ARG G 112 -15.84 20.32 -9.19
C ARG G 112 -16.15 21.42 -8.19
N TYR G 113 -15.80 22.67 -8.52
CA TYR G 113 -15.98 23.79 -7.59
C TYR G 113 -17.05 24.78 -8.02
N ALA G 114 -17.82 24.48 -9.07
CA ALA G 114 -18.90 25.33 -9.58
C ALA G 114 -18.45 26.79 -9.64
N VAL G 115 -17.35 26.99 -10.35
CA VAL G 115 -16.75 28.32 -10.45
C VAL G 115 -16.38 28.56 -11.91
N PRO G 116 -16.71 29.72 -12.49
CA PRO G 116 -16.19 30.02 -13.84
C PRO G 116 -14.67 29.98 -13.83
N VAL G 117 -14.09 29.30 -14.82
CA VAL G 117 -12.65 29.23 -14.98
C VAL G 117 -12.32 29.47 -16.44
N GLY G 118 -11.50 30.49 -16.71
CA GLY G 118 -11.04 30.79 -18.05
C GLY G 118 -9.57 30.41 -18.21
N GLY G 119 -9.18 30.08 -19.45
CA GLY G 119 -7.81 29.77 -19.78
C GLY G 119 -7.43 30.29 -21.16
N GLU G 120 -6.29 30.97 -21.28
CA GLU G 120 -5.97 31.67 -22.51
C GLU G 120 -4.47 31.62 -22.78
N ASN G 121 -4.14 31.81 -24.05
CA ASN G 121 -2.75 31.96 -24.52
C ASN G 121 -2.28 33.39 -24.22
N SER G 122 -1.45 33.55 -23.20
CA SER G 122 -1.06 34.91 -22.82
C SER G 122 -0.12 35.53 -23.84
N ALA G 123 0.54 34.73 -24.68
CA ALA G 123 1.37 35.28 -25.74
C ALA G 123 0.54 36.01 -26.80
N ALA G 124 -0.76 35.75 -26.87
CA ALA G 124 -1.64 36.41 -27.83
C ALA G 124 -2.13 37.77 -27.36
N TYR G 125 -1.85 38.14 -26.11
CA TYR G 125 -2.33 39.39 -25.54
C TYR G 125 -1.49 40.58 -26.02
N CYS G 126 -2.15 41.68 -26.33
CA CYS G 126 -1.49 42.96 -26.61
CA CYS G 126 -1.48 42.95 -26.60
C CYS G 126 -1.88 43.89 -25.47
N GLY G 127 -0.98 44.08 -24.51
CA GLY G 127 -1.33 44.77 -23.30
C GLY G 127 -1.87 43.81 -22.25
N SER G 128 -2.31 44.35 -21.13
CA SER G 128 -2.80 43.50 -20.05
C SER G 128 -4.32 43.34 -20.10
N PRO G 129 -4.86 42.27 -19.53
CA PRO G 129 -6.32 42.13 -19.46
C PRO G 129 -6.92 43.20 -18.57
N ARG G 130 -8.08 43.69 -18.98
CA ARG G 130 -8.85 44.67 -18.22
C ARG G 130 -10.30 44.24 -18.23
N LEU G 131 -10.97 44.36 -17.08
CA LEU G 131 -12.38 44.03 -16.92
C LEU G 131 -13.15 45.34 -16.80
N VAL G 132 -13.97 45.65 -17.82
CA VAL G 132 -14.58 46.97 -17.97
C VAL G 132 -16.00 46.83 -18.51
N PHE G 133 -16.76 47.93 -18.44
CA PHE G 133 -18.01 48.07 -19.18
C PHE G 133 -17.70 48.50 -20.62
N ALA G 134 -18.27 47.79 -21.60
CA ALA G 134 -18.03 48.12 -23.01
C ALA G 134 -18.89 49.29 -23.46
N ASP G 135 -18.37 50.08 -24.41
CA ASP G 135 -19.18 51.14 -25.01
C ASP G 135 -19.86 50.69 -26.30
N GLY G 136 -19.53 49.51 -26.80
CA GLY G 136 -20.21 48.95 -27.96
C GLY G 136 -19.47 49.13 -29.27
N SER G 137 -18.36 49.86 -29.28
CA SER G 137 -17.56 50.04 -30.48
C SER G 137 -16.39 49.06 -30.58
N GLU G 138 -16.21 48.21 -29.57
CA GLU G 138 -15.10 47.27 -29.57
C GLU G 138 -15.35 46.15 -30.57
N THR G 139 -14.27 45.48 -30.99
CA THR G 139 -14.37 44.31 -31.85
C THR G 139 -14.03 43.04 -31.07
N PHE G 140 -14.74 41.96 -31.42
CA PHE G 140 -14.60 40.65 -30.80
C PHE G 140 -14.49 39.61 -31.89
N ASP G 141 -13.37 38.89 -31.93
CA ASP G 141 -13.15 37.86 -32.93
C ASP G 141 -13.58 36.50 -32.38
N THR G 142 -14.52 35.87 -33.08
CA THR G 142 -15.19 34.69 -32.57
C THR G 142 -15.45 33.77 -33.76
N LEU G 143 -16.41 32.86 -33.62
CA LEU G 143 -16.75 31.93 -34.69
C LEU G 143 -18.25 31.90 -34.86
N LYS G 144 -18.72 32.26 -36.04
CA LYS G 144 -20.12 32.06 -36.42
C LYS G 144 -20.22 30.79 -37.27
N GLU G 145 -21.12 29.90 -36.87
CA GLU G 145 -21.11 28.52 -37.35
C GLU G 145 -19.76 27.91 -36.98
N GLY G 146 -18.88 27.72 -37.97
CA GLY G 146 -17.55 27.23 -37.70
C GLY G 146 -16.48 28.09 -38.34
N GLN G 147 -16.89 29.25 -38.85
CA GLN G 147 -16.00 30.12 -39.60
C GLN G 147 -15.63 31.35 -38.78
N PRO G 148 -14.48 31.95 -39.06
CA PRO G 148 -14.09 33.19 -38.34
C PRO G 148 -15.13 34.29 -38.48
N ALA G 149 -15.25 35.11 -37.44
CA ALA G 149 -16.30 36.11 -37.40
C ALA G 149 -15.85 37.22 -36.46
N THR G 150 -16.32 38.44 -36.74
CA THR G 150 -16.07 39.60 -35.89
C THR G 150 -17.41 40.21 -35.50
N GLU G 151 -17.61 40.38 -34.20
CA GLU G 151 -18.81 40.95 -33.62
C GLU G 151 -18.43 42.19 -32.81
N SER G 152 -19.42 42.75 -32.12
CA SER G 152 -19.24 43.81 -31.15
C SER G 152 -20.06 43.51 -29.91
N PRO G 153 -19.58 43.89 -28.72
CA PRO G 153 -20.41 43.74 -27.53
C PRO G 153 -21.52 44.78 -27.53
N GLU G 154 -22.53 44.52 -26.71
CA GLU G 154 -23.56 45.52 -26.47
C GLU G 154 -22.98 46.68 -25.65
N PRO G 155 -23.47 47.90 -25.86
CA PRO G 155 -23.15 48.98 -24.92
C PRO G 155 -23.56 48.58 -23.51
N GLY G 156 -22.65 48.81 -22.55
CA GLY G 156 -22.92 48.44 -21.17
C GLY G 156 -22.59 47.01 -20.80
N GLU G 157 -22.30 46.15 -21.78
CA GLU G 157 -21.93 44.76 -21.50
C GLU G 157 -20.57 44.70 -20.80
N VAL G 158 -20.43 43.82 -19.81
CA VAL G 158 -19.15 43.63 -19.15
C VAL G 158 -18.27 42.74 -20.01
N ILE G 159 -17.03 43.16 -20.24
CA ILE G 159 -16.09 42.44 -21.10
C ILE G 159 -14.72 42.38 -20.44
N TRP G 160 -14.00 41.30 -20.73
CA TRP G 160 -12.54 41.31 -20.63
C TRP G 160 -11.99 41.75 -21.97
N ARG G 161 -10.94 42.57 -21.94
CA ARG G 161 -10.36 43.10 -23.16
C ARG G 161 -8.87 43.35 -22.94
N ASP G 162 -8.15 43.45 -24.05
CA ASP G 162 -6.77 43.95 -24.02
C ASP G 162 -6.73 45.19 -24.92
N ASP G 163 -5.53 45.63 -25.31
CA ASP G 163 -5.44 46.88 -26.08
C ASP G 163 -6.08 46.75 -27.46
N ARG G 164 -6.12 45.53 -28.03
CA ARG G 164 -6.70 45.35 -29.35
C ARG G 164 -8.23 45.33 -29.30
N GLY G 165 -8.80 44.53 -28.39
CA GLY G 165 -10.25 44.50 -28.27
C GLY G 165 -10.71 43.46 -27.28
N VAL G 166 -11.96 43.03 -27.44
CA VAL G 166 -12.61 42.11 -26.50
C VAL G 166 -11.95 40.74 -26.57
N THR G 167 -11.67 40.15 -25.41
CA THR G 167 -11.19 38.78 -25.35
C THR G 167 -12.17 37.84 -24.66
N CYS G 168 -13.18 38.35 -23.97
CA CYS G 168 -14.27 37.51 -23.48
C CYS G 168 -15.54 38.34 -23.36
N ARG G 169 -16.61 37.84 -23.96
CA ARG G 169 -17.87 38.57 -23.96
C ARG G 169 -18.71 38.19 -22.74
N ARG G 170 -19.54 39.13 -22.30
CA ARG G 170 -20.50 38.94 -21.23
C ARG G 170 -19.84 38.34 -19.99
N TRP G 171 -18.76 39.00 -19.56
CA TRP G 171 -17.92 38.67 -18.40
C TRP G 171 -17.22 37.32 -18.55
N ASN G 172 -17.98 36.24 -18.57
CA ASN G 172 -17.37 34.92 -18.70
C ASN G 172 -18.24 33.98 -19.52
N TRP G 173 -19.02 34.54 -20.47
CA TRP G 173 -19.91 33.73 -21.28
C TRP G 173 -19.17 33.04 -22.43
N ARG G 174 -18.32 33.77 -23.15
CA ARG G 174 -17.72 33.22 -24.37
C ARG G 174 -16.36 33.83 -24.61
N GLN G 175 -15.33 32.99 -24.65
CA GLN G 175 -13.97 33.43 -24.94
C GLN G 175 -13.78 33.67 -26.44
N GLY G 176 -12.90 34.61 -26.77
CA GLY G 176 -12.58 34.86 -28.15
C GLY G 176 -11.67 33.80 -28.75
N VAL G 177 -11.52 33.87 -30.08
CA VAL G 177 -10.65 32.94 -30.81
C VAL G 177 -9.19 33.33 -30.67
N ARG G 178 -8.90 34.64 -30.69
CA ARG G 178 -7.52 35.12 -30.77
C ARG G 178 -6.66 34.57 -29.63
N THR G 179 -7.18 34.60 -28.41
CA THR G 179 -6.41 34.22 -27.23
C THR G 179 -6.69 32.80 -26.76
N ARG G 180 -7.26 31.98 -27.63
CA ARG G 180 -7.62 30.61 -27.24
C ARG G 180 -6.40 29.83 -26.80
N LEU G 181 -6.54 29.09 -25.70
CA LEU G 181 -5.45 28.32 -25.13
C LEU G 181 -5.33 26.95 -25.80
N SER G 182 -4.08 26.53 -26.02
CA SER G 182 -3.76 25.16 -26.36
C SER G 182 -2.72 24.64 -25.37
N ALA G 183 -2.70 23.32 -25.20
CA ALA G 183 -1.78 22.68 -24.26
C ALA G 183 -0.32 22.86 -24.66
N SER G 184 -0.06 23.18 -25.92
CA SER G 184 1.31 23.42 -26.37
C SER G 184 1.75 24.86 -26.15
N ASP G 185 0.84 25.76 -25.74
CA ASP G 185 1.23 27.14 -25.44
C ASP G 185 2.36 27.15 -24.41
N LYS G 186 3.31 28.06 -24.60
CA LYS G 186 4.38 28.18 -23.63
C LYS G 186 4.05 29.12 -22.49
N ALA G 187 3.08 30.02 -22.68
CA ALA G 187 2.66 30.97 -21.65
C ALA G 187 1.15 30.99 -21.59
N MET G 188 0.59 30.74 -20.39
CA MET G 188 -0.84 30.59 -20.21
C MET G 188 -1.33 31.51 -19.10
N TRP G 189 -2.59 31.94 -19.20
CA TRP G 189 -3.22 32.78 -18.20
C TRP G 189 -4.58 32.20 -17.83
N PHE G 190 -4.80 31.97 -16.54
CA PHE G 190 -6.07 31.45 -16.04
C PHE G 190 -6.75 32.45 -15.11
N ILE G 191 -8.07 32.53 -15.19
CA ILE G 191 -8.84 33.42 -14.33
C ILE G 191 -10.00 32.63 -13.73
N LEU G 192 -9.97 32.44 -12.42
CA LEU G 192 -11.01 31.75 -11.68
C LEU G 192 -11.85 32.82 -10.98
N GLU G 193 -13.10 32.99 -11.41
CA GLU G 193 -13.91 34.15 -11.03
C GLU G 193 -15.02 33.75 -10.08
N SER G 194 -15.21 34.52 -9.00
CA SER G 194 -16.16 34.13 -7.97
C SER G 194 -16.89 35.33 -7.37
N LEU G 195 -18.03 35.04 -6.75
CA LEU G 195 -18.88 35.95 -6.02
C LEU G 195 -18.99 35.49 -4.57
N PRO G 196 -19.45 36.36 -3.65
CA PRO G 196 -19.44 35.98 -2.22
C PRO G 196 -20.17 34.67 -1.90
N GLU G 197 -21.10 34.25 -2.75
CA GLU G 197 -21.82 32.99 -2.52
C GLU G 197 -20.89 31.79 -2.56
N MET G 198 -19.72 31.92 -3.17
CA MET G 198 -18.71 30.88 -3.11
C MET G 198 -17.73 31.20 -1.98
N PRO G 199 -17.55 30.31 -1.01
CA PRO G 199 -16.60 30.60 0.08
C PRO G 199 -15.18 30.74 -0.45
N VAL G 200 -14.50 31.81 -0.01
CA VAL G 200 -13.19 32.13 -0.56
C VAL G 200 -12.19 31.00 -0.32
N ASP G 201 -12.32 30.29 0.79
CA ASP G 201 -11.44 29.14 1.01
C ASP G 201 -11.62 28.08 -0.08
N GLU G 202 -12.80 28.02 -0.70
CA GLU G 202 -12.98 27.06 -1.78
C GLU G 202 -12.35 27.57 -3.08
N LEU G 203 -12.39 28.88 -3.33
CA LEU G 203 -11.66 29.44 -4.46
C LEU G 203 -10.19 29.09 -4.37
N TYR G 204 -9.58 29.26 -3.18
CA TYR G 204 -8.20 28.83 -3.00
C TYR G 204 -8.03 27.37 -3.34
N ALA G 205 -8.95 26.52 -2.85
CA ALA G 205 -8.88 25.09 -3.14
C ALA G 205 -8.98 24.83 -4.63
N ALA G 206 -9.80 25.62 -5.33
CA ALA G 206 -9.95 25.43 -6.76
C ALA G 206 -8.64 25.76 -7.49
N GLY G 207 -8.02 26.87 -7.13
CA GLY G 207 -6.72 27.19 -7.72
C GLY G 207 -5.69 26.10 -7.47
N ASN G 208 -5.71 25.52 -6.26
CA ASN G 208 -4.76 24.47 -5.90
C ASN G 208 -5.00 23.20 -6.71
N MET G 209 -6.25 22.88 -7.01
CA MET G 209 -6.50 21.75 -7.90
C MET G 209 -5.94 22.01 -9.29
N LEU G 210 -6.07 23.24 -9.78
CA LEU G 210 -5.57 23.56 -11.11
C LEU G 210 -4.05 23.49 -11.17
N THR G 211 -3.36 24.14 -10.22
CA THR G 211 -1.91 24.15 -10.30
C THR G 211 -1.31 22.78 -10.00
N ASP G 212 -1.97 21.98 -9.16
CA ASP G 212 -1.48 20.62 -8.93
C ASP G 212 -1.57 19.80 -10.20
N GLY G 213 -2.70 19.90 -10.91
CA GLY G 213 -2.87 19.11 -12.13
C GLY G 213 -1.94 19.56 -13.24
N LEU G 214 -1.79 20.88 -13.41
CA LEU G 214 -0.85 21.42 -14.40
C LEU G 214 0.57 20.95 -14.12
N GLU G 215 0.96 20.94 -12.85
CA GLU G 215 2.30 20.49 -12.49
C GLU G 215 2.49 18.99 -12.75
N LYS G 216 1.49 18.20 -12.40
CA LYS G 216 1.57 16.76 -12.67
C LYS G 216 1.62 16.49 -14.17
N MET G 217 0.86 17.27 -14.95
CA MET G 217 0.86 17.13 -16.39
C MET G 217 2.18 17.57 -17.02
N MET G 218 2.84 18.58 -16.44
CA MET G 218 3.98 19.24 -17.07
C MET G 218 5.06 19.53 -16.03
N PRO G 219 5.84 18.51 -15.65
CA PRO G 219 6.86 18.71 -14.60
C PRO G 219 7.84 19.82 -14.96
N GLY G 220 8.03 20.74 -14.01
CA GLY G 220 8.83 21.93 -14.23
C GLY G 220 8.02 23.19 -14.47
N LEU G 221 6.73 23.05 -14.72
CA LEU G 221 5.84 24.21 -14.90
C LEU G 221 5.87 25.10 -13.66
N ARG G 222 5.79 26.42 -13.88
CA ARG G 222 5.78 27.39 -12.80
C ARG G 222 4.54 28.26 -12.90
N PHE G 223 4.06 28.74 -11.75
CA PHE G 223 2.91 29.63 -11.72
C PHE G 223 3.14 30.80 -10.75
N GLU G 224 2.40 31.88 -11.00
CA GLU G 224 2.25 33.01 -10.09
C GLU G 224 0.77 33.32 -10.02
N SER G 225 0.19 33.30 -8.84
CA SER G 225 -1.25 33.47 -8.66
C SER G 225 -1.52 34.65 -7.74
N THR G 226 -2.39 35.56 -8.19
CA THR G 226 -2.71 36.78 -7.46
C THR G 226 -4.22 36.88 -7.27
N LEU G 227 -4.63 37.28 -6.07
CA LEU G 227 -6.05 37.49 -5.76
C LEU G 227 -6.42 38.93 -6.10
N ILE G 228 -7.40 39.09 -7.01
CA ILE G 228 -7.89 40.40 -7.42
C ILE G 228 -9.39 40.47 -7.20
N GLY G 229 -9.93 41.70 -7.21
CA GLY G 229 -11.34 41.86 -6.92
C GLY G 229 -11.81 43.31 -7.01
N VAL G 230 -13.11 43.47 -6.79
CA VAL G 230 -13.74 44.79 -6.86
C VAL G 230 -14.92 44.85 -5.88
N SER H 4 32.62 11.28 -29.63
CA SER H 4 33.29 11.77 -28.42
C SER H 4 33.68 10.61 -27.50
N SER H 5 33.37 9.39 -27.95
CA SER H 5 33.63 8.19 -27.15
C SER H 5 35.09 7.76 -27.27
N MET H 6 35.60 7.16 -26.20
CA MET H 6 36.97 6.69 -26.13
C MET H 6 37.01 5.17 -26.27
N LEU H 7 37.79 4.68 -27.24
CA LEU H 7 37.81 3.26 -27.61
C LEU H 7 39.19 2.68 -27.31
N PRO H 8 39.41 2.18 -26.10
CA PRO H 8 40.76 1.71 -25.73
C PRO H 8 41.15 0.49 -26.55
N SER H 9 42.45 0.36 -26.77
CA SER H 9 43.02 -0.86 -27.35
C SER H 9 44.17 -1.36 -26.48
N ILE H 10 44.39 -2.67 -26.52
CA ILE H 10 45.45 -3.31 -25.77
C ILE H 10 46.37 -4.04 -26.74
N SER H 11 47.68 -3.91 -26.54
CA SER H 11 48.63 -4.59 -27.39
C SER H 11 48.54 -6.10 -27.19
N PRO H 12 48.51 -6.90 -28.26
CA PRO H 12 48.39 -8.36 -28.09
C PRO H 12 49.51 -8.96 -27.28
N GLU H 13 50.69 -8.33 -27.24
CA GLU H 13 51.80 -8.98 -26.55
C GLU H 13 51.66 -8.95 -25.04
N LEU H 14 50.66 -8.24 -24.51
CA LEU H 14 50.39 -8.29 -23.07
C LEU H 14 49.90 -9.65 -22.62
N ALA H 15 49.32 -10.45 -23.54
CA ALA H 15 48.92 -11.82 -23.19
C ALA H 15 50.11 -12.66 -22.73
N ARG H 16 51.33 -12.27 -23.09
CA ARG H 16 52.52 -12.98 -22.62
C ARG H 16 52.61 -12.96 -21.10
N ILE H 17 52.25 -11.83 -20.47
CA ILE H 17 52.42 -11.69 -19.03
C ILE H 17 51.10 -11.64 -18.27
N ALA H 18 49.99 -11.28 -18.91
CA ALA H 18 48.71 -11.15 -18.21
C ALA H 18 47.61 -11.82 -19.01
N PRO H 19 47.72 -13.13 -19.26
CA PRO H 19 46.65 -13.82 -20.01
C PRO H 19 45.38 -13.87 -19.19
N GLY H 20 44.26 -13.56 -19.83
CA GLY H 20 42.99 -13.51 -19.15
C GLY H 20 42.67 -12.19 -18.49
N PHE H 21 43.52 -11.17 -18.68
CA PHE H 21 43.18 -9.84 -18.20
C PHE H 21 41.87 -9.37 -18.85
N ARG H 22 41.03 -8.73 -18.04
CA ARG H 22 39.76 -8.20 -18.51
C ARG H 22 39.44 -6.94 -17.73
N ALA H 23 38.87 -5.95 -18.41
CA ALA H 23 38.59 -4.67 -17.79
C ALA H 23 37.24 -4.14 -18.28
N LEU H 24 36.58 -3.35 -17.45
CA LEU H 24 35.41 -2.59 -17.86
C LEU H 24 35.87 -1.18 -18.21
N SER H 25 35.60 -0.75 -19.43
CA SER H 25 35.95 0.59 -19.89
C SER H 25 34.68 1.42 -20.00
N ILE H 26 34.55 2.47 -19.18
CA ILE H 26 33.27 3.15 -18.98
C ILE H 26 33.42 4.63 -19.34
N ASN H 27 32.76 5.05 -20.41
CA ASN H 27 32.69 6.43 -20.83
C ASN H 27 31.46 7.09 -20.21
N VAL H 28 31.66 8.27 -19.65
CA VAL H 28 30.62 8.94 -18.87
C VAL H 28 30.44 10.37 -19.35
N ILE H 29 29.20 10.80 -19.46
CA ILE H 29 28.82 12.20 -19.62
C ILE H 29 28.16 12.62 -18.32
N ALA H 30 28.84 13.49 -17.57
CA ALA H 30 28.38 13.85 -16.24
C ALA H 30 27.22 14.85 -16.32
N ALA H 31 26.76 15.26 -15.16
CA ALA H 31 25.61 16.15 -15.00
C ALA H 31 25.81 16.92 -13.70
N PRO H 32 25.03 17.97 -13.46
CA PRO H 32 25.18 18.74 -12.21
C PRO H 32 25.09 17.84 -10.98
N ILE H 33 25.91 18.16 -9.98
CA ILE H 33 25.92 17.40 -8.73
C ILE H 33 24.70 17.76 -7.89
N ARG H 34 23.99 16.74 -7.40
CA ARG H 34 22.79 16.94 -6.60
C ARG H 34 22.80 16.16 -5.29
N ASP H 35 23.71 15.19 -5.14
CA ASP H 35 23.92 14.49 -3.86
C ASP H 35 25.43 14.32 -3.70
N ALA H 36 26.08 15.36 -3.17
CA ALA H 36 27.53 15.38 -3.04
C ALA H 36 28.05 14.41 -1.99
N GLN H 37 27.18 13.83 -1.17
CA GLN H 37 27.60 12.94 -0.10
C GLN H 37 27.79 11.49 -0.55
N VAL H 38 27.39 11.15 -1.77
CA VAL H 38 27.43 9.76 -2.23
C VAL H 38 28.84 9.20 -2.07
N GLY H 39 29.85 9.93 -2.57
CA GLY H 39 31.20 9.42 -2.52
C GLY H 39 31.69 9.18 -1.10
N GLU H 40 31.47 10.15 -0.21
CA GLU H 40 32.01 10.06 1.14
C GLU H 40 31.38 8.90 1.90
N ILE H 41 30.07 8.73 1.77
CA ILE H 41 29.39 7.62 2.45
C ILE H 41 29.89 6.29 1.92
N ALA H 42 29.94 6.15 0.58
CA ALA H 42 30.42 4.91 0.00
C ALA H 42 31.84 4.60 0.45
N LEU H 43 32.69 5.63 0.56
CA LEU H 43 34.05 5.41 1.03
C LEU H 43 34.07 4.91 2.47
N LYS H 44 33.23 5.51 3.33
CA LYS H 44 33.13 5.10 4.73
C LYS H 44 32.74 3.63 4.83
N GLU H 45 31.67 3.23 4.14
CA GLU H 45 31.19 1.85 4.20
C GLU H 45 32.19 0.86 3.60
N ALA H 46 32.91 1.27 2.55
CA ALA H 46 33.89 0.38 1.96
C ALA H 46 35.07 0.13 2.90
N CYS H 47 35.45 1.13 3.68
CA CYS H 47 36.52 0.94 4.65
C CYS H 47 36.09 -0.05 5.74
N GLN H 48 34.84 0.06 6.20
CA GLN H 48 34.33 -0.91 7.16
C GLN H 48 34.30 -2.31 6.56
N ALA H 49 33.99 -2.42 5.28
CA ALA H 49 34.03 -3.71 4.60
C ALA H 49 35.43 -4.30 4.63
N VAL H 50 36.44 -3.48 4.36
CA VAL H 50 37.82 -3.98 4.30
C VAL H 50 38.30 -4.39 5.68
N ILE H 51 37.98 -3.60 6.71
CA ILE H 51 38.39 -3.94 8.06
C ILE H 51 37.80 -5.28 8.49
N ASN H 52 36.59 -5.59 8.05
CA ASN H 52 35.97 -6.88 8.29
C ASN H 52 36.48 -7.98 7.38
N GLY H 53 37.58 -7.75 6.64
CA GLY H 53 38.22 -8.78 5.84
C GLY H 53 37.66 -8.99 4.45
N GLN H 54 36.69 -8.19 4.01
CA GLN H 54 36.13 -8.37 2.69
C GLN H 54 36.94 -7.63 1.65
N PRO H 55 36.88 -8.05 0.37
CA PRO H 55 36.20 -9.24 -0.12
C PRO H 55 37.10 -10.50 -0.15
N ALA H 56 36.50 -11.65 -0.48
CA ALA H 56 37.21 -12.92 -0.32
C ALA H 56 38.37 -13.08 -1.30
N TRP H 57 38.26 -12.52 -2.50
CA TRP H 57 39.30 -12.69 -3.50
C TRP H 57 40.45 -11.71 -3.34
N ALA H 58 40.45 -10.90 -2.28
CA ALA H 58 41.36 -9.76 -2.20
C ALA H 58 42.82 -10.18 -2.28
N GLN H 59 43.24 -11.12 -1.42
CA GLN H 59 44.65 -11.50 -1.40
C GLN H 59 45.05 -12.21 -2.69
N ALA H 60 44.18 -13.08 -3.20
CA ALA H 60 44.47 -13.75 -4.46
C ALA H 60 44.59 -12.76 -5.60
N HIS H 61 43.70 -11.77 -5.64
CA HIS H 61 43.73 -10.81 -6.74
C HIS H 61 44.96 -9.92 -6.66
N ILE H 62 45.31 -9.43 -5.46
CA ILE H 62 46.46 -8.54 -5.34
C ILE H 62 47.76 -9.29 -5.63
N ASP H 63 47.88 -10.53 -5.13
CA ASP H 63 49.03 -11.35 -5.46
C ASP H 63 49.14 -11.55 -6.97
N ALA H 64 48.00 -11.77 -7.64
CA ALA H 64 48.01 -11.89 -9.09
C ALA H 64 48.60 -10.65 -9.74
N TRP H 65 48.16 -9.47 -9.29
CA TRP H 65 48.67 -8.22 -9.87
C TRP H 65 50.15 -8.03 -9.58
N ASN H 66 50.60 -8.32 -8.36
CA ASN H 66 52.02 -8.26 -8.04
C ASN H 66 52.84 -9.18 -8.94
N THR H 67 52.33 -10.39 -9.18
CA THR H 67 52.99 -11.28 -10.12
C THR H 67 53.14 -10.61 -11.48
N VAL H 68 52.10 -9.94 -11.97
CA VAL H 68 52.18 -9.28 -13.27
C VAL H 68 53.14 -8.10 -13.23
N LEU H 69 53.10 -7.33 -12.14
CA LEU H 69 54.02 -6.19 -11.99
C LEU H 69 55.48 -6.65 -12.08
N LYS H 70 55.82 -7.72 -11.35
CA LYS H 70 57.18 -8.24 -11.43
C LYS H 70 57.55 -8.63 -12.85
N ALA H 71 56.57 -9.13 -13.62
CA ALA H 71 56.85 -9.68 -14.93
C ALA H 71 57.22 -8.62 -15.97
N PHE H 72 57.00 -7.33 -15.70
CA PHE H 72 57.57 -6.30 -16.56
C PHE H 72 58.63 -5.48 -15.83
N GLY H 73 59.19 -6.01 -14.77
CA GLY H 73 60.36 -5.41 -14.14
C GLY H 73 60.07 -4.52 -12.96
N ALA H 74 58.81 -4.44 -12.51
CA ALA H 74 58.45 -3.54 -11.42
C ALA H 74 58.68 -4.22 -10.08
N LYS H 75 58.79 -3.39 -9.04
CA LYS H 75 58.97 -3.86 -7.66
C LYS H 75 57.75 -3.43 -6.86
N PRO H 76 56.71 -4.26 -6.78
CA PRO H 76 55.41 -3.80 -6.24
C PRO H 76 55.43 -3.45 -4.76
N LYS H 77 56.46 -3.85 -4.01
CA LYS H 77 56.53 -3.36 -2.65
C LYS H 77 56.90 -1.88 -2.61
N ARG H 78 57.59 -1.40 -3.63
CA ARG H 78 57.88 0.03 -3.76
C ARG H 78 56.80 0.77 -4.54
N THR H 79 56.27 0.17 -5.59
CA THR H 79 55.26 0.81 -6.44
C THR H 79 54.07 -0.14 -6.57
N PRO H 80 53.18 -0.17 -5.59
CA PRO H 80 52.05 -1.10 -5.64
C PRO H 80 51.02 -0.72 -6.69
N CYS H 81 50.19 -1.69 -7.04
CA CYS H 81 49.01 -1.37 -7.82
C CYS H 81 48.06 -0.54 -6.96
N SER H 82 47.27 0.32 -7.61
CA SER H 82 46.43 1.27 -6.89
C SER H 82 45.51 0.57 -5.89
N ALA H 83 45.06 -0.64 -6.21
CA ALA H 83 44.14 -1.33 -5.32
C ALA H 83 44.82 -1.72 -4.02
N GLU H 84 46.06 -2.24 -4.10
CA GLU H 84 46.77 -2.58 -2.87
C GLU H 84 47.15 -1.34 -2.09
N ALA H 85 47.54 -0.26 -2.79
CA ALA H 85 47.90 0.97 -2.10
C ALA H 85 46.76 1.46 -1.22
N LEU H 86 45.54 1.49 -1.77
CA LEU H 86 44.40 1.93 -0.98
C LEU H 86 44.13 1.00 0.18
N ARG H 87 44.19 -0.32 -0.07
CA ARG H 87 43.85 -1.28 0.97
C ARG H 87 44.81 -1.20 2.14
N LYS H 88 46.07 -0.88 1.88
CA LYS H 88 47.07 -0.86 2.95
C LYS H 88 46.82 0.31 3.91
N ARG H 89 46.58 1.52 3.38
CA ARG H 89 46.35 2.65 4.29
C ARG H 89 45.03 2.51 5.04
N VAL H 90 44.06 1.80 4.47
CA VAL H 90 42.82 1.54 5.21
C VAL H 90 43.10 0.64 6.41
N LEU H 91 43.91 -0.40 6.21
CA LEU H 91 44.24 -1.31 7.31
C LEU H 91 45.18 -0.69 8.32
N LYS H 92 45.97 0.32 7.91
CA LYS H 92 46.89 0.98 8.82
C LYS H 92 46.24 2.14 9.58
N ASP H 93 45.08 2.63 9.13
CA ASP H 93 44.45 3.79 9.73
C ASP H 93 43.01 3.57 10.16
N GLY H 94 42.31 2.58 9.61
CA GLY H 94 40.90 2.42 9.83
C GLY H 94 40.01 3.29 8.95
N THR H 95 40.59 4.23 8.20
CA THR H 95 39.81 5.12 7.35
C THR H 95 40.72 5.76 6.31
N MET H 96 40.09 6.35 5.30
CA MET H 96 40.74 7.19 4.31
C MET H 96 40.16 8.59 4.38
N ALA H 97 40.91 9.54 3.84
CA ALA H 97 40.48 10.93 3.80
C ALA H 97 39.68 11.18 2.52
N ALA H 98 38.66 12.02 2.63
CA ALA H 98 37.95 12.51 1.46
C ALA H 98 38.83 13.49 0.67
N LEU H 99 38.42 13.79 -0.55
CA LEU H 99 39.17 14.67 -1.43
C LEU H 99 38.23 15.40 -2.38
N ASP H 100 37.47 14.61 -3.12
CA ASP H 100 36.61 14.97 -4.24
C ASP H 100 35.56 13.88 -4.28
N PRO H 101 34.27 14.21 -4.41
CA PRO H 101 33.22 13.18 -4.26
C PRO H 101 33.29 12.07 -5.30
N VAL H 102 33.75 12.35 -6.51
CA VAL H 102 33.82 11.27 -7.50
C VAL H 102 35.03 10.39 -7.25
N VAL H 103 36.15 11.01 -6.83
CA VAL H 103 37.34 10.21 -6.50
C VAL H 103 37.07 9.32 -5.28
N ASP H 104 36.39 9.86 -4.27
CA ASP H 104 36.01 9.05 -3.11
C ASP H 104 35.12 7.87 -3.53
N LEU H 105 34.17 8.11 -4.43
CA LEU H 105 33.30 7.03 -4.90
C LEU H 105 34.09 5.92 -5.60
N TYR H 106 35.01 6.27 -6.51
CA TYR H 106 35.65 5.18 -7.24
C TYR H 106 36.78 4.55 -6.44
N ASN H 107 37.37 5.27 -5.49
CA ASN H 107 38.22 4.62 -4.50
C ASN H 107 37.41 3.66 -3.64
N ALA H 108 36.16 4.03 -3.31
CA ALA H 108 35.30 3.13 -2.54
C ALA H 108 34.99 1.85 -3.32
N VAL H 109 34.72 1.97 -4.62
CA VAL H 109 34.55 0.79 -5.46
C VAL H 109 35.81 -0.05 -5.45
N SER H 110 36.97 0.58 -5.60
CA SER H 110 38.21 -0.18 -5.62
C SER H 110 38.39 -0.96 -4.33
N LEU H 111 37.96 -0.37 -3.20
CA LEU H 111 38.15 -0.99 -1.90
C LEU H 111 37.17 -2.11 -1.66
N ARG H 112 35.87 -1.86 -1.93
CA ARG H 112 34.84 -2.87 -1.69
C ARG H 112 35.10 -4.14 -2.49
N TYR H 113 35.55 -4.00 -3.74
CA TYR H 113 35.71 -5.13 -4.63
C TYR H 113 37.17 -5.49 -4.88
N ALA H 114 38.10 -4.89 -4.13
CA ALA H 114 39.53 -5.20 -4.21
C ALA H 114 40.01 -5.24 -5.66
N VAL H 115 39.68 -4.20 -6.40
CA VAL H 115 39.98 -4.13 -7.83
C VAL H 115 40.58 -2.76 -8.15
N PRO H 116 41.64 -2.69 -8.95
CA PRO H 116 42.16 -1.38 -9.34
C PRO H 116 41.15 -0.65 -10.21
N VAL H 117 40.89 0.62 -9.89
CA VAL H 117 39.92 1.45 -10.62
C VAL H 117 40.56 2.80 -10.91
N GLY H 118 40.68 3.13 -12.20
CA GLY H 118 41.20 4.41 -12.62
C GLY H 118 40.08 5.34 -13.06
N GLY H 119 40.27 6.64 -12.83
CA GLY H 119 39.31 7.63 -13.30
C GLY H 119 40.00 8.84 -13.89
N GLU H 120 39.54 9.34 -15.04
CA GLU H 120 40.26 10.38 -15.75
C GLU H 120 39.30 11.34 -16.46
N ASN H 121 39.81 12.54 -16.71
CA ASN H 121 39.13 13.51 -17.56
C ASN H 121 39.36 13.14 -19.02
N SER H 122 38.31 12.64 -19.69
CA SER H 122 38.53 12.21 -21.07
C SER H 122 38.68 13.38 -22.03
N ALA H 123 38.20 14.58 -21.67
CA ALA H 123 38.46 15.76 -22.50
C ALA H 123 39.95 16.07 -22.66
N ALA H 124 40.81 15.62 -21.74
CA ALA H 124 42.25 15.85 -21.86
C ALA H 124 42.96 14.83 -22.74
N TYR H 125 42.28 13.81 -23.24
CA TYR H 125 42.90 12.79 -24.08
C TYR H 125 43.10 13.31 -25.51
N CYS H 126 44.25 12.99 -26.08
CA CYS H 126 44.56 13.24 -27.50
CA CYS H 126 44.54 13.24 -27.49
C CYS H 126 44.63 11.87 -28.18
N GLY H 127 43.57 11.49 -28.88
CA GLY H 127 43.46 10.12 -29.36
C GLY H 127 42.87 9.22 -28.28
N SER H 128 42.87 7.90 -28.57
CA SER H 128 42.24 6.96 -27.64
C SER H 128 43.29 6.31 -26.72
N PRO H 129 42.89 5.84 -25.53
CA PRO H 129 43.84 5.19 -24.64
C PRO H 129 44.36 3.90 -25.24
N ARG H 130 45.63 3.61 -24.99
CA ARG H 130 46.27 2.37 -25.43
C ARG H 130 47.09 1.80 -24.30
N LEU H 131 46.98 0.50 -24.09
CA LEU H 131 47.76 -0.23 -23.11
C LEU H 131 48.84 -1.04 -23.84
N VAL H 132 50.10 -0.69 -23.60
CA VAL H 132 51.24 -1.16 -24.41
C VAL H 132 52.47 -1.36 -23.52
N PHE H 133 53.52 -1.96 -24.10
CA PHE H 133 54.86 -1.96 -23.54
C PHE H 133 55.60 -0.70 -23.97
N ALA H 134 56.16 0.04 -23.01
CA ALA H 134 56.90 1.24 -23.34
C ALA H 134 58.30 0.92 -23.85
N ASP H 135 58.83 1.78 -24.71
CA ASP H 135 60.22 1.66 -25.15
C ASP H 135 61.17 2.57 -24.39
N GLY H 136 60.66 3.44 -23.52
CA GLY H 136 61.50 4.27 -22.67
C GLY H 136 61.71 5.68 -23.16
N SER H 137 61.23 6.02 -24.35
CA SER H 137 61.35 7.36 -24.88
C SER H 137 60.12 8.23 -24.59
N GLU H 138 59.05 7.63 -24.06
CA GLU H 138 57.80 8.33 -23.86
C GLU H 138 57.93 9.35 -22.73
N THR H 139 56.98 10.29 -22.69
CA THR H 139 56.93 11.34 -21.69
C THR H 139 55.73 11.13 -20.76
N PHE H 140 55.95 11.36 -19.46
CA PHE H 140 54.94 11.23 -18.42
C PHE H 140 54.98 12.47 -17.54
N ASP H 141 53.89 13.22 -17.52
CA ASP H 141 53.83 14.43 -16.69
C ASP H 141 53.22 14.07 -15.33
N THR H 142 54.01 14.24 -14.27
CA THR H 142 53.63 13.82 -12.92
C THR H 142 53.99 14.96 -11.98
N LEU H 143 54.17 14.64 -10.69
CA LEU H 143 54.46 15.65 -9.68
C LEU H 143 55.68 15.24 -8.87
N LYS H 144 56.51 16.24 -8.55
CA LYS H 144 57.70 16.04 -7.72
C LYS H 144 58.25 17.40 -7.28
N GLU H 145 58.01 17.79 -6.03
CA GLU H 145 57.17 17.03 -5.11
C GLU H 145 55.72 17.44 -5.24
N GLY H 146 55.46 18.75 -5.12
CA GLY H 146 54.13 19.27 -5.35
C GLY H 146 54.08 20.02 -6.66
N GLN H 147 55.28 20.17 -7.33
CA GLN H 147 55.49 20.89 -8.56
C GLN H 147 55.45 19.95 -9.76
N PRO H 148 55.01 20.48 -10.91
CA PRO H 148 55.03 19.68 -12.14
C PRO H 148 56.38 19.03 -12.40
N ALA H 149 56.34 17.82 -12.93
CA ALA H 149 57.55 17.07 -13.23
C ALA H 149 57.31 16.24 -14.48
N THR H 150 58.36 16.06 -15.25
CA THR H 150 58.35 15.24 -16.46
C THR H 150 59.29 14.07 -16.27
N GLU H 151 58.79 12.85 -16.49
CA GLU H 151 59.53 11.60 -16.35
C GLU H 151 59.36 10.76 -17.61
N SER H 152 60.00 9.59 -17.61
CA SER H 152 59.90 8.60 -18.66
C SER H 152 59.70 7.22 -18.04
N PRO H 153 58.92 6.35 -18.67
CA PRO H 153 58.81 4.98 -18.15
C PRO H 153 60.06 4.17 -18.48
N GLU H 154 60.26 3.10 -17.72
CA GLU H 154 61.31 2.15 -18.02
C GLU H 154 61.02 1.46 -19.35
N PRO H 155 62.04 1.14 -20.15
CA PRO H 155 61.83 0.25 -21.29
C PRO H 155 61.22 -1.07 -20.83
N GLY H 156 60.19 -1.52 -21.56
CA GLY H 156 59.46 -2.71 -21.19
C GLY H 156 58.36 -2.51 -20.18
N GLU H 157 58.25 -1.33 -19.59
CA GLU H 157 57.19 -1.05 -18.62
C GLU H 157 55.84 -0.96 -19.32
N VAL H 158 54.82 -1.55 -18.70
CA VAL H 158 53.47 -1.46 -19.22
C VAL H 158 52.89 -0.10 -18.86
N ILE H 159 52.38 0.61 -19.87
CA ILE H 159 51.83 1.95 -19.70
C ILE H 159 50.49 2.07 -20.41
N TRP H 160 49.59 2.87 -19.84
CA TRP H 160 48.51 3.45 -20.60
C TRP H 160 49.01 4.76 -21.20
N ARG H 161 48.59 5.03 -22.44
CA ARG H 161 49.07 6.23 -23.11
C ARG H 161 48.03 6.67 -24.14
N ASP H 162 48.16 7.92 -24.57
CA ASP H 162 47.40 8.44 -25.70
C ASP H 162 48.42 8.90 -26.75
N ASP H 163 48.00 9.76 -27.68
CA ASP H 163 48.92 10.14 -28.74
C ASP H 163 50.06 11.02 -28.24
N ARG H 164 49.86 11.70 -27.11
CA ARG H 164 50.88 12.59 -26.56
C ARG H 164 51.89 11.87 -25.68
N GLY H 165 51.45 10.95 -24.83
CA GLY H 165 52.40 10.21 -24.02
C GLY H 165 51.71 9.40 -22.94
N VAL H 166 52.50 9.00 -21.93
CA VAL H 166 52.03 8.12 -20.87
C VAL H 166 50.94 8.81 -20.06
N THR H 167 49.85 8.08 -19.78
CA THR H 167 48.84 8.60 -18.87
C THR H 167 48.73 7.82 -17.57
N CYS H 168 49.25 6.59 -17.51
CA CYS H 168 49.40 5.89 -16.24
C CYS H 168 50.63 4.99 -16.30
N ARG H 169 51.51 5.12 -15.31
CA ARG H 169 52.73 4.35 -15.29
C ARG H 169 52.53 3.03 -14.55
N ARG H 170 53.35 2.04 -14.94
CA ARG H 170 53.36 0.70 -14.34
C ARG H 170 51.94 0.16 -14.22
N TRP H 171 51.26 0.14 -15.37
CA TRP H 171 49.92 -0.40 -15.60
C TRP H 171 48.86 0.39 -14.84
N ASN H 172 48.86 0.27 -13.52
CA ASN H 172 47.88 0.98 -12.71
C ASN H 172 48.52 1.52 -11.43
N TRP H 173 49.81 1.84 -11.49
CA TRP H 173 50.52 2.30 -10.30
C TRP H 173 50.22 3.78 -10.02
N ARG H 174 50.37 4.64 -11.02
CA ARG H 174 50.26 6.07 -10.78
C ARG H 174 49.76 6.78 -12.02
N GLN H 175 48.67 7.52 -11.85
CA GLN H 175 48.08 8.32 -12.92
C GLN H 175 48.88 9.59 -13.18
N GLY H 176 48.87 10.04 -14.43
CA GLY H 176 49.48 11.31 -14.76
C GLY H 176 48.64 12.49 -14.30
N VAL H 177 49.26 13.66 -14.34
CA VAL H 177 48.57 14.89 -13.95
C VAL H 177 47.64 15.39 -15.06
N ARG H 178 48.03 15.19 -16.32
CA ARG H 178 47.32 15.79 -17.44
C ARG H 178 45.85 15.37 -17.47
N THR H 179 45.58 14.08 -17.24
CA THR H 179 44.25 13.52 -17.36
C THR H 179 43.54 13.39 -16.02
N ARG H 180 44.07 14.03 -14.98
CA ARG H 180 43.47 13.99 -13.64
C ARG H 180 41.97 14.30 -13.69
N LEU H 181 41.17 13.46 -13.02
CA LEU H 181 39.73 13.63 -12.99
C LEU H 181 39.33 14.60 -11.88
N SER H 182 38.31 15.42 -12.17
CA SER H 182 37.64 16.24 -11.18
C SER H 182 36.14 16.04 -11.32
N ALA H 183 35.42 16.19 -10.20
CA ALA H 183 33.98 15.99 -10.19
C ALA H 183 33.24 16.93 -11.14
N SER H 184 33.85 18.06 -11.50
CA SER H 184 33.23 19.01 -12.42
C SER H 184 33.50 18.71 -13.90
N ASP H 185 34.30 17.70 -14.22
CA ASP H 185 34.51 17.33 -15.61
C ASP H 185 33.18 16.97 -16.28
N LYS H 186 33.03 17.39 -17.53
CA LYS H 186 31.82 17.03 -18.28
C LYS H 186 31.94 15.65 -18.94
N ALA H 187 33.17 15.16 -19.17
CA ALA H 187 33.40 13.87 -19.81
C ALA H 187 34.42 13.09 -18.99
N MET H 188 34.06 11.89 -18.55
CA MET H 188 34.89 11.08 -17.66
C MET H 188 35.10 9.69 -18.24
N TRP H 189 36.24 9.08 -17.92
CA TRP H 189 36.57 7.74 -18.37
C TRP H 189 37.07 6.94 -17.18
N PHE H 190 36.43 5.79 -16.89
CA PHE H 190 36.87 4.90 -15.82
C PHE H 190 37.34 3.55 -16.39
N ILE H 191 38.35 2.95 -15.75
CA ILE H 191 38.84 1.64 -16.17
C ILE H 191 38.99 0.77 -14.94
N LEU H 192 38.19 -0.31 -14.88
CA LEU H 192 38.20 -1.26 -13.77
C LEU H 192 38.92 -2.52 -14.26
N GLU H 193 40.13 -2.74 -13.76
CA GLU H 193 41.05 -3.71 -14.34
C GLU H 193 41.17 -4.94 -13.45
N SER H 194 41.06 -6.13 -14.04
CA SER H 194 40.99 -7.36 -13.27
C SER H 194 41.77 -8.49 -13.92
N LEU H 195 42.08 -9.49 -13.11
CA LEU H 195 42.78 -10.70 -13.52
C LEU H 195 41.90 -11.91 -13.17
N PRO H 196 42.20 -13.11 -13.69
CA PRO H 196 41.28 -14.24 -13.46
C PRO H 196 41.02 -14.54 -12.00
N GLU H 197 41.90 -14.13 -11.08
CA GLU H 197 41.68 -14.37 -9.66
C GLU H 197 40.47 -13.62 -9.12
N MET H 198 39.96 -12.63 -9.85
CA MET H 198 38.74 -11.94 -9.46
C MET H 198 37.59 -12.45 -10.32
N PRO H 199 36.56 -13.07 -9.74
CA PRO H 199 35.43 -13.55 -10.54
C PRO H 199 34.83 -12.45 -11.40
N VAL H 200 34.56 -12.78 -12.66
CA VAL H 200 34.08 -11.78 -13.61
C VAL H 200 32.70 -11.26 -13.22
N ASP H 201 31.87 -12.09 -12.57
CA ASP H 201 30.59 -11.60 -12.07
C ASP H 201 30.78 -10.54 -11.00
N GLU H 202 31.90 -10.56 -10.29
CA GLU H 202 32.19 -9.52 -9.31
C GLU H 202 32.68 -8.24 -9.96
N LEU H 203 33.46 -8.35 -11.04
CA LEU H 203 33.83 -7.17 -11.82
C LEU H 203 32.58 -6.44 -12.32
N TYR H 204 31.62 -7.19 -12.87
CA TYR H 204 30.36 -6.59 -13.30
C TYR H 204 29.70 -5.83 -12.18
N ALA H 205 29.68 -6.42 -10.98
CA ALA H 205 29.00 -5.76 -9.87
C ALA H 205 29.78 -4.53 -9.39
N ALA H 206 31.10 -4.57 -9.50
CA ALA H 206 31.89 -3.39 -9.18
C ALA H 206 31.52 -2.23 -10.08
N GLY H 207 31.45 -2.46 -11.40
CA GLY H 207 30.99 -1.42 -12.31
C GLY H 207 29.60 -0.93 -11.97
N ASN H 208 28.72 -1.85 -11.57
CA ASN H 208 27.35 -1.48 -11.20
C ASN H 208 27.32 -0.63 -9.94
N MET H 209 28.22 -0.87 -9.00
CA MET H 209 28.30 0.05 -7.86
C MET H 209 28.77 1.43 -8.31
N LEU H 210 29.73 1.48 -9.25
CA LEU H 210 30.21 2.77 -9.74
C LEU H 210 29.11 3.56 -10.43
N THR H 211 28.45 2.95 -11.42
CA THR H 211 27.45 3.70 -12.17
C THR H 211 26.24 4.05 -11.30
N ASP H 212 25.90 3.19 -10.32
CA ASP H 212 24.80 3.52 -9.40
C ASP H 212 25.12 4.79 -8.62
N GLY H 213 26.32 4.87 -8.05
CA GLY H 213 26.69 6.04 -7.26
C GLY H 213 26.82 7.29 -8.11
N LEU H 214 27.45 7.17 -9.28
CA LEU H 214 27.56 8.30 -10.19
C LEU H 214 26.19 8.85 -10.54
N GLU H 215 25.23 7.95 -10.76
CA GLU H 215 23.89 8.36 -11.16
C GLU H 215 23.15 9.03 -10.02
N LYS H 216 23.27 8.49 -8.81
CA LYS H 216 22.66 9.11 -7.66
C LYS H 216 23.28 10.48 -7.38
N MET H 217 24.60 10.58 -7.54
CA MET H 217 25.30 11.85 -7.29
C MET H 217 24.91 12.91 -8.32
N MET H 218 24.60 12.50 -9.55
CA MET H 218 24.48 13.42 -10.69
C MET H 218 23.32 12.98 -11.57
N PRO H 219 22.07 13.21 -11.14
CA PRO H 219 20.91 12.71 -11.89
C PRO H 219 20.90 13.19 -13.34
N GLY H 220 20.70 12.25 -14.26
CA GLY H 220 20.78 12.53 -15.68
C GLY H 220 22.11 12.15 -16.31
N LEU H 221 23.11 11.81 -15.51
CA LEU H 221 24.38 11.28 -16.01
C LEU H 221 24.17 10.00 -16.84
N ARG H 222 25.01 9.82 -17.85
CA ARG H 222 24.90 8.69 -18.77
C ARG H 222 26.27 8.01 -18.89
N PHE H 223 26.24 6.71 -19.17
CA PHE H 223 27.48 5.96 -19.34
C PHE H 223 27.33 4.95 -20.48
N GLU H 224 28.48 4.53 -21.00
CA GLU H 224 28.62 3.40 -21.93
C GLU H 224 29.79 2.58 -21.45
N SER H 225 29.57 1.29 -21.21
CA SER H 225 30.55 0.41 -20.59
C SER H 225 30.85 -0.77 -21.50
N THR H 226 32.12 -1.00 -21.79
CA THR H 226 32.55 -2.07 -22.68
C THR H 226 33.52 -2.99 -21.97
N LEU H 227 33.38 -4.29 -22.19
CA LEU H 227 34.31 -5.27 -21.65
C LEU H 227 35.47 -5.46 -22.63
N ILE H 228 36.70 -5.22 -22.18
CA ILE H 228 37.89 -5.40 -22.98
C ILE H 228 38.83 -6.36 -22.27
N GLY H 229 39.78 -6.91 -23.03
CA GLY H 229 40.68 -7.91 -22.46
C GLY H 229 41.76 -8.37 -23.42
N VAL H 230 42.58 -9.30 -22.93
CA VAL H 230 43.71 -9.81 -23.68
C VAL H 230 44.12 -11.17 -23.15
#